data_2W3V
# 
_entry.id   2W3V 
# 
_audit_conform.dict_name       mmcif_pdbx.dic 
_audit_conform.dict_version    5.382 
_audit_conform.dict_location   http://mmcif.pdb.org/dictionaries/ascii/mmcif_pdbx.dic 
# 
loop_
_database_2.database_id 
_database_2.database_code 
_database_2.pdbx_database_accession 
_database_2.pdbx_DOI 
PDB   2W3V         pdb_00002w3v 10.2210/pdb2w3v/pdb 
PDBE  EBI-38127    ?            ?                   
WWPDB D_1290038127 ?            ?                   
# 
_pdbx_database_related.db_name        PDB 
_pdbx_database_related.db_id          2W3W 
_pdbx_database_related.content_type   unspecified 
_pdbx_database_related.details        
;MYCOBACTERIUM AVIUM DIHYDROFOLATE REDUCTASE COMPLEXED WITH NADPH AND A LIPOPHILIC ANTIFOLATE SELECTIVE FOR M. AVIUM DHFR, 6 -((2,5-DIETHOXYPHENYL)AMINOMETHYL)-2,4- DIAMINO-5-METHYLPYRIDO(2,3-D)PYRIMIDINE ( SRI-8686)
;
# 
_pdbx_database_status.status_code                     REL 
_pdbx_database_status.entry_id                        2W3V 
_pdbx_database_status.deposit_site                    PDBE 
_pdbx_database_status.process_site                    PDBE 
_pdbx_database_status.SG_entry                        . 
_pdbx_database_status.recvd_initial_deposition_date   2008-11-16 
_pdbx_database_status.pdb_format_compatible           Y 
_pdbx_database_status.status_code_sf                  REL 
_pdbx_database_status.status_code_mr                  ? 
_pdbx_database_status.status_code_cs                  ? 
_pdbx_database_status.methods_development_category    ? 
_pdbx_database_status.status_code_nmr_data            ? 
# 
loop_
_audit_author.name 
_audit_author.pdbx_ordinal 
'Leung, A.K.W.'  1 
'Reynolds, R.C.' 2 
'Borhani, D.W.'  3 
# 
_citation.id                        primary 
_citation.title                     
'Structural Basis for Selective Inhibition of Mycobacterium Avium Dihydrofolate Reductase by a Lipophilic Antifolate' 
_citation.journal_abbrev            'To be Published' 
_citation.journal_volume            ? 
_citation.page_first                ? 
_citation.page_last                 ? 
_citation.year                      ? 
_citation.journal_id_ASTM           ? 
_citation.country                   ? 
_citation.journal_id_ISSN           ? 
_citation.journal_id_CSD            0353 
_citation.book_publisher            ? 
_citation.pdbx_database_id_PubMed   ? 
_citation.pdbx_database_id_DOI      ? 
# 
loop_
_citation_author.citation_id 
_citation_author.name 
_citation_author.ordinal 
_citation_author.identifier_ORCID 
primary 'Leung, A.K.W.'        1  ? 
primary 'Ross, L.J.'           2  ? 
primary 'Zywno-Van Ginkel, S.' 3  ? 
primary 'Reynolds, R.C.'       4  ? 
primary 'Seitz, L.E.'          5  ? 
primary 'Pathak, V.'           6  ? 
primary 'Barrow, W.W.'         7  ? 
primary 'White, E.L.'          8  ? 
primary 'Suling, W.J.'         9  ? 
primary 'Piper, J.R.'          10 ? 
primary 'Borhani, D.W.'        11 ? 
# 
_cell.entry_id           2W3V 
_cell.length_a           70.816 
_cell.length_b           70.816 
_cell.length_c           73.613 
_cell.angle_alpha        90.00 
_cell.angle_beta         90.00 
_cell.angle_gamma        90.00 
_cell.Z_PDB              8 
_cell.pdbx_unique_axis   ? 
# 
_symmetry.entry_id                         2W3V 
_symmetry.space_group_name_H-M             'P 41 21 2' 
_symmetry.pdbx_full_space_group_name_H-M   ? 
_symmetry.cell_setting                     ? 
_symmetry.Int_Tables_number                92 
# 
loop_
_entity.id 
_entity.type 
_entity.src_method 
_entity.pdbx_description 
_entity.formula_weight 
_entity.pdbx_number_of_molecules 
_entity.pdbx_ec 
_entity.pdbx_mutation 
_entity.pdbx_fragment 
_entity.details 
1 polymer     man 'DIHYDROFOLATE REDUCTASE'                                   18451.822 1   1.5.1.3 ? 'RESIDUES 1-167' ? 
2 non-polymer syn 'NADPH DIHYDRO-NICOTINAMIDE-ADENINE-DINUCLEOTIDE PHOSPHATE' 745.421   1   ?       ? ?                ? 
3 non-polymer syn TRIMETHOPRIM                                                290.318   1   ?       ? ?                ? 
4 water       nat water                                                       18.015    160 ?       ? ?                ? 
# 
_entity_poly.entity_id                      1 
_entity_poly.type                           'polypeptide(L)' 
_entity_poly.nstd_linkage                   no 
_entity_poly.nstd_monomer                   no 
_entity_poly.pdbx_seq_one_letter_code       
;MTRAEVGLVWAQSTSGVIGRGGDIPWSVPEDLTRFKEVTMGHTVIMGRRTWESLPAKVRPLPGRRNVVVSRRPDFVAEGA
RVAGSLEAALAYAGSDPAPWVIGGAQIYLLALPHATRCEVTEIEIDLRRDDDDALAPALDDSWVGETGEWLASRSGLRYR
FHSYRRD
;
_entity_poly.pdbx_seq_one_letter_code_can   
;MTRAEVGLVWAQSTSGVIGRGGDIPWSVPEDLTRFKEVTMGHTVIMGRRTWESLPAKVRPLPGRRNVVVSRRPDFVAEGA
RVAGSLEAALAYAGSDPAPWVIGGAQIYLLALPHATRCEVTEIEIDLRRDDDDALAPALDDSWVGETGEWLASRSGLRYR
FHSYRRD
;
_entity_poly.pdbx_strand_id                 A 
_entity_poly.pdbx_target_identifier         ? 
# 
loop_
_entity_poly_seq.entity_id 
_entity_poly_seq.num 
_entity_poly_seq.mon_id 
_entity_poly_seq.hetero 
1 1   MET n 
1 2   THR n 
1 3   ARG n 
1 4   ALA n 
1 5   GLU n 
1 6   VAL n 
1 7   GLY n 
1 8   LEU n 
1 9   VAL n 
1 10  TRP n 
1 11  ALA n 
1 12  GLN n 
1 13  SER n 
1 14  THR n 
1 15  SER n 
1 16  GLY n 
1 17  VAL n 
1 18  ILE n 
1 19  GLY n 
1 20  ARG n 
1 21  GLY n 
1 22  GLY n 
1 23  ASP n 
1 24  ILE n 
1 25  PRO n 
1 26  TRP n 
1 27  SER n 
1 28  VAL n 
1 29  PRO n 
1 30  GLU n 
1 31  ASP n 
1 32  LEU n 
1 33  THR n 
1 34  ARG n 
1 35  PHE n 
1 36  LYS n 
1 37  GLU n 
1 38  VAL n 
1 39  THR n 
1 40  MET n 
1 41  GLY n 
1 42  HIS n 
1 43  THR n 
1 44  VAL n 
1 45  ILE n 
1 46  MET n 
1 47  GLY n 
1 48  ARG n 
1 49  ARG n 
1 50  THR n 
1 51  TRP n 
1 52  GLU n 
1 53  SER n 
1 54  LEU n 
1 55  PRO n 
1 56  ALA n 
1 57  LYS n 
1 58  VAL n 
1 59  ARG n 
1 60  PRO n 
1 61  LEU n 
1 62  PRO n 
1 63  GLY n 
1 64  ARG n 
1 65  ARG n 
1 66  ASN n 
1 67  VAL n 
1 68  VAL n 
1 69  VAL n 
1 70  SER n 
1 71  ARG n 
1 72  ARG n 
1 73  PRO n 
1 74  ASP n 
1 75  PHE n 
1 76  VAL n 
1 77  ALA n 
1 78  GLU n 
1 79  GLY n 
1 80  ALA n 
1 81  ARG n 
1 82  VAL n 
1 83  ALA n 
1 84  GLY n 
1 85  SER n 
1 86  LEU n 
1 87  GLU n 
1 88  ALA n 
1 89  ALA n 
1 90  LEU n 
1 91  ALA n 
1 92  TYR n 
1 93  ALA n 
1 94  GLY n 
1 95  SER n 
1 96  ASP n 
1 97  PRO n 
1 98  ALA n 
1 99  PRO n 
1 100 TRP n 
1 101 VAL n 
1 102 ILE n 
1 103 GLY n 
1 104 GLY n 
1 105 ALA n 
1 106 GLN n 
1 107 ILE n 
1 108 TYR n 
1 109 LEU n 
1 110 LEU n 
1 111 ALA n 
1 112 LEU n 
1 113 PRO n 
1 114 HIS n 
1 115 ALA n 
1 116 THR n 
1 117 ARG n 
1 118 CYS n 
1 119 GLU n 
1 120 VAL n 
1 121 THR n 
1 122 GLU n 
1 123 ILE n 
1 124 GLU n 
1 125 ILE n 
1 126 ASP n 
1 127 LEU n 
1 128 ARG n 
1 129 ARG n 
1 130 ASP n 
1 131 ASP n 
1 132 ASP n 
1 133 ASP n 
1 134 ALA n 
1 135 LEU n 
1 136 ALA n 
1 137 PRO n 
1 138 ALA n 
1 139 LEU n 
1 140 ASP n 
1 141 ASP n 
1 142 SER n 
1 143 TRP n 
1 144 VAL n 
1 145 GLY n 
1 146 GLU n 
1 147 THR n 
1 148 GLY n 
1 149 GLU n 
1 150 TRP n 
1 151 LEU n 
1 152 ALA n 
1 153 SER n 
1 154 ARG n 
1 155 SER n 
1 156 GLY n 
1 157 LEU n 
1 158 ARG n 
1 159 TYR n 
1 160 ARG n 
1 161 PHE n 
1 162 HIS n 
1 163 SER n 
1 164 TYR n 
1 165 ARG n 
1 166 ARG n 
1 167 ASP n 
# 
_entity_src_gen.entity_id                          1 
_entity_src_gen.pdbx_src_id                        1 
_entity_src_gen.pdbx_alt_source_flag               sample 
_entity_src_gen.pdbx_seq_type                      ? 
_entity_src_gen.pdbx_beg_seq_num                   ? 
_entity_src_gen.pdbx_end_seq_num                   ? 
_entity_src_gen.gene_src_common_name               ? 
_entity_src_gen.gene_src_genus                     ? 
_entity_src_gen.pdbx_gene_src_gene                 ? 
_entity_src_gen.gene_src_species                   ? 
_entity_src_gen.gene_src_strain                    ? 
_entity_src_gen.gene_src_tissue                    ? 
_entity_src_gen.gene_src_tissue_fraction           ? 
_entity_src_gen.gene_src_details                   ? 
_entity_src_gen.pdbx_gene_src_fragment             ? 
_entity_src_gen.pdbx_gene_src_scientific_name      'Mycobacterium avium' 
_entity_src_gen.pdbx_gene_src_ncbi_taxonomy_id     1764 
_entity_src_gen.pdbx_gene_src_variant              ? 
_entity_src_gen.pdbx_gene_src_cell_line            ? 
_entity_src_gen.pdbx_gene_src_atcc                 ? 
_entity_src_gen.pdbx_gene_src_organ                ? 
_entity_src_gen.pdbx_gene_src_organelle            ? 
_entity_src_gen.pdbx_gene_src_cell                 ? 
_entity_src_gen.pdbx_gene_src_cellular_location    ? 
_entity_src_gen.host_org_common_name               ? 
_entity_src_gen.pdbx_host_org_scientific_name      'Escherichia coli BL21(DE3)' 
_entity_src_gen.pdbx_host_org_ncbi_taxonomy_id     469008 
_entity_src_gen.host_org_genus                     ? 
_entity_src_gen.pdbx_host_org_gene                 ? 
_entity_src_gen.pdbx_host_org_organ                ? 
_entity_src_gen.host_org_species                   ? 
_entity_src_gen.pdbx_host_org_tissue               ? 
_entity_src_gen.pdbx_host_org_tissue_fraction      ? 
_entity_src_gen.pdbx_host_org_strain               ? 
_entity_src_gen.pdbx_host_org_variant              ? 
_entity_src_gen.pdbx_host_org_cell_line            ? 
_entity_src_gen.pdbx_host_org_atcc                 ? 
_entity_src_gen.pdbx_host_org_culture_collection   ? 
_entity_src_gen.pdbx_host_org_cell                 ? 
_entity_src_gen.pdbx_host_org_organelle            ? 
_entity_src_gen.pdbx_host_org_cellular_location    ? 
_entity_src_gen.pdbx_host_org_vector_type          ? 
_entity_src_gen.pdbx_host_org_vector               PET11A 
_entity_src_gen.host_org_details                   ? 
_entity_src_gen.expression_system_id               ? 
_entity_src_gen.plasmid_name                       PET11A-MACDHFR-DEL 
_entity_src_gen.plasmid_details                    ? 
_entity_src_gen.pdbx_description                   
'STRAIN OBTAINED FROM THE AIDS RESEARCH AND REFERENCE REAGENT PROGRAM, DIVISION OF AIDS, NIAID, NIH, CATALOG NUMBER 1786.' 
# 
_struct_ref.id                         1 
_struct_ref.db_name                    UNP 
_struct_ref.db_code                    O30463_MYCAV 
_struct_ref.entity_id                  1 
_struct_ref.pdbx_seq_one_letter_code   ? 
_struct_ref.pdbx_align_begin           ? 
_struct_ref.pdbx_db_accession          O30463 
_struct_ref.pdbx_db_isoform            ? 
# 
_struct_ref_seq.align_id                      1 
_struct_ref_seq.ref_id                        1 
_struct_ref_seq.pdbx_PDB_id_code              2W3V 
_struct_ref_seq.pdbx_strand_id                A 
_struct_ref_seq.seq_align_beg                 1 
_struct_ref_seq.pdbx_seq_align_beg_ins_code   ? 
_struct_ref_seq.seq_align_end                 167 
_struct_ref_seq.pdbx_seq_align_end_ins_code   ? 
_struct_ref_seq.pdbx_db_accession             O30463 
_struct_ref_seq.db_align_beg                  1 
_struct_ref_seq.pdbx_db_align_beg_ins_code    ? 
_struct_ref_seq.db_align_end                  167 
_struct_ref_seq.pdbx_db_align_end_ins_code    ? 
_struct_ref_seq.pdbx_auth_seq_align_beg       1 
_struct_ref_seq.pdbx_auth_seq_align_end       167 
# 
loop_
_chem_comp.id 
_chem_comp.type 
_chem_comp.mon_nstd_flag 
_chem_comp.name 
_chem_comp.pdbx_synonyms 
_chem_comp.formula 
_chem_comp.formula_weight 
ALA 'L-peptide linking' y ALANINE                                                     ? 'C3 H7 N O2'        89.093  
ARG 'L-peptide linking' y ARGININE                                                    ? 'C6 H15 N4 O2 1'    175.209 
ASN 'L-peptide linking' y ASPARAGINE                                                  ? 'C4 H8 N2 O3'       132.118 
ASP 'L-peptide linking' y 'ASPARTIC ACID'                                             ? 'C4 H7 N O4'        133.103 
CYS 'L-peptide linking' y CYSTEINE                                                    ? 'C3 H7 N O2 S'      121.158 
GLN 'L-peptide linking' y GLUTAMINE                                                   ? 'C5 H10 N2 O3'      146.144 
GLU 'L-peptide linking' y 'GLUTAMIC ACID'                                             ? 'C5 H9 N O4'        147.129 
GLY 'peptide linking'   y GLYCINE                                                     ? 'C2 H5 N O2'        75.067  
HIS 'L-peptide linking' y HISTIDINE                                                   ? 'C6 H10 N3 O2 1'    156.162 
HOH non-polymer         . WATER                                                       ? 'H2 O'              18.015  
ILE 'L-peptide linking' y ISOLEUCINE                                                  ? 'C6 H13 N O2'       131.173 
LEU 'L-peptide linking' y LEUCINE                                                     ? 'C6 H13 N O2'       131.173 
LYS 'L-peptide linking' y LYSINE                                                      ? 'C6 H15 N2 O2 1'    147.195 
MET 'L-peptide linking' y METHIONINE                                                  ? 'C5 H11 N O2 S'     149.211 
NDP non-polymer         . 'NADPH DIHYDRO-NICOTINAMIDE-ADENINE-DINUCLEOTIDE PHOSPHATE' ? 'C21 H30 N7 O17 P3' 745.421 
PHE 'L-peptide linking' y PHENYLALANINE                                               ? 'C9 H11 N O2'       165.189 
PRO 'L-peptide linking' y PROLINE                                                     ? 'C5 H9 N O2'        115.130 
SER 'L-peptide linking' y SERINE                                                      ? 'C3 H7 N O3'        105.093 
THR 'L-peptide linking' y THREONINE                                                   ? 'C4 H9 N O3'        119.119 
TOP non-polymer         . TRIMETHOPRIM                                                ? 'C14 H18 N4 O3'     290.318 
TRP 'L-peptide linking' y TRYPTOPHAN                                                  ? 'C11 H12 N2 O2'     204.225 
TYR 'L-peptide linking' y TYROSINE                                                    ? 'C9 H11 N O3'       181.189 
VAL 'L-peptide linking' y VALINE                                                      ? 'C5 H11 N O2'       117.146 
# 
_exptl.entry_id          2W3V 
_exptl.method            'X-RAY DIFFRACTION' 
_exptl.crystals_number   1 
# 
_exptl_crystal.id                    1 
_exptl_crystal.density_meas          ? 
_exptl_crystal.density_Matthews      2.5 
_exptl_crystal.density_percent_sol   50.9 
_exptl_crystal.description           NONE 
_exptl_crystal.preparation           ? 
# 
_exptl_crystal_grow.crystal_id      1 
_exptl_crystal_grow.method          'VAPOR DIFFUSION, HANGING DROP' 
_exptl_crystal_grow.temp            277 
_exptl_crystal_grow.temp_details    ? 
_exptl_crystal_grow.pH              6.5 
_exptl_crystal_grow.pdbx_pH_range   ? 
_exptl_crystal_grow.pdbx_details    
;MAVDHFR (15 MG/ML) IN 20 MM HEPES (PH 7.0), 1 MM DTT, 0.1 MM EDTA, 1.5 MM NAN3 WAS MIXED WITH NADPH (3 MM, 15 MIN AT ROOM TEMPERATURE) AND THEN TRIMETHOPRIM (2 MM, 15 MIN ON ICE). CRYSTALLIZATION (HANGING DROP VAPOR PHASE EQUILIBRATION) WAS ACHIEVED BY MIXING WITH AN EQUAL VOLUME OF THE PROTEIN COMPLEX WITH A RESERVOIR SOLUTION CONSISTING OF 70% 2-METHYL-2, 4-PENTANEDIOL (MPD) AND 100 MM HEPES (PH 6.5), AND SUSPENDING THE MIXTURE OVER THE RESERVOIR AT 277 K. SMALL ROD-LIKE CRYSTALS (0.01 X 0.01 X 0.05 MM) GREW WITHIN 2 DAYS. CRYSTALS WERE FLASH-COOLED DIRECTLY FROM THE DROP IN LIQUID N2.
;
# 
_diffrn.id                     1 
_diffrn.ambient_temp           100 
_diffrn.ambient_temp_details   ? 
_diffrn.crystal_id             1 
# 
_diffrn_detector.diffrn_id              1 
_diffrn_detector.detector               'IMAGE PLATE' 
_diffrn_detector.type                   MARRESEARCH 
_diffrn_detector.pdbx_collection_date   2000-01-20 
_diffrn_detector.details                MIRRORS 
# 
_diffrn_radiation.diffrn_id                        1 
_diffrn_radiation.wavelength_id                    1 
_diffrn_radiation.pdbx_monochromatic_or_laue_m_l   M 
_diffrn_radiation.monochromator                    SI 
_diffrn_radiation.pdbx_diffrn_protocol             'SINGLE WAVELENGTH' 
_diffrn_radiation.pdbx_scattering_type             x-ray 
# 
_diffrn_radiation_wavelength.id           1 
_diffrn_radiation_wavelength.wavelength   0.785 
_diffrn_radiation_wavelength.wt           1.0 
# 
_diffrn_source.diffrn_id                   1 
_diffrn_source.source                      SYNCHROTRON 
_diffrn_source.type                        'SSRL BEAMLINE BL9-1' 
_diffrn_source.pdbx_synchrotron_site       SSRL 
_diffrn_source.pdbx_synchrotron_beamline   BL9-1 
_diffrn_source.pdbx_wavelength             0.785 
_diffrn_source.pdbx_wavelength_list        0.785 
# 
_reflns.pdbx_diffrn_id               1 
_reflns.pdbx_ordinal                 1 
_reflns.entry_id                     2W3V 
_reflns.observed_criterion_sigma_I   -10.0 
_reflns.observed_criterion_sigma_F   ? 
_reflns.d_resolution_low             15.00 
_reflns.d_resolution_high            1.89 
_reflns.number_obs                   15319 
_reflns.number_all                   ? 
_reflns.percent_possible_obs         98.2 
_reflns.pdbx_Rmerge_I_obs            0.07 
_reflns.pdbx_Rsym_value              ? 
_reflns.pdbx_netI_over_sigmaI        11.20 
_reflns.B_iso_Wilson_estimate        24.80 
_reflns.pdbx_redundancy              4.6 
# 
_reflns_shell.pdbx_diffrn_id         1 
_reflns_shell.pdbx_ordinal           1 
_reflns_shell.d_res_high             1.89 
_reflns_shell.d_res_low              1.95 
_reflns_shell.percent_possible_all   90.5 
_reflns_shell.Rmerge_I_obs           0.54 
_reflns_shell.pdbx_Rsym_value        ? 
_reflns_shell.meanI_over_sigI_obs    2.70 
_reflns_shell.pdbx_redundancy        4.1 
# 
_refine.pdbx_refine_id                           'X-RAY DIFFRACTION' 
_refine.entry_id                                 2W3V 
_refine.pdbx_diffrn_id                           1 
_refine.pdbx_TLS_residual_ADP_flag               'LIKELY RESIDUAL' 
_refine.ls_number_reflns_obs                     14529 
_refine.ls_number_reflns_all                     ? 
_refine.pdbx_ls_sigma_I                          ? 
_refine.pdbx_ls_sigma_F                          ? 
_refine.pdbx_data_cutoff_high_absF               ? 
_refine.pdbx_data_cutoff_low_absF                ? 
_refine.pdbx_data_cutoff_high_rms_absF           ? 
_refine.ls_d_res_low                             14.83 
_refine.ls_d_res_high                            1.89 
_refine.ls_percent_reflns_obs                    98.3 
_refine.ls_R_factor_obs                          0.182 
_refine.ls_R_factor_all                          ? 
_refine.ls_R_factor_R_work                       0.180 
_refine.ls_R_factor_R_free                       0.224 
_refine.ls_R_factor_R_free_error                 ? 
_refine.ls_R_factor_R_free_error_details         ? 
_refine.ls_percent_reflns_R_free                 5.100 
_refine.ls_number_reflns_R_free                  773 
_refine.ls_number_parameters                     ? 
_refine.ls_number_restraints                     ? 
_refine.occupancy_min                            ? 
_refine.occupancy_max                            ? 
_refine.correlation_coeff_Fo_to_Fc               0.963 
_refine.correlation_coeff_Fo_to_Fc_free          0.940 
_refine.B_iso_mean                               29.52 
_refine.aniso_B[1][1]                            1.17000 
_refine.aniso_B[2][2]                            1.17000 
_refine.aniso_B[3][3]                            -2.33000 
_refine.aniso_B[1][2]                            0.00000 
_refine.aniso_B[1][3]                            0.00000 
_refine.aniso_B[2][3]                            0.00000 
_refine.solvent_model_details                    'BABINET MODEL WITH MASK' 
_refine.solvent_model_param_ksol                 ? 
_refine.solvent_model_param_bsol                 ? 
_refine.pdbx_solvent_vdw_probe_radii             1.20 
_refine.pdbx_solvent_ion_probe_radii             0.80 
_refine.pdbx_solvent_shrinkage_radii             0.80 
_refine.pdbx_ls_cross_valid_method               THROUGHOUT 
_refine.details                                  'HYDROGENS HAVE BEEN ADDED IN THE RIDING POSITIONS.' 
_refine.pdbx_starting_model                      'PDB ENTRY 1RX1' 
_refine.pdbx_method_to_determine_struct          'MOLECULAR REPLACEMENT' 
_refine.pdbx_isotropic_thermal_model             ? 
_refine.pdbx_stereochemistry_target_values       'MAXIMUM LIKELIHOOD' 
_refine.pdbx_stereochem_target_val_spec_case     ? 
_refine.pdbx_R_Free_selection_details            RANDOM 
_refine.pdbx_overall_ESU_R                       0.150 
_refine.pdbx_overall_ESU_R_Free                  0.141 
_refine.overall_SU_ML                            0.104 
_refine.pdbx_overall_phase_error                 ? 
_refine.overall_SU_B                             6.352 
_refine.overall_SU_R_Cruickshank_DPI             ? 
_refine.pdbx_overall_SU_R_free_Cruickshank_DPI   ? 
_refine.pdbx_overall_SU_R_Blow_DPI               ? 
_refine.pdbx_overall_SU_R_free_Blow_DPI          ? 
# 
_refine_hist.pdbx_refine_id                   'X-RAY DIFFRACTION' 
_refine_hist.cycle_id                         LAST 
_refine_hist.pdbx_number_atoms_protein        1276 
_refine_hist.pdbx_number_atoms_nucleic_acid   0 
_refine_hist.pdbx_number_atoms_ligand         69 
_refine_hist.number_atoms_solvent             160 
_refine_hist.number_atoms_total               1505 
_refine_hist.d_res_high                       1.89 
_refine_hist.d_res_low                        14.83 
# 
loop_
_refine_ls_restr.type 
_refine_ls_restr.dev_ideal 
_refine_ls_restr.dev_ideal_target 
_refine_ls_restr.weight 
_refine_ls_restr.number 
_refine_ls_restr.pdbx_refine_id 
_refine_ls_restr.pdbx_restraint_function 
r_bond_refined_d             0.014  0.021  ? 1426 'X-RAY DIFFRACTION' ? 
r_bond_other_d               ?      ?      ? ?    'X-RAY DIFFRACTION' ? 
r_angle_refined_deg          1.553  2.011  ? 1960 'X-RAY DIFFRACTION' ? 
r_angle_other_deg            ?      ?      ? ?    'X-RAY DIFFRACTION' ? 
r_dihedral_angle_1_deg       5.902  5.000  ? 174  'X-RAY DIFFRACTION' ? 
r_dihedral_angle_2_deg       29.172 21.290 ? 62   'X-RAY DIFFRACTION' ? 
r_dihedral_angle_3_deg       12.153 15.000 ? 206  'X-RAY DIFFRACTION' ? 
r_dihedral_angle_4_deg       16.730 15.000 ? 19   'X-RAY DIFFRACTION' ? 
r_chiral_restr               0.104  0.200  ? 207  'X-RAY DIFFRACTION' ? 
r_gen_planes_refined         0.006  0.020  ? 1114 'X-RAY DIFFRACTION' ? 
r_gen_planes_other           ?      ?      ? ?    'X-RAY DIFFRACTION' ? 
r_nbd_refined                0.197  0.200  ? 554  'X-RAY DIFFRACTION' ? 
r_nbd_other                  ?      ?      ? ?    'X-RAY DIFFRACTION' ? 
r_nbtor_refined              0.310  0.200  ? 953  'X-RAY DIFFRACTION' ? 
r_nbtor_other                ?      ?      ? ?    'X-RAY DIFFRACTION' ? 
r_xyhbond_nbd_refined        0.153  0.200  ? 124  'X-RAY DIFFRACTION' ? 
r_xyhbond_nbd_other          ?      ?      ? ?    'X-RAY DIFFRACTION' ? 
r_metal_ion_refined          ?      ?      ? ?    'X-RAY DIFFRACTION' ? 
r_metal_ion_other            ?      ?      ? ?    'X-RAY DIFFRACTION' ? 
r_symmetry_vdw_refined       0.200  0.200  ? 23   'X-RAY DIFFRACTION' ? 
r_symmetry_vdw_other         ?      ?      ? ?    'X-RAY DIFFRACTION' ? 
r_symmetry_hbond_refined     0.146  0.200  ? 22   'X-RAY DIFFRACTION' ? 
r_symmetry_hbond_other       ?      ?      ? ?    'X-RAY DIFFRACTION' ? 
r_symmetry_metal_ion_refined ?      ?      ? ?    'X-RAY DIFFRACTION' ? 
r_symmetry_metal_ion_other   ?      ?      ? ?    'X-RAY DIFFRACTION' ? 
r_mcbond_it                  0.904  1.500  ? 869  'X-RAY DIFFRACTION' ? 
r_mcbond_other               ?      ?      ? ?    'X-RAY DIFFRACTION' ? 
r_mcangle_it                 1.395  2.000  ? 1367 'X-RAY DIFFRACTION' ? 
r_mcangle_other              ?      ?      ? ?    'X-RAY DIFFRACTION' ? 
r_scbond_it                  2.274  3.000  ? 656  'X-RAY DIFFRACTION' ? 
r_scbond_other               ?      ?      ? ?    'X-RAY DIFFRACTION' ? 
r_scangle_it                 3.310  4.500  ? 593  'X-RAY DIFFRACTION' ? 
r_scangle_other              ?      ?      ? ?    'X-RAY DIFFRACTION' ? 
r_long_range_B_refined       ?      ?      ? ?    'X-RAY DIFFRACTION' ? 
r_long_range_B_other         ?      ?      ? ?    'X-RAY DIFFRACTION' ? 
r_rigid_bond_restr           ?      ?      ? ?    'X-RAY DIFFRACTION' ? 
r_sphericity_free            ?      ?      ? ?    'X-RAY DIFFRACTION' ? 
r_sphericity_bonded          ?      ?      ? ?    'X-RAY DIFFRACTION' ? 
# 
_refine_ls_shell.pdbx_refine_id                   'X-RAY DIFFRACTION' 
_refine_ls_shell.pdbx_total_number_of_bins_used   20 
_refine_ls_shell.d_res_high                       1.89 
_refine_ls_shell.d_res_low                        1.94 
_refine_ls_shell.number_reflns_R_work             953 
_refine_ls_shell.R_factor_R_work                  0.2550 
_refine_ls_shell.percent_reflns_obs               90.49 
_refine_ls_shell.R_factor_R_free                  0.3110 
_refine_ls_shell.R_factor_R_free_error            ? 
_refine_ls_shell.percent_reflns_R_free            ? 
_refine_ls_shell.number_reflns_R_free             46 
_refine_ls_shell.number_reflns_all                ? 
_refine_ls_shell.R_factor_all                     ? 
# 
_struct.entry_id                  2W3V 
_struct.title                     'MYCOBACTERIUM AVIUM DIHYDROFOLATE REDUCTASE COMPLEXED WITH NADPH AND TRIMETHOPRIM' 
_struct.pdbx_model_details        ? 
_struct.pdbx_CASP_flag            ? 
_struct.pdbx_model_type_details   ? 
# 
_struct_keywords.entry_id        2W3V 
_struct_keywords.pdbx_keywords   OXIDOREDUCTASE 
_struct_keywords.text            
'NONCLASSICAL ANTIFOLATES, ONE-CARBON METABOLISM, LIPOPHILIC ANTIFOLATES, NADP, REDUCTASE, OXIDOREDUCTASE' 
# 
loop_
_struct_asym.id 
_struct_asym.pdbx_blank_PDB_chainid_flag 
_struct_asym.pdbx_modified 
_struct_asym.entity_id 
_struct_asym.details 
A N N 1 ? 
B N N 2 ? 
C N N 3 ? 
D N N 4 ? 
# 
loop_
_struct_conf.conf_type_id 
_struct_conf.id 
_struct_conf.pdbx_PDB_helix_id 
_struct_conf.beg_label_comp_id 
_struct_conf.beg_label_asym_id 
_struct_conf.beg_label_seq_id 
_struct_conf.pdbx_beg_PDB_ins_code 
_struct_conf.end_label_comp_id 
_struct_conf.end_label_asym_id 
_struct_conf.end_label_seq_id 
_struct_conf.pdbx_end_PDB_ins_code 
_struct_conf.beg_auth_comp_id 
_struct_conf.beg_auth_asym_id 
_struct_conf.beg_auth_seq_id 
_struct_conf.end_auth_comp_id 
_struct_conf.end_auth_asym_id 
_struct_conf.end_auth_seq_id 
_struct_conf.pdbx_PDB_helix_class 
_struct_conf.details 
_struct_conf.pdbx_PDB_helix_length 
HELX_P HELX_P1 1 VAL A 28  ? MET A 40  ? VAL A 28  MET A 40  1 ? 13 
HELX_P HELX_P2 2 ARG A 48  ? LEU A 54  ? ARG A 48  LEU A 54  1 ? 7  
HELX_P HELX_P3 3 SER A 85  ? ALA A 93  ? SER A 85  ALA A 93  1 ? 9  
HELX_P HELX_P4 4 GLY A 104 ? LEU A 112 ? GLY A 104 LEU A 112 1 ? 9  
# 
_struct_conf_type.id          HELX_P 
_struct_conf_type.criteria    ? 
_struct_conf_type.reference   ? 
# 
loop_
_struct_mon_prot_cis.pdbx_id 
_struct_mon_prot_cis.label_comp_id 
_struct_mon_prot_cis.label_seq_id 
_struct_mon_prot_cis.label_asym_id 
_struct_mon_prot_cis.label_alt_id 
_struct_mon_prot_cis.pdbx_PDB_ins_code 
_struct_mon_prot_cis.auth_comp_id 
_struct_mon_prot_cis.auth_seq_id 
_struct_mon_prot_cis.auth_asym_id 
_struct_mon_prot_cis.pdbx_label_comp_id_2 
_struct_mon_prot_cis.pdbx_label_seq_id_2 
_struct_mon_prot_cis.pdbx_label_asym_id_2 
_struct_mon_prot_cis.pdbx_PDB_ins_code_2 
_struct_mon_prot_cis.pdbx_auth_comp_id_2 
_struct_mon_prot_cis.pdbx_auth_seq_id_2 
_struct_mon_prot_cis.pdbx_auth_asym_id_2 
_struct_mon_prot_cis.pdbx_PDB_model_num 
_struct_mon_prot_cis.pdbx_omega_angle 
1 ARG 59  A . ? ARG 59  A PRO 60  A ? PRO 60  A 1 -5.62 
2 GLY 103 A . ? GLY 103 A GLY 104 A ? GLY 104 A 1 -1.64 
# 
loop_
_struct_sheet.id 
_struct_sheet.type 
_struct_sheet.number_strands 
_struct_sheet.details 
AA ? 8 ? 
AB ? 8 ? 
AC ? 2 ? 
# 
loop_
_struct_sheet_order.sheet_id 
_struct_sheet_order.range_id_1 
_struct_sheet_order.range_id_2 
_struct_sheet_order.offset 
_struct_sheet_order.sense 
AA 1 2 ? parallel      
AA 2 3 ? parallel      
AA 3 4 ? parallel      
AA 4 5 ? parallel      
AA 5 6 ? parallel      
AA 6 7 ? anti-parallel 
AA 7 8 ? anti-parallel 
AB 1 2 ? parallel      
AB 2 3 ? parallel      
AB 3 4 ? parallel      
AB 4 5 ? parallel      
AB 5 6 ? parallel      
AB 6 7 ? anti-parallel 
AB 7 8 ? anti-parallel 
AC 1 2 ? anti-parallel 
# 
loop_
_struct_sheet_range.sheet_id 
_struct_sheet_range.id 
_struct_sheet_range.beg_label_comp_id 
_struct_sheet_range.beg_label_asym_id 
_struct_sheet_range.beg_label_seq_id 
_struct_sheet_range.pdbx_beg_PDB_ins_code 
_struct_sheet_range.end_label_comp_id 
_struct_sheet_range.end_label_asym_id 
_struct_sheet_range.end_label_seq_id 
_struct_sheet_range.pdbx_end_PDB_ins_code 
_struct_sheet_range.beg_auth_comp_id 
_struct_sheet_range.beg_auth_asym_id 
_struct_sheet_range.beg_auth_seq_id 
_struct_sheet_range.end_auth_comp_id 
_struct_sheet_range.end_auth_asym_id 
_struct_sheet_range.end_auth_seq_id 
AA 1 ARG A 81  ? ALA A 83  ? ARG A 81  ALA A 83  
AA 2 ARG A 65  ? VAL A 69  ? ARG A 65  VAL A 69  
AA 3 THR A 43  ? GLY A 47  ? THR A 43  GLY A 47  
AA 4 TRP A 100 ? VAL A 101 ? TRP A 100 VAL A 101 
AA 5 VAL A 6   ? SER A 13  ? VAL A 6   SER A 13  
AA 6 ALA A 115 ? GLU A 124 ? ALA A 115 GLU A 124 
AA 7 ARG A 158 ? ARG A 165 ? ARG A 158 ARG A 165 
AA 8 VAL A 144 ? THR A 147 ? VAL A 144 THR A 147 
AB 1 ARG A 81  ? ALA A 83  ? ARG A 81  ALA A 83  
AB 2 ARG A 65  ? VAL A 69  ? ARG A 65  VAL A 69  
AB 3 THR A 43  ? GLY A 47  ? THR A 43  GLY A 47  
AB 4 TRP A 100 ? VAL A 101 ? TRP A 100 VAL A 101 
AB 5 VAL A 6   ? SER A 13  ? VAL A 6   SER A 13  
AB 6 ALA A 115 ? GLU A 124 ? ALA A 115 GLU A 124 
AB 7 ARG A 158 ? ARG A 165 ? ARG A 158 ARG A 165 
AB 8 LEU A 151 ? ALA A 152 ? LEU A 151 ALA A 152 
AC 1 VAL A 17  ? GLY A 19  ? VAL A 17  GLY A 19  
AC 2 ALA A 134 ? LEU A 135 ? ALA A 134 LEU A 135 
# 
loop_
_pdbx_struct_sheet_hbond.sheet_id 
_pdbx_struct_sheet_hbond.range_id_1 
_pdbx_struct_sheet_hbond.range_id_2 
_pdbx_struct_sheet_hbond.range_1_label_atom_id 
_pdbx_struct_sheet_hbond.range_1_label_comp_id 
_pdbx_struct_sheet_hbond.range_1_label_asym_id 
_pdbx_struct_sheet_hbond.range_1_label_seq_id 
_pdbx_struct_sheet_hbond.range_1_PDB_ins_code 
_pdbx_struct_sheet_hbond.range_1_auth_atom_id 
_pdbx_struct_sheet_hbond.range_1_auth_comp_id 
_pdbx_struct_sheet_hbond.range_1_auth_asym_id 
_pdbx_struct_sheet_hbond.range_1_auth_seq_id 
_pdbx_struct_sheet_hbond.range_2_label_atom_id 
_pdbx_struct_sheet_hbond.range_2_label_comp_id 
_pdbx_struct_sheet_hbond.range_2_label_asym_id 
_pdbx_struct_sheet_hbond.range_2_label_seq_id 
_pdbx_struct_sheet_hbond.range_2_PDB_ins_code 
_pdbx_struct_sheet_hbond.range_2_auth_atom_id 
_pdbx_struct_sheet_hbond.range_2_auth_comp_id 
_pdbx_struct_sheet_hbond.range_2_auth_asym_id 
_pdbx_struct_sheet_hbond.range_2_auth_seq_id 
AA 1 2 N ARG A 81  ? N ARG A 81  O ASN A 66  ? O ASN A 66  
AA 2 3 N VAL A 67  ? N VAL A 67  O VAL A 44  ? O VAL A 44  
AA 3 4 N ILE A 45  ? N ILE A 45  O TRP A 100 ? O TRP A 100 
AA 4 5 N VAL A 101 ? N VAL A 101 O GLY A 7   ? O GLY A 7   
AA 5 6 O VAL A 6   ? O VAL A 6   N THR A 116 ? N THR A 116 
AA 6 7 N GLU A 124 ? N GLU A 124 O ARG A 158 ? O ARG A 158 
AA 7 8 N ARG A 165 ? N ARG A 165 O VAL A 144 ? O VAL A 144 
AB 1 2 N ARG A 81  ? N ARG A 81  O ASN A 66  ? O ASN A 66  
AB 2 3 N VAL A 67  ? N VAL A 67  O VAL A 44  ? O VAL A 44  
AB 3 4 N ILE A 45  ? N ILE A 45  O TRP A 100 ? O TRP A 100 
AB 4 5 N VAL A 101 ? N VAL A 101 O GLY A 7   ? O GLY A 7   
AB 5 6 O VAL A 6   ? O VAL A 6   N THR A 116 ? N THR A 116 
AB 6 7 N GLU A 124 ? N GLU A 124 O ARG A 158 ? O ARG A 158 
AB 7 8 N TYR A 159 ? N TYR A 159 O LEU A 151 ? O LEU A 151 
AC 1 2 N ILE A 18  ? N ILE A 18  O ALA A 134 ? O ALA A 134 
# 
loop_
_struct_site.id 
_struct_site.pdbx_evidence_code 
_struct_site.pdbx_auth_asym_id 
_struct_site.pdbx_auth_comp_id 
_struct_site.pdbx_auth_seq_id 
_struct_site.pdbx_auth_ins_code 
_struct_site.pdbx_num_residues 
_struct_site.details 
AC1 Software A NDP 1168 ? 31 'BINDING SITE FOR RESIDUE NDP A 1168' 
AC2 Software A TOP 1169 ? 10 'BINDING SITE FOR RESIDUE TOP A 1169' 
# 
loop_
_struct_site_gen.id 
_struct_site_gen.site_id 
_struct_site_gen.pdbx_num_res 
_struct_site_gen.label_comp_id 
_struct_site_gen.label_asym_id 
_struct_site_gen.label_seq_id 
_struct_site_gen.pdbx_auth_ins_code 
_struct_site_gen.auth_comp_id 
_struct_site_gen.auth_asym_id 
_struct_site_gen.auth_seq_id 
_struct_site_gen.label_atom_id 
_struct_site_gen.label_alt_id 
_struct_site_gen.symmetry 
_struct_site_gen.details 
1  AC1 31 TRP A 10  ? TRP A 10   . ? 1_555 ? 
2  AC1 31 ALA A 11  ? ALA A 11   . ? 1_555 ? 
3  AC1 31 ILE A 18  ? ILE A 18   . ? 1_555 ? 
4  AC1 31 GLY A 22  ? GLY A 22   . ? 1_555 ? 
5  AC1 31 GLY A 47  ? GLY A 47   . ? 1_555 ? 
6  AC1 31 ARG A 48  ? ARG A 48   . ? 1_555 ? 
7  AC1 31 ARG A 49  ? ARG A 49   . ? 1_555 ? 
8  AC1 31 THR A 50  ? THR A 50   . ? 1_555 ? 
9  AC1 31 SER A 53  ? SER A 53   . ? 1_555 ? 
10 AC1 31 VAL A 69  ? VAL A 69   . ? 1_555 ? 
11 AC1 31 SER A 70  ? SER A 70   . ? 1_555 ? 
12 AC1 31 ARG A 71  ? ARG A 71   . ? 1_555 ? 
13 AC1 31 ARG A 72  ? ARG A 72   . ? 1_555 ? 
14 AC1 31 GLY A 84  ? GLY A 84   . ? 1_555 ? 
15 AC1 31 ILE A 102 ? ILE A 102  . ? 1_555 ? 
16 AC1 31 GLY A 104 ? GLY A 104  . ? 1_555 ? 
17 AC1 31 ALA A 105 ? ALA A 105  . ? 1_555 ? 
18 AC1 31 GLN A 106 ? GLN A 106  . ? 1_555 ? 
19 AC1 31 ILE A 107 ? ILE A 107  . ? 1_555 ? 
20 AC1 31 TYR A 108 ? TYR A 108  . ? 1_555 ? 
21 AC1 31 LEU A 110 ? LEU A 110  . ? 1_555 ? 
22 AC1 31 ALA A 134 ? ALA A 134  . ? 1_555 ? 
23 AC1 31 TOP C .   ? TOP A 1169 . ? 1_555 ? 
24 AC1 31 HOH D .   ? HOH A 2078 . ? 8_666 ? 
25 AC1 31 HOH D .   ? HOH A 2079 . ? 8_666 ? 
26 AC1 31 HOH D .   ? HOH A 2155 . ? 1_555 ? 
27 AC1 31 HOH D .   ? HOH A 2156 . ? 1_555 ? 
28 AC1 31 HOH D .   ? HOH A 2157 . ? 1_555 ? 
29 AC1 31 HOH D .   ? HOH A 2158 . ? 1_555 ? 
30 AC1 31 HOH D .   ? HOH A 2159 . ? 1_555 ? 
31 AC1 31 HOH D .   ? HOH A 2160 . ? 1_555 ? 
32 AC2 10 VAL A 9   ? VAL A 9    . ? 1_555 ? 
33 AC2 10 TRP A 10  ? TRP A 10   . ? 1_555 ? 
34 AC2 10 ALA A 11  ? ALA A 11   . ? 1_555 ? 
35 AC2 10 ASP A 31  ? ASP A 31   . ? 1_555 ? 
36 AC2 10 PHE A 35  ? PHE A 35   . ? 1_555 ? 
37 AC2 10 SER A 53  ? SER A 53   . ? 1_555 ? 
38 AC2 10 LEU A 54  ? LEU A 54   . ? 1_555 ? 
39 AC2 10 ILE A 102 ? ILE A 102  . ? 1_555 ? 
40 AC2 10 TYR A 108 ? TYR A 108  . ? 1_555 ? 
41 AC2 10 NDP B .   ? NDP A 1168 . ? 1_555 ? 
# 
_atom_sites.entry_id                    2W3V 
_atom_sites.fract_transf_matrix[1][1]   -0.00023454 
_atom_sites.fract_transf_matrix[1][2]   0.01381352 
_atom_sites.fract_transf_matrix[1][3]   -0.00292134 
_atom_sites.fract_transf_matrix[2][1]   0.01278509 
_atom_sites.fract_transf_matrix[2][2]   0.00144749 
_atom_sites.fract_transf_matrix[2][3]   0.00581799 
_atom_sites.fract_transf_matrix[3][1]   0.00576337 
_atom_sites.fract_transf_matrix[3][2]   -0.00245161 
_atom_sites.fract_transf_matrix[3][3]   -0.01205510 
_atom_sites.fract_transf_vector[1]      0.782955 
_atom_sites.fract_transf_vector[2]      0.264116 
_atom_sites.fract_transf_vector[3]      0.460430 
# 
loop_
_atom_type.symbol 
C 
N 
O 
P 
S 
# 
loop_
_atom_site.group_PDB 
_atom_site.id 
_atom_site.type_symbol 
_atom_site.label_atom_id 
_atom_site.label_alt_id 
_atom_site.label_comp_id 
_atom_site.label_asym_id 
_atom_site.label_entity_id 
_atom_site.label_seq_id 
_atom_site.pdbx_PDB_ins_code 
_atom_site.Cartn_x 
_atom_site.Cartn_y 
_atom_site.Cartn_z 
_atom_site.occupancy 
_atom_site.B_iso_or_equiv 
_atom_site.pdbx_formal_charge 
_atom_site.auth_seq_id 
_atom_site.auth_comp_id 
_atom_site.auth_asym_id 
_atom_site.auth_atom_id 
_atom_site.pdbx_PDB_model_num 
ATOM   1    N N   . ARG A 1 3   ? -19.839 2.688   -8.014  1.00 35.50 ? 3    ARG A N   1 
ATOM   2    C CA  . ARG A 1 3   ? -18.354 2.733   -7.928  1.00 35.98 ? 3    ARG A CA  1 
ATOM   3    C C   . ARG A 1 3   ? -17.845 1.874   -6.784  1.00 35.85 ? 3    ARG A C   1 
ATOM   4    O O   . ARG A 1 3   ? -18.316 2.003   -5.651  1.00 36.10 ? 3    ARG A O   1 
ATOM   5    C CB  . ARG A 1 3   ? -17.853 4.175   -7.705  1.00 35.98 ? 3    ARG A CB  1 
ATOM   6    N N   . ALA A 1 4   ? -16.882 1.006   -7.079  1.00 35.18 ? 4    ALA A N   1 
ATOM   7    C CA  . ALA A 1 4   ? -16.042 0.462   -6.025  1.00 34.82 ? 4    ALA A CA  1 
ATOM   8    C C   . ALA A 1 4   ? -15.303 1.661   -5.433  1.00 34.21 ? 4    ALA A C   1 
ATOM   9    O O   . ALA A 1 4   ? -14.980 2.612   -6.161  1.00 34.48 ? 4    ALA A O   1 
ATOM   10   C CB  . ALA A 1 4   ? -15.060 -0.561  -6.586  1.00 34.60 ? 4    ALA A CB  1 
ATOM   11   N N   . GLU A 1 5   ? -15.068 1.620   -4.116  1.00 33.17 ? 5    GLU A N   1 
ATOM   12   C CA  . GLU A 1 5   ? -14.285 2.621   -3.425  1.00 32.36 ? 5    GLU A CA  1 
ATOM   13   C C   . GLU A 1 5   ? -12.827 2.132   -3.448  1.00 30.55 ? 5    GLU A C   1 
ATOM   14   O O   . GLU A 1 5   ? -12.447 1.208   -2.695  1.00 30.55 ? 5    GLU A O   1 
ATOM   15   C CB  . GLU A 1 5   ? -14.813 2.793   -1.988  1.00 32.43 ? 5    GLU A CB  1 
ATOM   16   C CG  . GLU A 1 5   ? -13.889 3.542   -0.993  1.00 34.61 ? 5    GLU A CG  1 
ATOM   17   C CD  . GLU A 1 5   ? -14.466 3.615   0.436   1.00 36.01 ? 5    GLU A CD  1 
ATOM   18   O OE1 . GLU A 1 5   ? -14.933 2.573   0.961   1.00 41.09 ? 5    GLU A OE1 1 
ATOM   19   O OE2 . GLU A 1 5   ? -14.438 4.715   1.053   1.00 42.32 ? 5    GLU A OE2 1 
ATOM   20   N N   . VAL A 1 6   ? -12.020 2.736   -4.322  1.00 27.55 ? 6    VAL A N   1 
ATOM   21   C CA  . VAL A 1 6   ? -10.648 2.299   -4.499  1.00 24.33 ? 6    VAL A CA  1 
ATOM   22   C C   . VAL A 1 6   ? -9.795  2.936   -3.404  1.00 23.46 ? 6    VAL A C   1 
ATOM   23   O O   . VAL A 1 6   ? -9.768  4.158   -3.264  1.00 21.11 ? 6    VAL A O   1 
ATOM   24   C CB  . VAL A 1 6   ? -10.092 2.593   -5.915  1.00 24.30 ? 6    VAL A CB  1 
ATOM   25   C CG1 . VAL A 1 6   ? -8.635  2.143   -5.995  1.00 24.56 ? 6    VAL A CG1 1 
ATOM   26   C CG2 . VAL A 1 6   ? -10.939 1.864   -6.977  1.00 24.80 ? 6    VAL A CG2 1 
ATOM   27   N N   . GLY A 1 7   ? -9.142  2.093   -2.606  1.00 21.75 ? 7    GLY A N   1 
ATOM   28   C CA  . GLY A 1 7   ? -8.329  2.597   -1.485  1.00 21.85 ? 7    GLY A CA  1 
ATOM   29   C C   . GLY A 1 7   ? -6.830  2.449   -1.679  1.00 21.98 ? 7    GLY A C   1 
ATOM   30   O O   . GLY A 1 7   ? -6.363  1.485   -2.302  1.00 22.60 ? 7    GLY A O   1 
ATOM   31   N N   . LEU A 1 8   ? -6.054  3.389   -1.142  1.00 20.94 ? 8    LEU A N   1 
ATOM   32   C CA  . LEU A 1 8   ? -4.619  3.241   -1.104  1.00 21.40 ? 8    LEU A CA  1 
ATOM   33   C C   . LEU A 1 8   ? -4.213  3.099   0.355   1.00 21.76 ? 8    LEU A C   1 
ATOM   34   O O   . LEU A 1 8   ? -4.708  3.845   1.215   1.00 21.77 ? 8    LEU A O   1 
ATOM   35   C CB  . LEU A 1 8   ? -3.880  4.467   -1.692  1.00 20.70 ? 8    LEU A CB  1 
ATOM   36   C CG  . LEU A 1 8   ? -4.304  5.054   -3.046  1.00 25.11 ? 8    LEU A CG  1 
ATOM   37   C CD1 . LEU A 1 8   ? -3.390  6.215   -3.487  1.00 23.37 ? 8    LEU A CD1 1 
ATOM   38   C CD2 . LEU A 1 8   ? -4.417  3.992   -4.140  1.00 24.32 ? 8    LEU A CD2 1 
ATOM   39   N N   . VAL A 1 9   ? -3.344  2.127   0.625   1.00 22.82 ? 9    VAL A N   1 
ATOM   40   C CA  . VAL A 1 9   ? -2.788  1.957   1.967   1.00 22.31 ? 9    VAL A CA  1 
ATOM   41   C C   . VAL A 1 9   ? -1.267  1.858   1.971   1.00 23.02 ? 9    VAL A C   1 
ATOM   42   O O   . VAL A 1 9   ? -0.669  1.078   1.203   1.00 22.75 ? 9    VAL A O   1 
ATOM   43   C CB  . VAL A 1 9   ? -3.472  0.753   2.723   1.00 22.21 ? 9    VAL A CB  1 
ATOM   44   C CG1 . VAL A 1 9   ? -3.291  -0.611  1.969   1.00 22.09 ? 9    VAL A CG1 1 
ATOM   45   C CG2 . VAL A 1 9   ? -2.948  0.675   4.200   1.00 21.21 ? 9    VAL A CG2 1 
ATOM   46   N N   . TRP A 1 10  ? -0.622  2.634   2.847   1.00 22.69 ? 10   TRP A N   1 
ATOM   47   C CA  . TRP A 1 10  ? 0.853   2.633   2.921   1.00 23.71 ? 10   TRP A CA  1 
ATOM   48   C C   . TRP A 1 10  ? 1.335   3.138   4.295   1.00 23.18 ? 10   TRP A C   1 
ATOM   49   O O   . TRP A 1 10  ? 0.555   3.711   5.041   1.00 23.75 ? 10   TRP A O   1 
ATOM   50   C CB  . TRP A 1 10  ? 1.529   3.457   1.795   1.00 23.01 ? 10   TRP A CB  1 
ATOM   51   C CG  . TRP A 1 10  ? 1.469   4.991   1.899   1.00 24.54 ? 10   TRP A CG  1 
ATOM   52   C CD1 . TRP A 1 10  ? 2.333   5.802   2.595   1.00 24.05 ? 10   TRP A CD1 1 
ATOM   53   C CD2 . TRP A 1 10  ? 0.541   5.865   1.235   1.00 22.15 ? 10   TRP A CD2 1 
ATOM   54   N NE1 . TRP A 1 10  ? 1.983   7.137   2.410   1.00 23.77 ? 10   TRP A NE1 1 
ATOM   55   C CE2 . TRP A 1 10  ? 0.880   7.197   1.591   1.00 24.67 ? 10   TRP A CE2 1 
ATOM   56   C CE3 . TRP A 1 10  ? -0.547  5.648   0.361   1.00 27.39 ? 10   TRP A CE3 1 
ATOM   57   C CZ2 . TRP A 1 10  ? 0.186   8.305   1.100   1.00 23.27 ? 10   TRP A CZ2 1 
ATOM   58   C CZ3 . TRP A 1 10  ? -1.288  6.766   -0.104  1.00 26.52 ? 10   TRP A CZ3 1 
ATOM   59   C CH2 . TRP A 1 10  ? -0.909  8.074   0.259   1.00 27.41 ? 10   TRP A CH2 1 
ATOM   60   N N   . ALA A 1 11  ? 2.611   2.907   4.578   1.00 23.38 ? 11   ALA A N   1 
ATOM   61   C CA  . ALA A 1 11  ? 3.305   3.408   5.784   1.00 22.62 ? 11   ALA A CA  1 
ATOM   62   C C   . ALA A 1 11  ? 4.484   4.209   5.272   1.00 23.08 ? 11   ALA A C   1 
ATOM   63   O O   . ALA A 1 11  ? 5.176   3.742   4.336   1.00 23.26 ? 11   ALA A O   1 
ATOM   64   C CB  . ALA A 1 11  ? 3.813   2.222   6.638   1.00 22.93 ? 11   ALA A CB  1 
ATOM   65   N N   . GLN A 1 12  ? 4.672   5.418   5.809   1.00 22.27 ? 12   GLN A N   1 
ATOM   66   C CA  . GLN A 1 12  ? 5.792   6.268   5.429   1.00 22.84 ? 12   GLN A CA  1 
ATOM   67   C C   . GLN A 1 12  ? 6.454   6.892   6.649   1.00 23.52 ? 12   GLN A C   1 
ATOM   68   O O   . GLN A 1 12  ? 5.807   7.124   7.683   1.00 23.31 ? 12   GLN A O   1 
ATOM   69   C CB  . GLN A 1 12  ? 5.355   7.416   4.482   1.00 23.74 ? 12   GLN A CB  1 
ATOM   70   C CG  . GLN A 1 12  ? 4.289   8.306   5.076   1.00 23.63 ? 12   GLN A CG  1 
ATOM   71   C CD  . GLN A 1 12  ? 4.065   9.550   4.256   1.00 25.79 ? 12   GLN A CD  1 
ATOM   72   O OE1 . GLN A 1 12  ? 3.172   9.557   3.412   1.00 21.55 ? 12   GLN A OE1 1 
ATOM   73   N NE2 . GLN A 1 12  ? 4.884   10.590  4.472   1.00 24.03 ? 12   GLN A NE2 1 
ATOM   74   N N   . SER A 1 13  ? 7.732   7.236   6.490   1.00 22.82 ? 13   SER A N   1 
ATOM   75   C CA  . SER A 1 13  ? 8.382   8.093   7.431   1.00 22.72 ? 13   SER A CA  1 
ATOM   76   C C   . SER A 1 13  ? 7.747   9.474   7.271   1.00 24.17 ? 13   SER A C   1 
ATOM   77   O O   . SER A 1 13  ? 7.167   9.781   6.217   1.00 24.12 ? 13   SER A O   1 
ATOM   78   C CB  . SER A 1 13  ? 9.887   8.135   7.134   1.00 23.54 ? 13   SER A CB  1 
ATOM   79   O OG  . SER A 1 13  ? 10.149  8.812   5.883   1.00 22.79 ? 13   SER A OG  1 
ATOM   80   N N   . THR A 1 14  ? 7.870   10.335  8.282   1.00 25.06 ? 14   THR A N   1 
ATOM   81   C CA  . THR A 1 14  ? 7.422   11.743  8.117   1.00 25.36 ? 14   THR A CA  1 
ATOM   82   C C   . THR A 1 14  ? 7.983   12.358  6.812   1.00 26.31 ? 14   THR A C   1 
ATOM   83   O O   . THR A 1 14  ? 7.250   13.052  6.082   1.00 26.74 ? 14   THR A O   1 
ATOM   84   C CB  . THR A 1 14  ? 7.786   12.606  9.349   1.00 25.94 ? 14   THR A CB  1 
ATOM   85   O OG1 . THR A 1 14  ? 7.089   12.088  10.497  1.00 26.48 ? 14   THR A OG1 1 
ATOM   86   C CG2 . THR A 1 14  ? 7.405   14.136  9.144   1.00 25.09 ? 14   THR A CG2 1 
ATOM   87   N N   . SER A 1 15  ? 9.239   12.061  6.496   1.00 25.30 ? 15   SER A N   1 
ATOM   88   C CA  . SER A 1 15  ? 9.873   12.533  5.245   1.00 26.27 ? 15   SER A CA  1 
ATOM   89   C C   . SER A 1 15  ? 9.313   11.970  3.928   1.00 25.97 ? 15   SER A C   1 
ATOM   90   O O   . SER A 1 15  ? 9.658   12.482  2.862   1.00 27.13 ? 15   SER A O   1 
ATOM   91   C CB  . SER A 1 15  ? 11.386  12.278  5.276   1.00 26.27 ? 15   SER A CB  1 
ATOM   92   O OG  . SER A 1 15  ? 11.666  10.894  5.052   1.00 25.78 ? 15   SER A OG  1 
ATOM   93   N N   . GLY A 1 16  ? 8.501   10.921  3.986   1.00 25.44 ? 16   GLY A N   1 
ATOM   94   C CA  . GLY A 1 16  ? 7.870   10.354  2.790   1.00 25.11 ? 16   GLY A CA  1 
ATOM   95   C C   . GLY A 1 16  ? 8.523   9.109   2.201   1.00 25.44 ? 16   GLY A C   1 
ATOM   96   O O   . GLY A 1 16  ? 8.084   8.608   1.162   1.00 27.38 ? 16   GLY A O   1 
ATOM   97   N N   . VAL A 1 17  ? 9.523   8.561   2.868   1.00 24.11 ? 17   VAL A N   1 
ATOM   98   C CA  . VAL A 1 17  ? 10.105  7.266   2.432   1.00 23.70 ? 17   VAL A CA  1 
ATOM   99   C C   . VAL A 1 17  ? 9.185   6.109   2.776   1.00 24.32 ? 17   VAL A C   1 
ATOM   100  O O   . VAL A 1 17  ? 8.739   6.011   3.926   1.00 23.53 ? 17   VAL A O   1 
ATOM   101  C CB  . VAL A 1 17  ? 11.519  7.036   3.049   1.00 23.23 ? 17   VAL A CB  1 
ATOM   102  C CG1 . VAL A 1 17  ? 12.112  5.699   2.598   1.00 22.58 ? 17   VAL A CG1 1 
ATOM   103  C CG2 . VAL A 1 17  ? 12.457  8.161   2.652   1.00 23.22 ? 17   VAL A CG2 1 
ATOM   104  N N   . ILE A 1 18  ? 8.923   5.221   1.801   1.00 23.63 ? 18   ILE A N   1 
ATOM   105  C CA  . ILE A 1 18  ? 8.203   3.966   2.054   1.00 22.87 ? 18   ILE A CA  1 
ATOM   106  C C   . ILE A 1 18  ? 9.076   2.704   1.860   1.00 23.43 ? 18   ILE A C   1 
ATOM   107  O O   . ILE A 1 18  ? 8.770   1.640   2.425   1.00 23.39 ? 18   ILE A O   1 
ATOM   108  C CB  . ILE A 1 18  ? 6.912   3.866   1.213   1.00 22.95 ? 18   ILE A CB  1 
ATOM   109  C CG1 . ILE A 1 18  ? 7.241   3.713   -0.286  1.00 22.47 ? 18   ILE A CG1 1 
ATOM   110  C CG2 . ILE A 1 18  ? 6.047   5.135   1.458   1.00 21.92 ? 18   ILE A CG2 1 
ATOM   111  C CD1 . ILE A 1 18  ? 6.010   3.308   -1.103  1.00 25.87 ? 18   ILE A CD1 1 
ATOM   112  N N   . GLY A 1 19  ? 10.153  2.838   1.092   1.00 23.96 ? 19   GLY A N   1 
ATOM   113  C CA  . GLY A 1 19  ? 11.066  1.704   0.778   1.00 24.03 ? 19   GLY A CA  1 
ATOM   114  C C   . GLY A 1 19  ? 12.513  2.107   0.533   1.00 25.53 ? 19   GLY A C   1 
ATOM   115  O O   . GLY A 1 19  ? 12.791  3.204   0.011   1.00 23.89 ? 19   GLY A O   1 
ATOM   116  N N   . ARG A 1 20  ? 13.433  1.208   0.903   1.00 26.90 ? 20   ARG A N   1 
ATOM   117  C CA  . ARG A 1 20  ? 14.896  1.420   0.757   1.00 28.52 ? 20   ARG A CA  1 
ATOM   118  C C   . ARG A 1 20  ? 15.579  0.060   0.690   1.00 29.56 ? 20   ARG A C   1 
ATOM   119  O O   . ARG A 1 20  ? 15.368  -0.794  1.571   1.00 28.76 ? 20   ARG A O   1 
ATOM   120  C CB  . ARG A 1 20  ? 15.441  2.223   1.939   1.00 28.74 ? 20   ARG A CB  1 
ATOM   121  C CG  . ARG A 1 20  ? 16.955  2.471   1.921   1.00 29.07 ? 20   ARG A CG  1 
ATOM   122  C CD  . ARG A 1 20  ? 17.353  3.436   3.029   1.00 29.16 ? 20   ARG A CD  1 
ATOM   123  N NE  . ARG A 1 20  ? 16.944  4.808   2.737   1.00 30.95 ? 20   ARG A NE  1 
ATOM   124  C CZ  . ARG A 1 20  ? 17.180  5.852   3.531   1.00 31.32 ? 20   ARG A CZ  1 
ATOM   125  N NH1 . ARG A 1 20  ? 17.817  5.691   4.678   1.00 32.15 ? 20   ARG A NH1 1 
ATOM   126  N NH2 . ARG A 1 20  ? 16.785  7.065   3.170   1.00 32.57 ? 20   ARG A NH2 1 
ATOM   127  N N   . GLY A 1 21  ? 16.384  -0.147  -0.352  1.00 30.70 ? 21   GLY A N   1 
ATOM   128  C CA  . GLY A 1 21  ? 17.050  -1.438  -0.562  1.00 31.79 ? 21   GLY A CA  1 
ATOM   129  C C   . GLY A 1 21  ? 16.067  -2.586  -0.718  1.00 32.81 ? 21   GLY A C   1 
ATOM   130  O O   . GLY A 1 21  ? 16.370  -3.741  -0.371  1.00 32.45 ? 21   GLY A O   1 
ATOM   131  N N   . GLY A 1 22  ? 14.881  -2.267  -1.234  1.00 33.12 ? 22   GLY A N   1 
ATOM   132  C CA  . GLY A 1 22  ? 13.830  -3.264  -1.443  1.00 34.13 ? 22   GLY A CA  1 
ATOM   133  C C   . GLY A 1 22  ? 12.969  -3.602  -0.230  1.00 34.72 ? 22   GLY A C   1 
ATOM   134  O O   . GLY A 1 22  ? 12.035  -4.393  -0.339  1.00 35.61 ? 22   GLY A O   1 
ATOM   135  N N   . ASP A 1 23  ? 13.252  -2.980  0.913   1.00 34.49 ? 23   ASP A N   1 
ATOM   136  C CA  . ASP A 1 23  ? 12.586  -3.332  2.173   1.00 34.49 ? 23   ASP A CA  1 
ATOM   137  C C   . ASP A 1 23  ? 11.904  -2.114  2.764   1.00 33.47 ? 23   ASP A C   1 
ATOM   138  O O   . ASP A 1 23  ? 12.167  -1.001  2.345   1.00 33.81 ? 23   ASP A O   1 
ATOM   139  C CB  . ASP A 1 23  ? 13.624  -3.833  3.199   1.00 34.67 ? 23   ASP A CB  1 
ATOM   140  C CG  . ASP A 1 23  ? 14.243  -5.183  2.823   1.00 36.20 ? 23   ASP A CG  1 
ATOM   141  O OD1 . ASP A 1 23  ? 13.527  -6.038  2.249   1.00 40.48 ? 23   ASP A OD1 1 
ATOM   142  O OD2 . ASP A 1 23  ? 15.438  -5.395  3.128   1.00 35.93 ? 23   ASP A OD2 1 
ATOM   143  N N   . ILE A 1 24  ? 11.030  -2.336  3.743   1.00 32.89 ? 24   ILE A N   1 
ATOM   144  C CA  . ILE A 1 24  ? 10.541  -1.276  4.628   1.00 31.77 ? 24   ILE A CA  1 
ATOM   145  C C   . ILE A 1 24  ? 11.655  -0.971  5.659   1.00 31.90 ? 24   ILE A C   1 
ATOM   146  O O   . ILE A 1 24  ? 12.071  -1.871  6.400   1.00 33.17 ? 24   ILE A O   1 
ATOM   147  C CB  . ILE A 1 24  ? 9.217   -1.702  5.326   1.00 32.57 ? 24   ILE A CB  1 
ATOM   148  C CG1 . ILE A 1 24  ? 8.116   -1.944  4.282   1.00 31.13 ? 24   ILE A CG1 1 
ATOM   149  C CG2 . ILE A 1 24  ? 8.786   -0.647  6.331   1.00 32.24 ? 24   ILE A CG2 1 
ATOM   150  C CD1 . ILE A 1 24  ? 6.690   -2.171  4.843   1.00 31.42 ? 24   ILE A CD1 1 
ATOM   151  N N   . PRO A 1 25  ? 12.179  0.278   5.683   1.00 30.16 ? 25   PRO A N   1 
ATOM   152  C CA  . PRO A 1 25  ? 13.343  0.615   6.518   1.00 29.24 ? 25   PRO A CA  1 
ATOM   153  C C   . PRO A 1 25  ? 13.072  0.950   8.018   1.00 29.19 ? 25   PRO A C   1 
ATOM   154  O O   . PRO A 1 25  ? 13.744  1.816   8.596   1.00 28.47 ? 25   PRO A O   1 
ATOM   155  C CB  . PRO A 1 25  ? 13.945  1.812   5.782   1.00 29.61 ? 25   PRO A CB  1 
ATOM   156  C CG  . PRO A 1 25  ? 12.791  2.471   5.087   1.00 28.03 ? 25   PRO A CG  1 
ATOM   157  C CD  . PRO A 1 25  ? 11.696  1.446   4.915   1.00 30.26 ? 25   PRO A CD  1 
ATOM   158  N N   . TRP A 1 26  ? 12.104  0.270   8.640   1.00 27.95 ? 26   TRP A N   1 
ATOM   159  C CA  . TRP A 1 26  ? 11.876  0.363   10.087  1.00 27.55 ? 26   TRP A CA  1 
ATOM   160  C C   . TRP A 1 26  ? 11.131  -0.890  10.572  1.00 28.30 ? 26   TRP A C   1 
ATOM   161  O O   . TRP A 1 26  ? 10.652  -1.687  9.757   1.00 29.31 ? 26   TRP A O   1 
ATOM   162  C CB  . TRP A 1 26  ? 11.012  1.583   10.391  1.00 25.82 ? 26   TRP A CB  1 
ATOM   163  C CG  . TRP A 1 26  ? 9.762   1.582   9.558   1.00 23.88 ? 26   TRP A CG  1 
ATOM   164  C CD1 . TRP A 1 26  ? 8.642   0.810   9.744   1.00 24.53 ? 26   TRP A CD1 1 
ATOM   165  C CD2 . TRP A 1 26  ? 9.498   2.406   8.419   1.00 22.85 ? 26   TRP A CD2 1 
ATOM   166  N NE1 . TRP A 1 26  ? 7.701   1.103   8.773   1.00 23.92 ? 26   TRP A NE1 1 
ATOM   167  C CE2 . TRP A 1 26  ? 8.197   2.098   7.967   1.00 23.66 ? 26   TRP A CE2 1 
ATOM   168  C CE3 . TRP A 1 26  ? 10.218  3.408   7.760   1.00 23.04 ? 26   TRP A CE3 1 
ATOM   169  C CZ2 . TRP A 1 26  ? 7.634   2.724   6.855   1.00 23.88 ? 26   TRP A CZ2 1 
ATOM   170  C CZ3 . TRP A 1 26  ? 9.662   4.030   6.667   1.00 23.16 ? 26   TRP A CZ3 1 
ATOM   171  C CH2 . TRP A 1 26  ? 8.384   3.691   6.221   1.00 22.10 ? 26   TRP A CH2 1 
ATOM   172  N N   . SER A 1 27  ? 11.005  -1.030  11.889  1.00 29.10 ? 27   SER A N   1 
ATOM   173  C CA  . SER A 1 27  ? 10.237  -2.111  12.519  1.00 30.32 ? 27   SER A CA  1 
ATOM   174  C C   . SER A 1 27  ? 9.124   -1.529  13.406  1.00 29.81 ? 27   SER A C   1 
ATOM   175  O O   . SER A 1 27  ? 9.417   -0.968  14.490  1.00 31.67 ? 27   SER A O   1 
ATOM   176  C CB  . SER A 1 27  ? 11.166  -2.982  13.368  1.00 31.45 ? 27   SER A CB  1 
ATOM   177  O OG  . SER A 1 27  ? 10.425  -4.023  13.983  1.00 36.56 ? 27   SER A OG  1 
ATOM   178  N N   . VAL A 1 28  ? 7.877   -1.603  12.922  1.00 28.23 ? 28   VAL A N   1 
ATOM   179  C CA  . VAL A 1 28  ? 6.684   -1.163  13.658  1.00 25.45 ? 28   VAL A CA  1 
ATOM   180  C C   . VAL A 1 28  ? 5.577   -2.210  13.469  1.00 24.86 ? 28   VAL A C   1 
ATOM   181  O O   . VAL A 1 28  ? 4.743   -2.087  12.565  1.00 23.04 ? 28   VAL A O   1 
ATOM   182  C CB  . VAL A 1 28  ? 6.227   0.273   13.236  1.00 25.08 ? 28   VAL A CB  1 
ATOM   183  C CG1 . VAL A 1 28  ? 5.013   0.712   14.022  1.00 24.11 ? 28   VAL A CG1 1 
ATOM   184  C CG2 . VAL A 1 28  ? 7.383   1.285   13.459  1.00 23.81 ? 28   VAL A CG2 1 
ATOM   185  N N   . PRO A 1 29  ? 5.595   -3.269  14.307  1.00 24.27 ? 29   PRO A N   1 
ATOM   186  C CA  . PRO A 1 29  ? 4.608   -4.370  14.264  1.00 24.64 ? 29   PRO A CA  1 
ATOM   187  C C   . PRO A 1 29  ? 3.164   -3.881  14.179  1.00 25.11 ? 29   PRO A C   1 
ATOM   188  O O   . PRO A 1 29  ? 2.334   -4.456  13.447  1.00 24.79 ? 29   PRO A O   1 
ATOM   189  C CB  . PRO A 1 29  ? 4.871   -5.118  15.587  1.00 24.15 ? 29   PRO A CB  1 
ATOM   190  C CG  . PRO A 1 29  ? 6.300   -4.879  15.860  1.00 25.22 ? 29   PRO A CG  1 
ATOM   191  C CD  . PRO A 1 29  ? 6.617   -3.484  15.368  1.00 23.73 ? 29   PRO A CD  1 
ATOM   192  N N   . GLU A 1 30  ? 2.873   -2.788  14.896  1.00 25.29 ? 30   GLU A N   1 
ATOM   193  C CA  . GLU A 1 30  ? 1.541   -2.199  14.921  1.00 24.91 ? 30   GLU A CA  1 
ATOM   194  C C   . GLU A 1 30  ? 1.063   -1.767  13.548  1.00 24.93 ? 30   GLU A C   1 
ATOM   195  O O   . GLU A 1 30  ? -0.141  -1.829  13.263  1.00 25.73 ? 30   GLU A O   1 
ATOM   196  C CB  . GLU A 1 30  ? 1.494   -1.009  15.895  1.00 25.52 ? 30   GLU A CB  1 
ATOM   197  C CG  . GLU A 1 30  ? 1.710   -1.446  17.348  1.00 24.15 ? 30   GLU A CG  1 
ATOM   198  C CD  . GLU A 1 30  ? 3.198   -1.490  17.714  1.00 25.45 ? 30   GLU A CD  1 
ATOM   199  O OE1 . GLU A 1 30  ? 4.040   -1.289  16.821  1.00 23.75 ? 30   GLU A OE1 1 
ATOM   200  O OE2 . GLU A 1 30  ? 3.527   -1.698  18.891  1.00 23.56 ? 30   GLU A OE2 1 
ATOM   201  N N   . ASP A 1 31  ? 1.976   -1.357  12.677  1.00 23.91 ? 31   ASP A N   1 
ATOM   202  C CA  . ASP A 1 31  ? 1.558   -1.015  11.308  1.00 23.71 ? 31   ASP A CA  1 
ATOM   203  C C   . ASP A 1 31  ? 1.047   -2.262  10.539  1.00 23.42 ? 31   ASP A C   1 
ATOM   204  O O   . ASP A 1 31  ? 0.026   -2.212  9.788   1.00 23.37 ? 31   ASP A O   1 
ATOM   205  C CB  . ASP A 1 31  ? 2.711   -0.341  10.546  1.00 23.56 ? 31   ASP A CB  1 
ATOM   206  C CG  . ASP A 1 31  ? 2.390   -0.184  9.090   1.00 23.82 ? 31   ASP A CG  1 
ATOM   207  O OD1 . ASP A 1 31  ? 1.428   0.550   8.803   1.00 24.85 ? 31   ASP A OD1 1 
ATOM   208  O OD2 . ASP A 1 31  ? 3.047   -0.852  8.257   1.00 24.31 ? 31   ASP A OD2 1 
ATOM   209  N N   . LEU A 1 32  ? 1.732   -3.386  10.730  1.00 23.96 ? 32   LEU A N   1 
ATOM   210  C CA  . LEU A 1 32  ? 1.344   -4.558  9.974   1.00 24.54 ? 32   LEU A CA  1 
ATOM   211  C C   . LEU A 1 32  ? -0.025  -5.035  10.454  1.00 25.44 ? 32   LEU A C   1 
ATOM   212  O O   . LEU A 1 32  ? -0.835  -5.486  9.649   1.00 25.57 ? 32   LEU A O   1 
ATOM   213  C CB  . LEU A 1 32  ? 2.411   -5.650  10.052  1.00 26.39 ? 32   LEU A CB  1 
ATOM   214  C CG  . LEU A 1 32  ? 3.750   -5.120  9.480   1.00 26.36 ? 32   LEU A CG  1 
ATOM   215  C CD1 . LEU A 1 32  ? 4.781   -6.219  9.580   1.00 29.91 ? 32   LEU A CD1 1 
ATOM   216  C CD2 . LEU A 1 32  ? 3.639   -4.652  8.039   1.00 23.06 ? 32   LEU A CD2 1 
ATOM   217  N N   . THR A 1 33  ? -0.303  -4.886  11.751  1.00 24.61 ? 33   THR A N   1 
ATOM   218  C CA  . THR A 1 33  ? -1.645  -5.174  12.295  1.00 25.52 ? 33   THR A CA  1 
ATOM   219  C C   . THR A 1 33  ? -2.740  -4.327  11.664  1.00 25.50 ? 33   THR A C   1 
ATOM   220  O O   . THR A 1 33  ? -3.779  -4.858  11.258  1.00 25.51 ? 33   THR A O   1 
ATOM   221  C CB  . THR A 1 33  ? -1.675  -5.069  13.828  1.00 25.58 ? 33   THR A CB  1 
ATOM   222  O OG1 . THR A 1 33  ? -0.685  -5.954  14.345  1.00 26.64 ? 33   THR A OG1 1 
ATOM   223  C CG2 . THR A 1 33  ? -3.056  -5.509  14.395  1.00 26.02 ? 33   THR A CG2 1 
ATOM   224  N N   . ARG A 1 34  ? -2.522  -3.011  11.627  1.00 24.22 ? 34   ARG A N   1 
ATOM   225  C CA  . ARG A 1 34  ? -3.423  -2.076  10.984  1.00 25.27 ? 34   ARG A CA  1 
ATOM   226  C C   . ARG A 1 34  ? -3.619  -2.438  9.497   1.00 24.48 ? 34   ARG A C   1 
ATOM   227  O O   . ARG A 1 34  ? -4.764  -2.423  8.981   1.00 23.62 ? 34   ARG A O   1 
ATOM   228  C CB  . ARG A 1 34  ? -2.849  -0.647  11.100  1.00 25.65 ? 34   ARG A CB  1 
ATOM   229  C CG  . ARG A 1 34  ? -3.627  0.420   10.326  1.00 28.74 ? 34   ARG A CG  1 
ATOM   230  C CD  . ARG A 1 34  ? -4.941  0.726   11.020  1.00 32.61 ? 34   ARG A CD  1 
ATOM   231  N NE  . ARG A 1 34  ? -5.551  1.910   10.418  1.00 37.79 ? 34   ARG A NE  1 
ATOM   232  C CZ  . ARG A 1 34  ? -6.369  2.738   11.058  1.00 43.40 ? 34   ARG A CZ  1 
ATOM   233  N NH1 . ARG A 1 34  ? -6.690  2.512   12.336  1.00 45.53 ? 34   ARG A NH1 1 
ATOM   234  N NH2 . ARG A 1 34  ? -6.871  3.794   10.423  1.00 44.39 ? 34   ARG A NH2 1 
ATOM   235  N N   . PHE A 1 35  ? -2.531  -2.781  8.819   1.00 24.04 ? 35   PHE A N   1 
ATOM   236  C CA  . PHE A 1 35  ? -2.599  -3.136  7.382   1.00 23.76 ? 35   PHE A CA  1 
ATOM   237  C C   . PHE A 1 35  ? -3.523  -4.335  7.166   1.00 24.50 ? 35   PHE A C   1 
ATOM   238  O O   . PHE A 1 35  ? -4.383  -4.351  6.261   1.00 24.11 ? 35   PHE A O   1 
ATOM   239  C CB  . PHE A 1 35  ? -1.188  -3.438  6.818   1.00 23.56 ? 35   PHE A CB  1 
ATOM   240  C CG  . PHE A 1 35  ? -1.209  -4.108  5.450   1.00 22.19 ? 35   PHE A CG  1 
ATOM   241  C CD1 . PHE A 1 35  ? -1.484  -3.370  4.292   1.00 24.33 ? 35   PHE A CD1 1 
ATOM   242  C CD2 . PHE A 1 35  ? -0.958  -5.487  5.325   1.00 24.31 ? 35   PHE A CD2 1 
ATOM   243  C CE1 . PHE A 1 35  ? -1.505  -4.012  3.028   1.00 22.03 ? 35   PHE A CE1 1 
ATOM   244  C CE2 . PHE A 1 35  ? -0.990  -6.125  4.062   1.00 23.38 ? 35   PHE A CE2 1 
ATOM   245  C CZ  . PHE A 1 35  ? -1.260  -5.390  2.922   1.00 20.92 ? 35   PHE A CZ  1 
ATOM   246  N N   . LYS A 1 36  ? -3.361  -5.343  8.009   1.00 24.58 ? 36   LYS A N   1 
ATOM   247  C CA  . LYS A 1 36  ? -4.181  -6.519  7.915   1.00 24.77 ? 36   LYS A CA  1 
ATOM   248  C C   . LYS A 1 36  ? -5.654  -6.204  8.210   1.00 24.02 ? 36   LYS A C   1 
ATOM   249  O O   . LYS A 1 36  ? -6.540  -6.661  7.498   1.00 23.38 ? 36   LYS A O   1 
ATOM   250  C CB  . LYS A 1 36  ? -3.639  -7.573  8.887   1.00 23.58 ? 36   LYS A CB  1 
ATOM   251  C CG  . LYS A 1 36  ? -4.510  -8.817  8.975   1.00 27.34 ? 36   LYS A CG  1 
ATOM   252  C CD  . LYS A 1 36  ? -3.791  -9.891  9.797   1.00 28.37 ? 36   LYS A CD  1 
ATOM   253  C CE  . LYS A 1 36  ? -3.448  -9.411  11.203  1.00 30.14 ? 36   LYS A CE  1 
ATOM   254  N NZ  . LYS A 1 36  ? -3.080  -10.542 12.138  1.00 31.00 ? 36   LYS A NZ  1 
ATOM   255  N N   A GLU A 1 37  ? -5.879  -5.413  9.262   0.60 23.70 ? 37   GLU A N   1 
ATOM   256  N N   B GLU A 1 37  ? -5.935  -5.429  9.252   0.40 24.50 ? 37   GLU A N   1 
ATOM   257  C CA  A GLU A 1 37  ? -7.209  -4.995  9.689   0.60 23.96 ? 37   GLU A CA  1 
ATOM   258  C CA  B GLU A 1 37  ? -7.329  -5.117  9.544   0.40 25.63 ? 37   GLU A CA  1 
ATOM   259  C C   A GLU A 1 37  ? -7.931  -4.194  8.563   0.60 24.39 ? 37   GLU A C   1 
ATOM   260  C C   B GLU A 1 37  ? -7.958  -4.277  8.423   0.40 25.05 ? 37   GLU A C   1 
ATOM   261  O O   A GLU A 1 37  ? -9.137  -4.382  8.335   0.60 24.11 ? 37   GLU A O   1 
ATOM   262  O O   B GLU A 1 37  ? -9.132  -4.475  8.090   0.40 24.77 ? 37   GLU A O   1 
ATOM   263  C CB  A GLU A 1 37  ? -7.159  -4.305  11.095  0.60 24.01 ? 37   GLU A CB  1 
ATOM   264  C CB  B GLU A 1 37  ? -7.519  -4.495  10.933  0.40 25.64 ? 37   GLU A CB  1 
ATOM   265  C CG  A GLU A 1 37  ? -6.694  -5.294  12.227  0.60 22.91 ? 37   GLU A CG  1 
ATOM   266  C CG  B GLU A 1 37  ? -7.222  -3.020  11.040  0.40 27.23 ? 37   GLU A CG  1 
ATOM   267  C CD  A GLU A 1 37  ? -6.568  -4.749  13.673  0.60 22.65 ? 37   GLU A CD  1 
ATOM   268  C CD  B GLU A 1 37  ? -6.995  -2.571  12.486  0.40 27.48 ? 37   GLU A CD  1 
ATOM   269  O OE1 A GLU A 1 37  ? -6.306  -3.540  13.889  0.60 18.74 ? 37   GLU A OE1 1 
ATOM   270  O OE1 B GLU A 1 37  ? -6.225  -3.236  13.217  0.40 27.64 ? 37   GLU A OE1 1 
ATOM   271  O OE2 A GLU A 1 37  ? -6.684  -5.582  14.630  0.60 17.50 ? 37   GLU A OE2 1 
ATOM   272  O OE2 B GLU A 1 37  ? -7.577  -1.536  12.875  0.40 30.21 ? 37   GLU A OE2 1 
ATOM   273  N N   . VAL A 1 38  ? -7.178  -3.374  7.829   1.00 24.53 ? 38   VAL A N   1 
ATOM   274  C CA  . VAL A 1 38  ? -7.691  -2.601  6.670   1.00 24.43 ? 38   VAL A CA  1 
ATOM   275  C C   . VAL A 1 38  ? -8.012  -3.455  5.416   1.00 24.07 ? 38   VAL A C   1 
ATOM   276  O O   . VAL A 1 38  ? -9.042  -3.261  4.740   1.00 23.12 ? 38   VAL A O   1 
ATOM   277  C CB  . VAL A 1 38  ? -6.680  -1.484  6.238   1.00 24.85 ? 38   VAL A CB  1 
ATOM   278  C CG1 . VAL A 1 38  ? -7.011  -0.968  4.858   1.00 23.01 ? 38   VAL A CG1 1 
ATOM   279  C CG2 . VAL A 1 38  ? -6.656  -0.334  7.262   1.00 26.80 ? 38   VAL A CG2 1 
ATOM   280  N N   . THR A 1 39  ? -7.131  -4.394  5.099   1.00 23.93 ? 39   THR A N   1 
ATOM   281  C CA  . THR A 1 39  ? -7.214  -5.130  3.814   1.00 22.76 ? 39   THR A CA  1 
ATOM   282  C C   . THR A 1 39  ? -7.926  -6.506  3.875   1.00 23.20 ? 39   THR A C   1 
ATOM   283  O O   . THR A 1 39  ? -8.350  -7.030  2.836   1.00 23.13 ? 39   THR A O   1 
ATOM   284  C CB  . THR A 1 39  ? -5.835  -5.284  3.169   1.00 23.36 ? 39   THR A CB  1 
ATOM   285  O OG1 . THR A 1 39  ? -4.997  -6.064  4.021   1.00 21.83 ? 39   THR A OG1 1 
ATOM   286  C CG2 . THR A 1 39  ? -5.165  -3.890  2.933   1.00 23.23 ? 39   THR A CG2 1 
ATOM   287  N N   . MET A 1 40  ? -8.047  -7.113  5.053   1.00 22.40 ? 40   MET A N   1 
ATOM   288  C CA  . MET A 1 40  ? -8.660  -8.482  5.133   1.00 22.25 ? 40   MET A CA  1 
ATOM   289  C C   . MET A 1 40  ? -9.973  -8.572  4.377   1.00 23.10 ? 40   MET A C   1 
ATOM   290  O O   . MET A 1 40  ? -10.853 -7.742  4.562   1.00 23.73 ? 40   MET A O   1 
ATOM   291  C CB  . MET A 1 40  ? -8.865  -8.910  6.578   1.00 21.47 ? 40   MET A CB  1 
ATOM   292  C CG  . MET A 1 40  ? -9.187  -10.398 6.810   1.00 23.04 ? 40   MET A CG  1 
ATOM   293  S SD  . MET A 1 40  ? -8.046  -11.504 5.949   1.00 27.11 ? 40   MET A SD  1 
ATOM   294  C CE  . MET A 1 40  ? -6.500  -11.136 6.747   1.00 24.43 ? 40   MET A CE  1 
ATOM   295  N N   . GLY A 1 41  ? -10.100 -9.573  3.514   1.00 22.63 ? 41   GLY A N   1 
ATOM   296  C CA  . GLY A 1 41  ? -11.395 -9.884  2.914   1.00 22.68 ? 41   GLY A CA  1 
ATOM   297  C C   . GLY A 1 41  ? -11.561 -9.185  1.595   1.00 24.00 ? 41   GLY A C   1 
ATOM   298  O O   . GLY A 1 41  ? -12.543 -9.423  0.916   1.00 24.74 ? 41   GLY A O   1 
ATOM   299  N N   . HIS A 1 42  ? -10.569 -8.377  1.199   1.00 22.77 ? 42   HIS A N   1 
ATOM   300  C CA  . HIS A 1 42  ? -10.595 -7.602  -0.030  1.00 24.15 ? 42   HIS A CA  1 
ATOM   301  C C   . HIS A 1 42  ? -9.542  -8.031  -1.039  1.00 24.32 ? 42   HIS A C   1 
ATOM   302  O O   . HIS A 1 42  ? -8.602  -8.768  -0.687  1.00 23.59 ? 42   HIS A O   1 
ATOM   303  C CB  . HIS A 1 42  ? -10.358 -6.111  0.311   1.00 24.76 ? 42   HIS A CB  1 
ATOM   304  C CG  . HIS A 1 42  ? -11.453 -5.537  1.145   1.00 25.87 ? 42   HIS A CG  1 
ATOM   305  N ND1 . HIS A 1 42  ? -12.764 -5.519  0.718   1.00 28.23 ? 42   HIS A ND1 1 
ATOM   306  C CD2 . HIS A 1 42  ? -11.453 -5.030  2.400   1.00 28.85 ? 42   HIS A CD2 1 
ATOM   307  C CE1 . HIS A 1 42  ? -13.524 -4.994  1.665   1.00 28.95 ? 42   HIS A CE1 1 
ATOM   308  N NE2 . HIS A 1 42  ? -12.752 -4.689  2.695   1.00 29.68 ? 42   HIS A NE2 1 
ATOM   309  N N   . THR A 1 43  ? -9.702  -7.561  -2.286  1.00 23.36 ? 43   THR A N   1 
ATOM   310  C CA  . THR A 1 43  ? -8.624  -7.607  -3.276  1.00 23.22 ? 43   THR A CA  1 
ATOM   311  C C   . THR A 1 43  ? -7.452  -6.689  -2.848  1.00 23.77 ? 43   THR A C   1 
ATOM   312  O O   . THR A 1 43  ? -7.678  -5.540  -2.407  1.00 24.15 ? 43   THR A O   1 
ATOM   313  C CB  . THR A 1 43  ? -9.146  -7.161  -4.657  1.00 23.41 ? 43   THR A CB  1 
ATOM   314  O OG1 . THR A 1 43  ? -10.376 -7.841  -4.904  1.00 25.77 ? 43   THR A OG1 1 
ATOM   315  C CG2 . THR A 1 43  ? -8.148  -7.508  -5.791  1.00 23.31 ? 43   THR A CG2 1 
ATOM   316  N N   . VAL A 1 44  ? -6.218  -7.197  -2.951  1.00 22.87 ? 44   VAL A N   1 
ATOM   317  C CA  . VAL A 1 44  ? -5.016  -6.371  -2.745  1.00 22.86 ? 44   VAL A CA  1 
ATOM   318  C C   . VAL A 1 44  ? -4.227  -6.329  -4.052  1.00 23.06 ? 44   VAL A C   1 
ATOM   319  O O   . VAL A 1 44  ? -3.850  -7.370  -4.619  1.00 24.47 ? 44   VAL A O   1 
ATOM   320  C CB  . VAL A 1 44  ? -4.146  -6.824  -1.538  1.00 22.46 ? 44   VAL A CB  1 
ATOM   321  C CG1 . VAL A 1 44  ? -4.905  -6.618  -0.258  1.00 22.91 ? 44   VAL A CG1 1 
ATOM   322  C CG2 . VAL A 1 44  ? -3.779  -8.348  -1.629  1.00 22.51 ? 44   VAL A CG2 1 
ATOM   323  N N   . ILE A 1 45  ? -4.049  -5.120  -4.560  1.00 22.19 ? 45   ILE A N   1 
ATOM   324  C CA  . ILE A 1 45  ? -3.426  -4.893  -5.861  1.00 21.58 ? 45   ILE A CA  1 
ATOM   325  C C   . ILE A 1 45  ? -2.016  -4.319  -5.584  1.00 22.15 ? 45   ILE A C   1 
ATOM   326  O O   . ILE A 1 45  ? -1.852  -3.332  -4.845  1.00 21.30 ? 45   ILE A O   1 
ATOM   327  C CB  . ILE A 1 45  ? -4.263  -3.899  -6.686  1.00 22.34 ? 45   ILE A CB  1 
ATOM   328  C CG1 . ILE A 1 45  ? -5.632  -4.526  -7.051  1.00 21.25 ? 45   ILE A CG1 1 
ATOM   329  C CG2 . ILE A 1 45  ? -3.504  -3.420  -7.931  1.00 21.43 ? 45   ILE A CG2 1 
ATOM   330  C CD1 . ILE A 1 45  ? -6.670  -3.526  -7.495  1.00 22.48 ? 45   ILE A CD1 1 
ATOM   331  N N   . MET A 1 46  ? -1.005  -4.903  -6.211  1.00 22.55 ? 46   MET A N   1 
ATOM   332  C CA  . MET A 1 46  ? 0.375   -4.436  -5.957  1.00 23.42 ? 46   MET A CA  1 
ATOM   333  C C   . MET A 1 46  ? 1.234   -4.479  -7.192  1.00 23.97 ? 46   MET A C   1 
ATOM   334  O O   . MET A 1 46  ? 0.952   -5.258  -8.112  1.00 25.99 ? 46   MET A O   1 
ATOM   335  C CB  . MET A 1 46  ? 1.018   -5.298  -4.847  1.00 22.49 ? 46   MET A CB  1 
ATOM   336  C CG  . MET A 1 46  ? 1.421   -6.727  -5.291  1.00 24.50 ? 46   MET A CG  1 
ATOM   337  S SD  . MET A 1 46  ? 1.678   -7.847  -3.906  1.00 24.39 ? 46   MET A SD  1 
ATOM   338  C CE  . MET A 1 46  ? -0.019  -8.534  -3.715  1.00 22.36 ? 46   MET A CE  1 
ATOM   339  N N   . GLY A 1 47  ? 2.288   -3.656  -7.208  1.00 24.42 ? 47   GLY A N   1 
ATOM   340  C CA  . GLY A 1 47  ? 3.276   -3.683  -8.280  1.00 24.18 ? 47   GLY A CA  1 
ATOM   341  C C   . GLY A 1 47  ? 4.182   -4.889  -8.186  1.00 24.62 ? 47   GLY A C   1 
ATOM   342  O O   . GLY A 1 47  ? 4.341   -5.482  -7.107  1.00 24.21 ? 47   GLY A O   1 
ATOM   343  N N   . ARG A 1 48  ? 4.771   -5.281  -9.318  1.00 24.47 ? 48   ARG A N   1 
ATOM   344  C CA  . ARG A 1 48  ? 5.617   -6.478  -9.347  1.00 24.67 ? 48   ARG A CA  1 
ATOM   345  C C   . ARG A 1 48  ? 6.731   -6.459  -8.290  1.00 24.70 ? 48   ARG A C   1 
ATOM   346  O O   . ARG A 1 48  ? 7.006   -7.467  -7.645  1.00 23.67 ? 48   ARG A O   1 
ATOM   347  C CB  . ARG A 1 48  ? 6.174   -6.708  -10.771 1.00 24.98 ? 48   ARG A CB  1 
ATOM   348  C CG  . ARG A 1 48  ? 6.870   -8.077  -10.982 1.00 27.72 ? 48   ARG A CG  1 
ATOM   349  C CD  . ARG A 1 48  ? 8.371   -7.959  -10.765 1.00 30.13 ? 48   ARG A CD  1 
ATOM   350  N NE  . ARG A 1 48  ? 8.961   -6.994  -11.698 1.00 31.83 ? 48   ARG A NE  1 
ATOM   351  C CZ  . ARG A 1 48  ? 10.225  -6.580  -11.670 1.00 33.67 ? 48   ARG A CZ  1 
ATOM   352  N NH1 . ARG A 1 48  ? 11.066  -7.042  -10.747 1.00 33.56 ? 48   ARG A NH1 1 
ATOM   353  N NH2 . ARG A 1 48  ? 10.651  -5.698  -12.576 1.00 32.71 ? 48   ARG A NH2 1 
ATOM   354  N N   . ARG A 1 49  ? 7.384   -5.314  -8.105  1.00 25.47 ? 49   ARG A N   1 
ATOM   355  C CA  . ARG A 1 49  ? 8.511   -5.248  -7.162  1.00 26.56 ? 49   ARG A CA  1 
ATOM   356  C C   . ARG A 1 49  ? 8.072   -5.422  -5.719  1.00 27.03 ? 49   ARG A C   1 
ATOM   357  O O   . ARG A 1 49  ? 8.769   -6.063  -4.914  1.00 27.36 ? 49   ARG A O   1 
ATOM   358  C CB  . ARG A 1 49  ? 9.261   -3.937  -7.310  1.00 26.90 ? 49   ARG A CB  1 
ATOM   359  C CG  . ARG A 1 49  ? 9.922   -3.838  -8.629  1.00 30.14 ? 49   ARG A CG  1 
ATOM   360  C CD  . ARG A 1 49  ? 10.675  -2.570  -8.694  1.00 36.53 ? 49   ARG A CD  1 
ATOM   361  N NE  . ARG A 1 49  ? 11.165  -2.344  -10.038 1.00 42.31 ? 49   ARG A NE  1 
ATOM   362  C CZ  . ARG A 1 49  ? 11.533  -1.156  -10.496 1.00 44.81 ? 49   ARG A CZ  1 
ATOM   363  N NH1 . ARG A 1 49  ? 11.467  -0.081  -9.704  1.00 45.64 ? 49   ARG A NH1 1 
ATOM   364  N NH2 . ARG A 1 49  ? 11.956  -1.051  -11.748 1.00 46.81 ? 49   ARG A NH2 1 
ATOM   365  N N   . THR A 1 50  ? 6.909   -4.865  -5.398  1.00 26.55 ? 50   THR A N   1 
ATOM   366  C CA  . THR A 1 50  ? 6.308   -5.072  -4.088  1.00 26.87 ? 50   THR A CA  1 
ATOM   367  C C   . THR A 1 50  ? 6.017   -6.562  -3.829  1.00 26.90 ? 50   THR A C   1 
ATOM   368  O O   . THR A 1 50  ? 6.289   -7.078  -2.729  1.00 26.99 ? 50   THR A O   1 
ATOM   369  C CB  . THR A 1 50  ? 5.052   -4.232  -3.927  1.00 26.85 ? 50   THR A CB  1 
ATOM   370  O OG1 . THR A 1 50  ? 5.455   -2.847  -3.800  1.00 25.80 ? 50   THR A OG1 1 
ATOM   371  C CG2 . THR A 1 50  ? 4.343   -4.636  -2.682  1.00 26.75 ? 50   THR A CG2 1 
ATOM   372  N N   . TRP A 1 51  ? 5.442   -7.234  -4.831  1.00 26.28 ? 51   TRP A N   1 
ATOM   373  C CA  . TRP A 1 51  ? 5.276   -8.691  -4.771  1.00 27.17 ? 51   TRP A CA  1 
ATOM   374  C C   . TRP A 1 51  ? 6.577   -9.403  -4.371  1.00 28.02 ? 51   TRP A C   1 
ATOM   375  O O   . TRP A 1 51  ? 6.606   -10.184 -3.411  1.00 27.44 ? 51   TRP A O   1 
ATOM   376  C CB  . TRP A 1 51  ? 4.710   -9.235  -6.092  1.00 26.06 ? 51   TRP A CB  1 
ATOM   377  C CG  . TRP A 1 51  ? 4.651   -10.761 -6.168  1.00 25.47 ? 51   TRP A CG  1 
ATOM   378  C CD1 . TRP A 1 51  ? 5.536   -11.584 -6.829  1.00 25.86 ? 51   TRP A CD1 1 
ATOM   379  C CD2 . TRP A 1 51  ? 3.668   -11.624 -5.570  1.00 25.02 ? 51   TRP A CD2 1 
ATOM   380  N NE1 . TRP A 1 51  ? 5.157   -12.909 -6.677  1.00 26.64 ? 51   TRP A NE1 1 
ATOM   381  C CE2 . TRP A 1 51  ? 4.018   -12.959 -5.909  1.00 26.04 ? 51   TRP A CE2 1 
ATOM   382  C CE3 . TRP A 1 51  ? 2.529   -11.401 -4.774  1.00 22.34 ? 51   TRP A CE3 1 
ATOM   383  C CZ2 . TRP A 1 51  ? 3.267   -14.061 -5.482  1.00 24.67 ? 51   TRP A CZ2 1 
ATOM   384  C CZ3 . TRP A 1 51  ? 1.785   -12.501 -4.348  1.00 24.75 ? 51   TRP A CZ3 1 
ATOM   385  C CH2 . TRP A 1 51  ? 2.160   -13.816 -4.704  1.00 24.63 ? 51   TRP A CH2 1 
ATOM   386  N N   . GLU A 1 52  ? 7.665   -9.100  -5.076  1.00 29.12 ? 52   GLU A N   1 
ATOM   387  C CA  . GLU A 1 52  ? 8.957   -9.738  -4.793  1.00 30.40 ? 52   GLU A CA  1 
ATOM   388  C C   . GLU A 1 52  ? 9.590   -9.306  -3.457  1.00 30.77 ? 52   GLU A C   1 
ATOM   389  O O   . GLU A 1 52  ? 10.415  -10.034 -2.903  1.00 30.17 ? 52   GLU A O   1 
ATOM   390  C CB  . GLU A 1 52  ? 9.917   -9.553  -5.966  1.00 30.06 ? 52   GLU A CB  1 
ATOM   391  C CG  . GLU A 1 52  ? 9.299   -9.922  -7.321  1.00 30.20 ? 52   GLU A CG  1 
ATOM   392  C CD  . GLU A 1 52  ? 10.294  -9.818  -8.458  1.00 31.45 ? 52   GLU A CD  1 
ATOM   393  O OE1 . GLU A 1 52  ? 11.185  -8.945  -8.388  1.00 31.96 ? 52   GLU A OE1 1 
ATOM   394  O OE2 . GLU A 1 52  ? 10.190  -10.612 -9.422  1.00 34.12 ? 52   GLU A OE2 1 
ATOM   395  N N   A SER A 1 53  ? 9.203   -8.132  -2.953  0.50 30.90 ? 53   SER A N   1 
ATOM   396  N N   B SER A 1 53  ? 9.183   -8.137  -2.961  0.50 30.75 ? 53   SER A N   1 
ATOM   397  C CA  A SER A 1 53  ? 9.633   -7.673  -1.626  0.50 31.79 ? 53   SER A CA  1 
ATOM   398  C CA  B SER A 1 53  ? 9.607   -7.631  -1.653  0.50 31.43 ? 53   SER A CA  1 
ATOM   399  C C   A SER A 1 53  ? 9.011   -8.471  -0.478  0.50 32.04 ? 53   SER A C   1 
ATOM   400  C C   B SER A 1 53  ? 8.925   -8.324  -0.455  0.50 31.85 ? 53   SER A C   1 
ATOM   401  O O   A SER A 1 53  ? 9.573   -8.541  0.618   0.50 32.09 ? 53   SER A O   1 
ATOM   402  O O   B SER A 1 53  ? 9.378   -8.201  0.684   0.50 31.75 ? 53   SER A O   1 
ATOM   403  C CB  A SER A 1 53  ? 9.307   -6.194  -1.420  0.50 31.87 ? 53   SER A CB  1 
ATOM   404  C CB  B SER A 1 53  ? 9.396   -6.114  -1.593  0.50 31.56 ? 53   SER A CB  1 
ATOM   405  O OG  A SER A 1 53  ? 9.934   -5.724  -0.234  0.50 33.83 ? 53   SER A OG  1 
ATOM   406  O OG  B SER A 1 53  ? 10.302  -5.453  -2.473  0.50 32.00 ? 53   SER A OG  1 
ATOM   407  N N   . LEU A 1 54  ? 7.834   -9.038  -0.719  1.00 32.10 ? 54   LEU A N   1 
ATOM   408  C CA  . LEU A 1 54  ? 7.171   -9.853  0.293   1.00 33.22 ? 54   LEU A CA  1 
ATOM   409  C C   . LEU A 1 54  ? 7.948   -11.143 0.434   1.00 33.76 ? 54   LEU A C   1 
ATOM   410  O O   . LEU A 1 54  ? 8.279   -11.771 -0.577  1.00 34.00 ? 54   LEU A O   1 
ATOM   411  C CB  . LEU A 1 54  ? 5.740   -10.179 -0.115  1.00 32.35 ? 54   LEU A CB  1 
ATOM   412  C CG  . LEU A 1 54  ? 4.764   -9.029  -0.283  1.00 33.31 ? 54   LEU A CG  1 
ATOM   413  C CD1 . LEU A 1 54  ? 3.434   -9.563  -0.748  1.00 31.52 ? 54   LEU A CD1 1 
ATOM   414  C CD2 . LEU A 1 54  ? 4.607   -8.205  1.000   1.00 36.46 ? 54   LEU A CD2 1 
ATOM   415  N N   . PRO A 1 55  ? 8.250   -11.551 1.681   1.00 35.08 ? 55   PRO A N   1 
ATOM   416  C CA  . PRO A 1 55  ? 8.874   -12.873 1.881   1.00 36.17 ? 55   PRO A CA  1 
ATOM   417  C C   . PRO A 1 55  ? 8.050   -13.981 1.214   1.00 36.94 ? 55   PRO A C   1 
ATOM   418  O O   . PRO A 1 55  ? 6.808   -13.956 1.276   1.00 37.01 ? 55   PRO A O   1 
ATOM   419  C CB  . PRO A 1 55  ? 8.861   -13.041 3.403   1.00 36.37 ? 55   PRO A CB  1 
ATOM   420  C CG  . PRO A 1 55  ? 8.883   -11.648 3.918   1.00 35.39 ? 55   PRO A CG  1 
ATOM   421  C CD  . PRO A 1 55  ? 8.032   -10.847 2.956   1.00 34.92 ? 55   PRO A CD  1 
ATOM   422  N N   . ALA A 1 56  ? 8.730   -14.915 0.553   1.00 37.78 ? 56   ALA A N   1 
ATOM   423  C CA  . ALA A 1 56  ? 8.069   -15.983 -0.205  1.00 38.56 ? 56   ALA A CA  1 
ATOM   424  C C   . ALA A 1 56  ? 7.119   -16.791 0.677   1.00 39.33 ? 56   ALA A C   1 
ATOM   425  O O   . ALA A 1 56  ? 6.143   -17.365 0.185   1.00 39.82 ? 56   ALA A O   1 
ATOM   426  C CB  . ALA A 1 56  ? 9.090   -16.888 -0.841  1.00 38.57 ? 56   ALA A CB  1 
ATOM   427  N N   . LYS A 1 57  ? 7.407   -16.808 1.977   1.00 39.89 ? 57   LYS A N   1 
ATOM   428  C CA  . LYS A 1 57  ? 6.668   -17.613 2.952   1.00 40.14 ? 57   LYS A CA  1 
ATOM   429  C C   . LYS A 1 57  ? 5.427   -16.863 3.430   1.00 40.32 ? 57   LYS A C   1 
ATOM   430  O O   . LYS A 1 57  ? 4.512   -17.450 4.014   1.00 40.60 ? 57   LYS A O   1 
ATOM   431  C CB  . LYS A 1 57  ? 7.570   -17.954 4.143   1.00 40.15 ? 57   LYS A CB  1 
ATOM   432  C CG  . LYS A 1 57  ? 8.736   -18.893 3.814   1.00 40.64 ? 57   LYS A CG  1 
ATOM   433  N N   . VAL A 1 58  ? 5.399   -15.568 3.153   1.00 39.58 ? 58   VAL A N   1 
ATOM   434  C CA  . VAL A 1 58  ? 4.316   -14.690 3.556   1.00 39.47 ? 58   VAL A CA  1 
ATOM   435  C C   . VAL A 1 58  ? 3.339   -14.381 2.410   1.00 38.24 ? 58   VAL A C   1 
ATOM   436  O O   . VAL A 1 58  ? 2.304   -13.755 2.643   1.00 38.52 ? 58   VAL A O   1 
ATOM   437  C CB  . VAL A 1 58  ? 4.905   -13.367 4.160   1.00 39.64 ? 58   VAL A CB  1 
ATOM   438  C CG1 . VAL A 1 58  ? 4.205   -12.093 3.662   1.00 41.74 ? 58   VAL A CG1 1 
ATOM   439  C CG2 . VAL A 1 58  ? 4.935   -13.431 5.679   1.00 40.94 ? 58   VAL A CG2 1 
ATOM   440  N N   . ARG A 1 59  ? 3.665   -14.807 1.186   1.00 35.94 ? 59   ARG A N   1 
ATOM   441  C CA  . ARG A 1 59  ? 2.836   -14.493 0.016   1.00 33.97 ? 59   ARG A CA  1 
ATOM   442  C C   . ARG A 1 59  ? 2.264   -15.754 -0.639  1.00 32.25 ? 59   ARG A C   1 
ATOM   443  O O   . ARG A 1 59  ? 2.858   -16.814 -0.504  1.00 32.50 ? 59   ARG A O   1 
ATOM   444  C CB  . ARG A 1 59  ? 3.610   -13.647 -0.995  1.00 33.91 ? 59   ARG A CB  1 
ATOM   445  C CG  . ARG A 1 59  ? 4.660   -14.405 -1.768  1.00 34.47 ? 59   ARG A CG  1 
ATOM   446  C CD  . ARG A 1 59  ? 5.564   -13.449 -2.517  1.00 36.17 ? 59   ARG A CD  1 
ATOM   447  N NE  . ARG A 1 59  ? 6.382   -14.181 -3.480  1.00 37.82 ? 59   ARG A NE  1 
ATOM   448  C CZ  . ARG A 1 59  ? 7.649   -13.892 -3.758  1.00 39.71 ? 59   ARG A CZ  1 
ATOM   449  N NH1 . ARG A 1 59  ? 8.261   -12.883 -3.145  1.00 40.81 ? 59   ARG A NH1 1 
ATOM   450  N NH2 . ARG A 1 59  ? 8.307   -14.621 -4.653  1.00 40.23 ? 59   ARG A NH2 1 
ATOM   451  N N   . PRO A 1 60  ? 1.065   -15.653 -1.272  1.00 30.45 ? 60   PRO A N   1 
ATOM   452  C CA  . PRO A 1 60  ? 0.197   -14.459 -1.290  1.00 28.53 ? 60   PRO A CA  1 
ATOM   453  C C   . PRO A 1 60  ? -0.342  -14.131 0.105   1.00 27.76 ? 60   PRO A C   1 
ATOM   454  O O   . PRO A 1 60  ? -0.365  -14.994 0.991   1.00 26.95 ? 60   PRO A O   1 
ATOM   455  C CB  . PRO A 1 60  ? -0.966  -14.892 -2.188  1.00 28.15 ? 60   PRO A CB  1 
ATOM   456  C CG  . PRO A 1 60  ? -0.998  -16.411 -2.027  1.00 28.46 ? 60   PRO A CG  1 
ATOM   457  C CD  . PRO A 1 60  ? 0.449   -16.764 -2.029  1.00 30.55 ? 60   PRO A CD  1 
ATOM   458  N N   . LEU A 1 61  ? -0.773  -12.891 0.304   1.00 26.16 ? 61   LEU A N   1 
ATOM   459  C CA  . LEU A 1 61  ? -1.345  -12.494 1.581   1.00 24.82 ? 61   LEU A CA  1 
ATOM   460  C C   . LEU A 1 61  ? -2.631  -13.255 1.809   1.00 24.05 ? 61   LEU A C   1 
ATOM   461  O O   . LEU A 1 61  ? -3.532  -13.220 0.953   1.00 23.02 ? 61   LEU A O   1 
ATOM   462  C CB  . LEU A 1 61  ? -1.593  -10.978 1.596   1.00 24.58 ? 61   LEU A CB  1 
ATOM   463  C CG  . LEU A 1 61  ? -0.322  -10.190 1.345   1.00 23.65 ? 61   LEU A CG  1 
ATOM   464  C CD1 . LEU A 1 61  ? -0.622  -8.702  1.081   1.00 21.04 ? 61   LEU A CD1 1 
ATOM   465  C CD2 . LEU A 1 61  ? 0.639   -10.319 2.526   1.00 25.48 ? 61   LEU A CD2 1 
ATOM   466  N N   . PRO A 1 62  ? -2.713  -14.006 2.931   1.00 24.73 ? 62   PRO A N   1 
ATOM   467  C CA  . PRO A 1 62  ? -3.895  -14.868 3.134   1.00 24.89 ? 62   PRO A CA  1 
ATOM   468  C C   . PRO A 1 62  ? -5.205  -14.099 3.332   1.00 24.87 ? 62   PRO A C   1 
ATOM   469  O O   . PRO A 1 62  ? -5.186  -12.952 3.780   1.00 24.58 ? 62   PRO A O   1 
ATOM   470  C CB  . PRO A 1 62  ? -3.536  -15.696 4.389   1.00 25.20 ? 62   PRO A CB  1 
ATOM   471  C CG  . PRO A 1 62  ? -2.465  -14.928 5.085   1.00 26.00 ? 62   PRO A CG  1 
ATOM   472  C CD  . PRO A 1 62  ? -1.735  -14.113 4.033   1.00 24.58 ? 62   PRO A CD  1 
ATOM   473  N N   . GLY A 1 63  ? -6.325  -14.712 2.951   1.00 24.67 ? 63   GLY A N   1 
ATOM   474  C CA  . GLY A 1 63  ? -7.664  -14.114 3.149   1.00 24.63 ? 63   GLY A CA  1 
ATOM   475  C C   . GLY A 1 63  ? -7.969  -12.908 2.274   1.00 24.60 ? 63   GLY A C   1 
ATOM   476  O O   . GLY A 1 63  ? -8.923  -12.191 2.543   1.00 25.12 ? 63   GLY A O   1 
ATOM   477  N N   . ARG A 1 64  ? -7.159  -12.707 1.230   1.00 22.89 ? 64   ARG A N   1 
ATOM   478  C CA  . ARG A 1 64  ? -7.259  -11.584 0.308   1.00 23.61 ? 64   ARG A CA  1 
ATOM   479  C C   . ARG A 1 64  ? -6.955  -12.108 -1.106  1.00 23.69 ? 64   ARG A C   1 
ATOM   480  O O   . ARG A 1 64  ? -6.124  -13.019 -1.279  1.00 22.71 ? 64   ARG A O   1 
ATOM   481  C CB  . ARG A 1 64  ? -6.256  -10.505 0.697   1.00 23.24 ? 64   ARG A CB  1 
ATOM   482  C CG  . ARG A 1 64  ? -6.718  -9.707  1.918   1.00 23.02 ? 64   ARG A CG  1 
ATOM   483  C CD  . ARG A 1 64  ? -5.543  -9.127  2.727   1.00 24.41 ? 64   ARG A CD  1 
ATOM   484  N NE  . ARG A 1 64  ? -4.862  -10.192 3.504   1.00 23.78 ? 64   ARG A NE  1 
ATOM   485  C CZ  . ARG A 1 64  ? -3.868  -9.982  4.372   1.00 24.82 ? 64   ARG A CZ  1 
ATOM   486  N NH1 . ARG A 1 64  ? -3.377  -8.749  4.569   1.00 23.24 ? 64   ARG A NH1 1 
ATOM   487  N NH2 . ARG A 1 64  ? -3.340  -11.016 5.027   1.00 25.61 ? 64   ARG A NH2 1 
ATOM   488  N N   . ARG A 1 65  ? -7.651  -11.562 -2.099  1.00 23.53 ? 65   ARG A N   1 
ATOM   489  C CA  . ARG A 1 65  ? -7.396  -11.925 -3.489  1.00 23.94 ? 65   ARG A CA  1 
ATOM   490  C C   . ARG A 1 65  ? -6.191  -11.110 -3.972  1.00 24.52 ? 65   ARG A C   1 
ATOM   491  O O   . ARG A 1 65  ? -6.283  -9.886  -4.110  1.00 23.81 ? 65   ARG A O   1 
ATOM   492  C CB  . ARG A 1 65  ? -8.650  -11.660 -4.335  1.00 24.95 ? 65   ARG A CB  1 
ATOM   493  C CG  . ARG A 1 65  ? -8.409  -11.746 -5.842  1.00 26.23 ? 65   ARG A CG  1 
ATOM   494  C CD  . ARG A 1 65  ? -9.635  -11.368 -6.635  1.00 30.58 ? 65   ARG A CD  1 
ATOM   495  N NE  . ARG A 1 65  ? -10.797 -12.153 -6.209  1.00 35.01 ? 65   ARG A NE  1 
ATOM   496  C CZ  . ARG A 1 65  ? -11.997 -12.080 -6.776  1.00 38.47 ? 65   ARG A CZ  1 
ATOM   497  N NH1 . ARG A 1 65  ? -12.202 -11.246 -7.793  1.00 39.90 ? 65   ARG A NH1 1 
ATOM   498  N NH2 . ARG A 1 65  ? -12.997 -12.834 -6.320  1.00 37.22 ? 65   ARG A NH2 1 
ATOM   499  N N   . ASN A 1 66  ? -5.055  -11.770 -4.212  1.00 24.44 ? 66   ASN A N   1 
ATOM   500  C CA  . ASN A 1 66  ? -3.812  -11.051 -4.563  1.00 25.10 ? 66   ASN A CA  1 
ATOM   501  C C   . ASN A 1 66  ? -3.772  -10.769 -6.063  1.00 24.90 ? 66   ASN A C   1 
ATOM   502  O O   . ASN A 1 66  ? -4.043  -11.675 -6.868  1.00 23.44 ? 66   ASN A O   1 
ATOM   503  C CB  . ASN A 1 66  ? -2.556  -11.857 -4.117  1.00 25.28 ? 66   ASN A CB  1 
ATOM   504  C CG  . ASN A 1 66  ? -2.317  -11.806 -2.586  1.00 26.98 ? 66   ASN A CG  1 
ATOM   505  O OD1 . ASN A 1 66  ? -1.182  -11.571 -2.107  1.00 23.99 ? 66   ASN A OD1 1 
ATOM   506  N ND2 . ASN A 1 66  ? -3.387  -12.040 -1.814  1.00 23.57 ? 66   ASN A ND2 1 
ATOM   507  N N   . VAL A 1 67  ? -3.483  -9.514  -6.435  1.00 24.55 ? 67   VAL A N   1 
ATOM   508  C CA  . VAL A 1 67  ? -3.341  -9.125  -7.869  1.00 24.21 ? 67   VAL A CA  1 
ATOM   509  C C   . VAL A 1 67  ? -2.021  -8.384  -8.063  1.00 24.98 ? 67   VAL A C   1 
ATOM   510  O O   . VAL A 1 67  ? -1.720  -7.430  -7.340  1.00 23.34 ? 67   VAL A O   1 
ATOM   511  C CB  . VAL A 1 67  ? -4.563  -8.296  -8.425  1.00 25.34 ? 67   VAL A CB  1 
ATOM   512  C CG1 . VAL A 1 67  ? -4.391  -7.955  -9.927  1.00 24.31 ? 67   VAL A CG1 1 
ATOM   513  C CG2 . VAL A 1 67  ? -5.897  -9.045  -8.194  1.00 23.30 ? 67   VAL A CG2 1 
ATOM   514  N N   . VAL A 1 68  ? -1.226  -8.845  -9.031  1.00 25.15 ? 68   VAL A N   1 
ATOM   515  C CA  . VAL A 1 68  ? 0.108   -8.255  -9.306  1.00 25.48 ? 68   VAL A CA  1 
ATOM   516  C C   . VAL A 1 68  ? 0.138   -7.572  -10.664 1.00 25.43 ? 68   VAL A C   1 
ATOM   517  O O   . VAL A 1 68  ? -0.238  -8.180  -11.681 1.00 25.95 ? 68   VAL A O   1 
ATOM   518  C CB  . VAL A 1 68  ? 1.242   -9.294  -9.232  1.00 26.06 ? 68   VAL A CB  1 
ATOM   519  C CG1 . VAL A 1 68  ? 2.595   -8.620  -9.491  1.00 24.52 ? 68   VAL A CG1 1 
ATOM   520  C CG2 . VAL A 1 68  ? 1.237   -9.986  -7.850  1.00 27.43 ? 68   VAL A CG2 1 
ATOM   521  N N   . VAL A 1 69  ? 0.569   -6.307  -10.674 1.00 24.38 ? 69   VAL A N   1 
ATOM   522  C CA  . VAL A 1 69  ? 0.627   -5.513  -11.900 1.00 24.24 ? 69   VAL A CA  1 
ATOM   523  C C   . VAL A 1 69  ? 2.028   -5.552  -12.506 1.00 25.43 ? 69   VAL A C   1 
ATOM   524  O O   . VAL A 1 69  ? 3.024   -5.234  -11.847 1.00 24.74 ? 69   VAL A O   1 
ATOM   525  C CB  . VAL A 1 69  ? 0.159   -4.054  -11.665 1.00 24.10 ? 69   VAL A CB  1 
ATOM   526  C CG1 . VAL A 1 69  ? 0.120   -3.288  -12.980 1.00 23.81 ? 69   VAL A CG1 1 
ATOM   527  C CG2 . VAL A 1 69  ? -1.252  -4.054  -11.027 1.00 22.49 ? 69   VAL A CG2 1 
ATOM   528  N N   . SER A 1 70  ? 2.082   -5.982  -13.765 1.00 26.36 ? 70   SER A N   1 
ATOM   529  C CA  . SER A 1 70  ? 3.328   -6.098  -14.502 1.00 27.62 ? 70   SER A CA  1 
ATOM   530  C C   . SER A 1 70  ? 3.063   -5.840  -15.976 1.00 27.97 ? 70   SER A C   1 
ATOM   531  O O   . SER A 1 70  ? 1.972   -6.171  -16.478 1.00 27.20 ? 70   SER A O   1 
ATOM   532  C CB  . SER A 1 70  ? 3.870   -7.523  -14.350 1.00 27.76 ? 70   SER A CB  1 
ATOM   533  O OG  . SER A 1 70  ? 5.060   -7.690  -15.092 1.00 29.07 ? 70   SER A OG  1 
ATOM   534  N N   A ARG A 1 71  ? 4.056   -5.275  -16.669 0.50 28.39 ? 71   ARG A N   1 
ATOM   535  N N   B ARG A 1 71  ? 4.051   -5.261  -16.667 0.50 28.21 ? 71   ARG A N   1 
ATOM   536  C CA  A ARG A 1 71  ? 3.978   -5.075  -18.125 0.50 29.15 ? 71   ARG A CA  1 
ATOM   537  C CA  B ARG A 1 71  ? 3.977   -5.072  -18.125 0.50 28.80 ? 71   ARG A CA  1 
ATOM   538  C C   A ARG A 1 71  ? 4.185   -6.383  -18.895 0.50 29.63 ? 71   ARG A C   1 
ATOM   539  C C   B ARG A 1 71  ? 4.180   -6.384  -18.893 0.50 29.43 ? 71   ARG A C   1 
ATOM   540  O O   A ARG A 1 71  ? 3.912   -6.459  -20.104 0.50 29.27 ? 71   ARG A O   1 
ATOM   541  O O   B ARG A 1 71  ? 3.896   -6.463  -20.100 0.50 29.09 ? 71   ARG A O   1 
ATOM   542  C CB  A ARG A 1 71  ? 4.995   -4.027  -18.591 0.50 29.17 ? 71   ARG A CB  1 
ATOM   543  C CB  B ARG A 1 71  ? 4.991   -4.026  -18.605 0.50 28.64 ? 71   ARG A CB  1 
ATOM   544  C CG  A ARG A 1 71  ? 4.873   -2.708  -17.862 0.50 29.38 ? 71   ARG A CG  1 
ATOM   545  C CG  B ARG A 1 71  ? 4.622   -2.598  -18.249 0.50 27.93 ? 71   ARG A CG  1 
ATOM   546  C CD  A ARG A 1 71  ? 5.930   -1.717  -18.292 0.50 29.94 ? 71   ARG A CD  1 
ATOM   547  C CD  B ARG A 1 71  ? 5.563   -1.603  -18.894 0.50 26.51 ? 71   ARG A CD  1 
ATOM   548  N NE  A ARG A 1 71  ? 6.065   -0.609  -17.337 0.50 31.17 ? 71   ARG A NE  1 
ATOM   549  N NE  B ARG A 1 71  ? 5.249   -0.218  -18.529 0.50 26.22 ? 71   ARG A NE  1 
ATOM   550  C CZ  A ARG A 1 71  ? 5.280   0.468   -17.314 0.50 31.57 ? 71   ARG A CZ  1 
ATOM   551  C CZ  B ARG A 1 71  ? 5.733   0.416   -17.457 0.50 25.54 ? 71   ARG A CZ  1 
ATOM   552  N NH1 A ARG A 1 71  ? 4.284   0.596   -18.186 0.50 31.34 ? 71   ARG A NH1 1 
ATOM   553  N NH1 B ARG A 1 71  ? 6.551   -0.202  -16.613 0.50 23.37 ? 71   ARG A NH1 1 
ATOM   554  N NH2 A ARG A 1 71  ? 5.488   1.421   -16.415 0.50 30.63 ? 71   ARG A NH2 1 
ATOM   555  N NH2 B ARG A 1 71  ? 5.381   1.671   -17.224 0.50 23.46 ? 71   ARG A NH2 1 
ATOM   556  N N   . ARG A 1 72  ? 4.672   -7.404  -18.192 1.00 29.98 ? 72   ARG A N   1 
ATOM   557  C CA  . ARG A 1 72  ? 4.952   -8.710  -18.814 1.00 31.40 ? 72   ARG A CA  1 
ATOM   558  C C   . ARG A 1 72  ? 3.741   -9.632  -18.703 1.00 31.54 ? 72   ARG A C   1 
ATOM   559  O O   . ARG A 1 72  ? 3.382   -10.057 -17.599 1.00 31.66 ? 72   ARG A O   1 
ATOM   560  C CB  . ARG A 1 72  ? 6.159   -9.383  -18.172 1.00 31.79 ? 72   ARG A CB  1 
ATOM   561  C CG  . ARG A 1 72  ? 7.336   -8.472  -17.964 1.00 35.64 ? 72   ARG A CG  1 
ATOM   562  C CD  . ARG A 1 72  ? 8.429   -9.230  -17.274 1.00 39.77 ? 72   ARG A CD  1 
ATOM   563  N NE  . ARG A 1 72  ? 8.981   -8.451  -16.178 1.00 42.47 ? 72   ARG A NE  1 
ATOM   564  C CZ  . ARG A 1 72  ? 9.754   -8.961  -15.228 1.00 44.84 ? 72   ARG A CZ  1 
ATOM   565  N NH1 . ARG A 1 72  ? 10.062  -10.256 -15.236 1.00 44.65 ? 72   ARG A NH1 1 
ATOM   566  N NH2 . ARG A 1 72  ? 10.220  -8.170  -14.274 1.00 46.32 ? 72   ARG A NH2 1 
ATOM   567  N N   . PRO A 1 73  ? 3.115   -9.938  -19.845 1.00 32.03 ? 73   PRO A N   1 
ATOM   568  C CA  . PRO A 1 73  ? 1.954   -10.819 -19.817 1.00 32.74 ? 73   PRO A CA  1 
ATOM   569  C C   . PRO A 1 73  ? 2.308   -12.225 -19.322 1.00 33.25 ? 73   PRO A C   1 
ATOM   570  O O   . PRO A 1 73  ? 1.459   -12.889 -18.738 1.00 34.26 ? 73   PRO A O   1 
ATOM   571  C CB  . PRO A 1 73  ? 1.495   -10.856 -21.274 1.00 32.46 ? 73   PRO A CB  1 
ATOM   572  C CG  . PRO A 1 73  ? 2.682   -10.439 -22.075 1.00 32.75 ? 73   PRO A CG  1 
ATOM   573  C CD  . PRO A 1 73  ? 3.464   -9.509  -21.213 1.00 32.09 ? 73   PRO A CD  1 
ATOM   574  N N   . ASP A 1 74  ? 3.550   -12.659 -19.510 1.00 32.88 ? 74   ASP A N   1 
ATOM   575  C CA  . ASP A 1 74  ? 3.964   -13.991 -19.061 1.00 33.04 ? 74   ASP A CA  1 
ATOM   576  C C   . ASP A 1 74  ? 4.597   -14.061 -17.656 1.00 32.80 ? 74   ASP A C   1 
ATOM   577  O O   . ASP A 1 74  ? 5.145   -15.095 -17.290 1.00 32.98 ? 74   ASP A O   1 
ATOM   578  C CB  . ASP A 1 74  ? 4.903   -14.628 -20.103 1.00 33.37 ? 74   ASP A CB  1 
ATOM   579  C CG  . ASP A 1 74  ? 6.165   -13.806 -20.335 1.00 34.25 ? 74   ASP A CG  1 
ATOM   580  O OD1 . ASP A 1 74  ? 6.300   -12.701 -19.747 1.00 33.63 ? 74   ASP A OD1 1 
ATOM   581  O OD2 . ASP A 1 74  ? 7.021   -14.273 -21.117 1.00 35.78 ? 74   ASP A OD2 1 
ATOM   582  N N   . PHE A 1 75  ? 4.546   -12.974 -16.880 1.00 32.57 ? 75   PHE A N   1 
ATOM   583  C CA  . PHE A 1 75  ? 5.067   -12.999 -15.495 1.00 31.88 ? 75   PHE A CA  1 
ATOM   584  C C   . PHE A 1 75  ? 4.196   -13.923 -14.654 1.00 31.78 ? 75   PHE A C   1 
ATOM   585  O O   . PHE A 1 75  ? 2.978   -13.947 -14.833 1.00 31.42 ? 75   PHE A O   1 
ATOM   586  C CB  . PHE A 1 75  ? 5.126   -11.590 -14.862 1.00 31.88 ? 75   PHE A CB  1 
ATOM   587  C CG  . PHE A 1 75  ? 5.676   -11.575 -13.444 1.00 31.27 ? 75   PHE A CG  1 
ATOM   588  C CD1 . PHE A 1 75  ? 7.045   -11.664 -13.205 1.00 32.40 ? 75   PHE A CD1 1 
ATOM   589  C CD2 . PHE A 1 75  ? 4.818   -11.487 -12.346 1.00 31.76 ? 75   PHE A CD2 1 
ATOM   590  C CE1 . PHE A 1 75  ? 7.547   -11.660 -11.891 1.00 31.59 ? 75   PHE A CE1 1 
ATOM   591  C CE2 . PHE A 1 75  ? 5.306   -11.492 -11.031 1.00 30.06 ? 75   PHE A CE2 1 
ATOM   592  C CZ  . PHE A 1 75  ? 6.667   -11.579 -10.803 1.00 32.72 ? 75   PHE A CZ  1 
ATOM   593  N N   . VAL A 1 76  ? 4.810   -14.690 -13.755 1.00 31.52 ? 76   VAL A N   1 
ATOM   594  C CA  . VAL A 1 76  ? 4.039   -15.602 -12.906 1.00 32.10 ? 76   VAL A CA  1 
ATOM   595  C C   . VAL A 1 76  ? 4.199   -15.309 -11.420 1.00 31.96 ? 76   VAL A C   1 
ATOM   596  O O   . VAL A 1 76  ? 5.315   -15.139 -10.918 1.00 32.05 ? 76   VAL A O   1 
ATOM   597  C CB  . VAL A 1 76  ? 4.252   -17.126 -13.241 1.00 32.21 ? 76   VAL A CB  1 
ATOM   598  C CG1 . VAL A 1 76  ? 3.741   -17.447 -14.655 1.00 32.86 ? 76   VAL A CG1 1 
ATOM   599  C CG2 . VAL A 1 76  ? 5.716   -17.556 -13.085 1.00 33.16 ? 76   VAL A CG2 1 
ATOM   600  N N   . ALA A 1 77  ? 3.058   -15.208 -10.740 1.00 32.12 ? 77   ALA A N   1 
ATOM   601  C CA  . ALA A 1 77  ? 2.999   -14.921 -9.311  1.00 31.63 ? 77   ALA A CA  1 
ATOM   602  C C   . ALA A 1 77  ? 2.119   -16.020 -8.691  1.00 31.88 ? 77   ALA A C   1 
ATOM   603  O O   . ALA A 1 77  ? 0.875   -15.994 -8.821  1.00 32.03 ? 77   ALA A O   1 
ATOM   604  C CB  . ALA A 1 77  ? 2.410   -13.521 -9.059  1.00 31.52 ? 77   ALA A CB  1 
ATOM   605  N N   . GLU A 1 78  ? 2.771   -16.989 -8.048  1.00 31.20 ? 78   GLU A N   1 
ATOM   606  C CA  . GLU A 1 78  ? 2.076   -18.172 -7.548  1.00 30.82 ? 78   GLU A CA  1 
ATOM   607  C C   . GLU A 1 78  ? 1.066   -17.802 -6.471  1.00 30.45 ? 78   GLU A C   1 
ATOM   608  O O   . GLU A 1 78  ? 1.428   -17.296 -5.413  1.00 29.74 ? 78   GLU A O   1 
ATOM   609  C CB  . GLU A 1 78  ? 3.064   -19.226 -7.029  1.00 31.45 ? 78   GLU A CB  1 
ATOM   610  C CG  . GLU A 1 78  ? 2.426   -20.421 -6.264  1.00 31.32 ? 78   GLU A CG  1 
ATOM   611  C CD  . GLU A 1 78  ? 1.459   -21.270 -7.104  1.00 33.05 ? 78   GLU A CD  1 
ATOM   612  O OE1 . GLU A 1 78  ? 1.590   -21.332 -8.345  1.00 34.14 ? 78   GLU A OE1 1 
ATOM   613  O OE2 . GLU A 1 78  ? 0.562   -21.900 -6.508  1.00 34.18 ? 78   GLU A OE2 1 
ATOM   614  N N   . GLY A 1 79  ? -0.202  -18.063 -6.760  1.00 30.62 ? 79   GLY A N   1 
ATOM   615  C CA  . GLY A 1 79  ? -1.279  -17.747 -5.830  1.00 30.27 ? 79   GLY A CA  1 
ATOM   616  C C   . GLY A 1 79  ? -1.822  -16.345 -6.004  1.00 30.56 ? 79   GLY A C   1 
ATOM   617  O O   . GLY A 1 79  ? -2.539  -15.858 -5.120  1.00 30.77 ? 79   GLY A O   1 
ATOM   618  N N   . ALA A 1 80  ? -1.478  -15.703 -7.131  1.00 30.64 ? 80   ALA A N   1 
ATOM   619  C CA  . ALA A 1 80  ? -1.967  -14.356 -7.483  1.00 30.46 ? 80   ALA A CA  1 
ATOM   620  C C   . ALA A 1 80  ? -2.370  -14.266 -8.948  1.00 30.55 ? 80   ALA A C   1 
ATOM   621  O O   . ALA A 1 80  ? -1.868  -15.011 -9.784  1.00 30.75 ? 80   ALA A O   1 
ATOM   622  C CB  . ALA A 1 80  ? -0.908  -13.294 -7.178  1.00 30.35 ? 80   ALA A CB  1 
ATOM   623  N N   . ARG A 1 81  ? -3.278  -13.350 -9.259  1.00 30.18 ? 81   ARG A N   1 
ATOM   624  C CA  . ARG A 1 81  ? -3.616  -13.041 -10.641 1.00 30.54 ? 81   ARG A CA  1 
ATOM   625  C C   . ARG A 1 81  ? -2.688  -11.930 -11.144 1.00 29.57 ? 81   ARG A C   1 
ATOM   626  O O   . ARG A 1 81  ? -2.522  -10.917 -10.467 1.00 28.35 ? 81   ARG A O   1 
ATOM   627  C CB  . ARG A 1 81  ? -5.065  -12.582 -10.716 1.00 31.47 ? 81   ARG A CB  1 
ATOM   628  C CG  . ARG A 1 81  ? -5.475  -11.981 -12.028 1.00 36.04 ? 81   ARG A CG  1 
ATOM   629  C CD  . ARG A 1 81  ? -5.681  -13.058 -13.067 1.00 42.43 ? 81   ARG A CD  1 
ATOM   630  N NE  . ARG A 1 81  ? -6.554  -14.105 -12.542 1.00 48.47 ? 81   ARG A NE  1 
ATOM   631  C CZ  . ARG A 1 81  ? -7.775  -14.384 -12.999 1.00 51.82 ? 81   ARG A CZ  1 
ATOM   632  N NH1 . ARG A 1 81  ? -8.298  -13.707 -14.022 1.00 53.35 ? 81   ARG A NH1 1 
ATOM   633  N NH2 . ARG A 1 81  ? -8.471  -15.366 -12.442 1.00 53.30 ? 81   ARG A NH2 1 
ATOM   634  N N   . VAL A 1 82  ? -2.094  -12.121 -12.326 1.00 28.35 ? 82   VAL A N   1 
ATOM   635  C CA  . VAL A 1 82  ? -1.209  -11.090 -12.913 1.00 28.21 ? 82   VAL A CA  1 
ATOM   636  C C   . VAL A 1 82  ? -2.000  -10.186 -13.871 1.00 28.30 ? 82   VAL A C   1 
ATOM   637  O O   . VAL A 1 82  ? -2.669  -10.680 -14.797 1.00 27.99 ? 82   VAL A O   1 
ATOM   638  C CB  . VAL A 1 82  ? 0.018   -11.716 -13.628 1.00 28.55 ? 82   VAL A CB  1 
ATOM   639  C CG1 . VAL A 1 82  ? 0.902   -10.615 -14.262 1.00 27.37 ? 82   VAL A CG1 1 
ATOM   640  C CG2 . VAL A 1 82  ? 0.832   -12.551 -12.644 1.00 27.51 ? 82   VAL A CG2 1 
ATOM   641  N N   . ALA A 1 83  ? -1.931  -8.875  -13.642 1.00 28.07 ? 83   ALA A N   1 
ATOM   642  C CA  . ALA A 1 83  ? -2.655  -7.896  -14.457 1.00 28.22 ? 83   ALA A CA  1 
ATOM   643  C C   . ALA A 1 83  ? -1.736  -6.972  -15.237 1.00 28.20 ? 83   ALA A C   1 
ATOM   644  O O   . ALA A 1 83  ? -0.733  -6.475  -14.700 1.00 28.46 ? 83   ALA A O   1 
ATOM   645  C CB  . ALA A 1 83  ? -3.606  -7.082  -13.586 1.00 28.06 ? 83   ALA A CB  1 
ATOM   646  N N   . GLY A 1 84  ? -2.099  -6.705  -16.492 1.00 28.40 ? 84   GLY A N   1 
ATOM   647  C CA  . GLY A 1 84  ? -1.287  -5.852  -17.370 1.00 28.79 ? 84   GLY A CA  1 
ATOM   648  C C   . GLY A 1 84  ? -1.413  -4.343  -17.225 1.00 29.26 ? 84   GLY A C   1 
ATOM   649  O O   . GLY A 1 84  ? -0.728  -3.598  -17.937 1.00 29.08 ? 84   GLY A O   1 
ATOM   650  N N   . SER A 1 85  ? -2.298  -3.888  -16.335 1.00 29.03 ? 85   SER A N   1 
ATOM   651  C CA  . SER A 1 85  ? -2.551  -2.459  -16.091 1.00 29.87 ? 85   SER A CA  1 
ATOM   652  C C   . SER A 1 85  ? -3.356  -2.337  -14.791 1.00 30.93 ? 85   SER A C   1 
ATOM   653  O O   . SER A 1 85  ? -3.899  -3.330  -14.294 1.00 30.82 ? 85   SER A O   1 
ATOM   654  C CB  . SER A 1 85  ? -3.328  -1.806  -17.248 1.00 29.63 ? 85   SER A CB  1 
ATOM   655  O OG  . SER A 1 85  ? -4.682  -2.256  -17.293 1.00 28.98 ? 85   SER A OG  1 
ATOM   656  N N   . LEU A 1 86  ? -3.418  -1.135  -14.226 1.00 32.05 ? 86   LEU A N   1 
ATOM   657  C CA  . LEU A 1 86  ? -4.256  -0.920  -13.058 1.00 33.10 ? 86   LEU A CA  1 
ATOM   658  C C   . LEU A 1 86  ? -5.733  -1.058  -13.437 1.00 32.97 ? 86   LEU A C   1 
ATOM   659  O O   . LEU A 1 86  ? -6.567  -1.474  -12.638 1.00 33.26 ? 86   LEU A O   1 
ATOM   660  C CB  . LEU A 1 86  ? -3.999  0.453   -12.448 1.00 34.21 ? 86   LEU A CB  1 
ATOM   661  C CG  . LEU A 1 86  ? -4.708  0.514   -11.099 1.00 35.83 ? 86   LEU A CG  1 
ATOM   662  C CD1 . LEU A 1 86  ? -3.797  -0.007  -9.983  1.00 35.88 ? 86   LEU A CD1 1 
ATOM   663  C CD2 . LEU A 1 86  ? -5.224  1.916   -10.858 1.00 37.63 ? 86   LEU A CD2 1 
ATOM   664  N N   . GLU A 1 87  ? -6.044  -0.692  -14.669 1.00 32.86 ? 87   GLU A N   1 
ATOM   665  C CA  . GLU A 1 87  ? -7.370  -0.894  -15.217 1.00 32.62 ? 87   GLU A CA  1 
ATOM   666  C C   . GLU A 1 87  ? -7.748  -2.400  -15.214 1.00 31.80 ? 87   GLU A C   1 
ATOM   667  O O   . GLU A 1 87  ? -8.883  -2.761  -14.833 1.00 31.66 ? 87   GLU A O   1 
ATOM   668  C CB  . GLU A 1 87  ? -7.445  -0.267  -16.613 1.00 33.64 ? 87   GLU A CB  1 
ATOM   669  C CG  . GLU A 1 87  ? -7.254  1.276   -16.629 1.00 36.44 ? 87   GLU A CG  1 
ATOM   670  C CD  . GLU A 1 87  ? -5.844  1.729   -16.220 1.00 40.92 ? 87   GLU A CD  1 
ATOM   671  O OE1 . GLU A 1 87  ? -4.848  1.153   -16.718 1.00 41.90 ? 87   GLU A OE1 1 
ATOM   672  O OE2 . GLU A 1 87  ? -5.726  2.664   -15.389 1.00 43.87 ? 87   GLU A OE2 1 
ATOM   673  N N   . ALA A 1 88  ? -6.808  -3.270  -15.601 1.00 29.99 ? 88   ALA A N   1 
ATOM   674  C CA  . ALA A 1 88  ? -7.064  -4.724  -15.611 1.00 29.30 ? 88   ALA A CA  1 
ATOM   675  C C   . ALA A 1 88  ? -7.150  -5.286  -14.193 1.00 28.47 ? 88   ALA A C   1 
ATOM   676  O O   . ALA A 1 88  ? -7.960  -6.171  -13.910 1.00 28.54 ? 88   ALA A O   1 
ATOM   677  C CB  . ALA A 1 88  ? -6.009  -5.462  -16.408 1.00 29.12 ? 88   ALA A CB  1 
ATOM   678  N N   . ALA A 1 89  ? -6.314  -4.757  -13.303 1.00 27.96 ? 89   ALA A N   1 
ATOM   679  C CA  . ALA A 1 89  ? -6.337  -5.131  -11.887 1.00 27.06 ? 89   ALA A CA  1 
ATOM   680  C C   . ALA A 1 89  ? -7.668  -4.812  -11.222 1.00 26.88 ? 89   ALA A C   1 
ATOM   681  O O   . ALA A 1 89  ? -8.184  -5.619  -10.445 1.00 26.25 ? 89   ALA A O   1 
ATOM   682  C CB  . ALA A 1 89  ? -5.212  -4.455  -11.144 1.00 26.81 ? 89   ALA A CB  1 
ATOM   683  N N   . LEU A 1 90  ? -8.218  -3.638  -11.533 1.00 27.38 ? 90   LEU A N   1 
ATOM   684  C CA  . LEU A 1 90  ? -9.490  -3.214  -10.955 1.00 27.77 ? 90   LEU A CA  1 
ATOM   685  C C   . LEU A 1 90  ? -10.640 -4.041  -11.470 1.00 28.60 ? 90   LEU A C   1 
ATOM   686  O O   . LEU A 1 90  ? -11.587 -4.329  -10.725 1.00 28.45 ? 90   LEU A O   1 
ATOM   687  C CB  . LEU A 1 90  ? -9.733  -1.718  -11.152 1.00 27.22 ? 90   LEU A CB  1 
ATOM   688  C CG  . LEU A 1 90  ? -8.798  -0.826  -10.321 1.00 27.51 ? 90   LEU A CG  1 
ATOM   689  C CD1 . LEU A 1 90  ? -8.909  0.625   -10.707 1.00 28.81 ? 90   LEU A CD1 1 
ATOM   690  C CD2 . LEU A 1 90  ? -9.011  -0.997  -8.815  1.00 26.29 ? 90   LEU A CD2 1 
ATOM   691  N N   . ALA A 1 91  ? -10.546 -4.448  -12.740 1.00 29.07 ? 91   ALA A N   1 
ATOM   692  C CA  . ALA A 1 91  ? -11.501 -5.373  -13.334 1.00 29.07 ? 91   ALA A CA  1 
ATOM   693  C C   . ALA A 1 91  ? -11.517 -6.722  -12.593 1.00 29.67 ? 91   ALA A C   1 
ATOM   694  O O   . ALA A 1 91  ? -12.599 -7.272  -12.322 1.00 28.72 ? 91   ALA A O   1 
ATOM   695  C CB  . ALA A 1 91  ? -11.188 -5.564  -14.820 1.00 29.03 ? 91   ALA A CB  1 
ATOM   696  N N   . TYR A 1 92  ? -10.328 -7.220  -12.227 1.00 29.66 ? 92   TYR A N   1 
ATOM   697  C CA  . TYR A 1 92  ? -10.189 -8.493  -11.500 1.00 30.62 ? 92   TYR A CA  1 
ATOM   698  C C   . TYR A 1 92  ? -10.736 -8.471  -10.076 1.00 30.39 ? 92   TYR A C   1 
ATOM   699  O O   . TYR A 1 92  ? -10.967 -9.527  -9.459  1.00 31.41 ? 92   TYR A O   1 
ATOM   700  C CB  . TYR A 1 92  ? -8.734  -8.960  -11.454 1.00 31.26 ? 92   TYR A CB  1 
ATOM   701  C CG  . TYR A 1 92  ? -8.180  -9.513  -12.750 1.00 34.11 ? 92   TYR A CG  1 
ATOM   702  C CD1 . TYR A 1 92  ? -8.846  -10.521 -13.455 1.00 35.63 ? 92   TYR A CD1 1 
ATOM   703  C CD2 . TYR A 1 92  ? -6.960  -9.061  -13.249 1.00 35.40 ? 92   TYR A CD2 1 
ATOM   704  C CE1 . TYR A 1 92  ? -8.311  -11.030 -14.648 1.00 36.89 ? 92   TYR A CE1 1 
ATOM   705  C CE2 . TYR A 1 92  ? -6.422  -9.571  -14.439 1.00 34.49 ? 92   TYR A CE2 1 
ATOM   706  C CZ  . TYR A 1 92  ? -7.090  -10.539 -15.119 1.00 35.16 ? 92   TYR A CZ  1 
ATOM   707  O OH  . TYR A 1 92  ? -6.530  -11.019 -16.288 1.00 36.84 ? 92   TYR A OH  1 
ATOM   708  N N   . ALA A 1 93  ? -10.932 -7.275  -9.547  1.00 29.43 ? 93   ALA A N   1 
ATOM   709  C CA  . ALA A 1 93  ? -11.483 -7.127  -8.221  1.00 28.97 ? 93   ALA A CA  1 
ATOM   710  C C   . ALA A 1 93  ? -12.981 -7.483  -8.239  1.00 28.68 ? 93   ALA A C   1 
ATOM   711  O O   . ALA A 1 93  ? -13.567 -7.795  -7.198  1.00 27.88 ? 93   ALA A O   1 
ATOM   712  C CB  . ALA A 1 93  ? -11.244 -5.693  -7.697  1.00 28.61 ? 93   ALA A CB  1 
ATOM   713  N N   . GLY A 1 94  ? -13.573 -7.446  -9.432  1.00 29.33 ? 94   GLY A N   1 
ATOM   714  C CA  . GLY A 1 94  ? -14.977 -7.838  -9.627  1.00 29.99 ? 94   GLY A CA  1 
ATOM   715  C C   . GLY A 1 94  ? -15.916 -7.021  -8.766  1.00 30.47 ? 94   GLY A C   1 
ATOM   716  O O   . GLY A 1 94  ? -15.902 -5.791  -8.818  1.00 31.49 ? 94   GLY A O   1 
ATOM   717  N N   . SER A 1 95  ? -16.700 -7.703  -7.942  1.00 31.10 ? 95   SER A N   1 
ATOM   718  C CA  . SER A 1 95  ? -17.753 -7.063  -7.154  1.00 31.06 ? 95   SER A CA  1 
ATOM   719  C C   . SER A 1 95  ? -17.280 -6.535  -5.791  1.00 30.99 ? 95   SER A C   1 
ATOM   720  O O   . SER A 1 95  ? -18.092 -6.068  -4.984  1.00 30.70 ? 95   SER A O   1 
ATOM   721  C CB  . SER A 1 95  ? -18.947 -8.023  -7.010  1.00 32.59 ? 95   SER A CB  1 
ATOM   722  O OG  . SER A 1 95  ? -18.672 -9.070  -6.087  1.00 35.13 ? 95   SER A OG  1 
ATOM   723  N N   . ASP A 1 96  ? -15.965 -6.596  -5.543  1.00 28.27 ? 96   ASP A N   1 
ATOM   724  C CA  . ASP A 1 96  ? -15.392 -6.145  -4.272  1.00 28.32 ? 96   ASP A CA  1 
ATOM   725  C C   . ASP A 1 96  ? -15.738 -4.676  -4.146  1.00 27.65 ? 96   ASP A C   1 
ATOM   726  O O   . ASP A 1 96  ? -15.393 -3.879  -5.021  1.00 27.59 ? 96   ASP A O   1 
ATOM   727  C CB  . ASP A 1 96  ? -13.877 -6.375  -4.281  1.00 27.18 ? 96   ASP A CB  1 
ATOM   728  C CG  . ASP A 1 96  ? -13.168 -5.939  -2.990  1.00 28.34 ? 96   ASP A CG  1 
ATOM   729  O OD1 . ASP A 1 96  ? -13.766 -5.360  -2.051  1.00 25.62 ? 96   ASP A OD1 1 
ATOM   730  O OD2 . ASP A 1 96  ? -11.946 -6.162  -2.947  1.00 29.10 ? 96   ASP A OD2 1 
ATOM   731  N N   . PRO A 1 97  ? -16.464 -4.319  -3.086  1.00 27.78 ? 97   PRO A N   1 
ATOM   732  C CA  . PRO A 1 97  ? -16.829 -2.917  -2.904  1.00 28.09 ? 97   PRO A CA  1 
ATOM   733  C C   . PRO A 1 97  ? -15.689 -1.998  -2.493  1.00 27.41 ? 97   PRO A C   1 
ATOM   734  O O   . PRO A 1 97  ? -15.841 -0.758  -2.570  1.00 27.31 ? 97   PRO A O   1 
ATOM   735  C CB  . PRO A 1 97  ? -17.876 -2.984  -1.795  1.00 28.73 ? 97   PRO A CB  1 
ATOM   736  C CG  . PRO A 1 97  ? -17.466 -4.174  -0.987  1.00 29.43 ? 97   PRO A CG  1 
ATOM   737  C CD  . PRO A 1 97  ? -17.028 -5.173  -2.024  1.00 28.53 ? 97   PRO A CD  1 
ATOM   738  N N   . ALA A 1 98  ? -14.573 -2.585  -2.032  1.00 26.62 ? 98   ALA A N   1 
ATOM   739  C CA  . ALA A 1 98  ? -13.426 -1.818  -1.549  1.00 25.94 ? 98   ALA A CA  1 
ATOM   740  C C   . ALA A 1 98  ? -12.060 -2.501  -1.807  1.00 24.67 ? 98   ALA A C   1 
ATOM   741  O O   . ALA A 1 98  ? -11.424 -2.951  -0.864  1.00 26.22 ? 98   ALA A O   1 
ATOM   742  C CB  . ALA A 1 98  ? -13.581 -1.520  -0.033  1.00 26.07 ? 98   ALA A CB  1 
ATOM   743  N N   . PRO A 1 99  ? -11.600 -2.547  -3.066  1.00 23.54 ? 99   PRO A N   1 
ATOM   744  C CA  . PRO A 1 99  ? -10.268 -3.118  -3.311  1.00 23.33 ? 99   PRO A CA  1 
ATOM   745  C C   . PRO A 1 99  ? -9.221  -2.135  -2.796  1.00 22.94 ? 99   PRO A C   1 
ATOM   746  O O   . PRO A 1 99  ? -9.494  -0.940  -2.772  1.00 22.50 ? 99   PRO A O   1 
ATOM   747  C CB  . PRO A 1 99  ? -10.213 -3.206  -4.842  1.00 23.24 ? 99   PRO A CB  1 
ATOM   748  C CG  . PRO A 1 99  ? -11.106 -2.037  -5.312  1.00 23.54 ? 99   PRO A CG  1 
ATOM   749  C CD  . PRO A 1 99  ? -12.240 -2.059  -4.311  1.00 23.27 ? 99   PRO A CD  1 
ATOM   750  N N   . TRP A 1 100 ? -8.045  -2.635  -2.409  1.00 23.15 ? 100  TRP A N   1 
ATOM   751  C CA  . TRP A 1 100 ? -6.987  -1.817  -1.820  1.00 22.49 ? 100  TRP A CA  1 
ATOM   752  C C   . TRP A 1 100 ? -5.746  -1.938  -2.653  1.00 22.77 ? 100  TRP A C   1 
ATOM   753  O O   . TRP A 1 100 ? -5.344  -3.042  -3.033  1.00 23.19 ? 100  TRP A O   1 
ATOM   754  C CB  . TRP A 1 100 ? -6.692  -2.287  -0.376  1.00 23.30 ? 100  TRP A CB  1 
ATOM   755  C CG  . TRP A 1 100 ? -7.750  -1.820  0.549   1.00 22.30 ? 100  TRP A CG  1 
ATOM   756  C CD1 . TRP A 1 100 ? -8.871  -2.513  0.919   1.00 22.47 ? 100  TRP A CD1 1 
ATOM   757  C CD2 . TRP A 1 100 ? -7.837  -0.535  1.170   1.00 23.02 ? 100  TRP A CD2 1 
ATOM   758  N NE1 . TRP A 1 100 ? -9.646  -1.742  1.739   1.00 24.84 ? 100  TRP A NE1 1 
ATOM   759  C CE2 . TRP A 1 100 ? -9.038  -0.518  1.906   1.00 24.21 ? 100  TRP A CE2 1 
ATOM   760  C CE3 . TRP A 1 100 ? -7.016  0.619   1.165   1.00 23.58 ? 100  TRP A CE3 1 
ATOM   761  C CZ2 . TRP A 1 100 ? -9.456  0.603   2.639   1.00 25.53 ? 100  TRP A CZ2 1 
ATOM   762  C CZ3 . TRP A 1 100 ? -7.399  1.704   1.919   1.00 23.19 ? 100  TRP A CZ3 1 
ATOM   763  C CH2 . TRP A 1 100 ? -8.632  1.706   2.634   1.00 22.62 ? 100  TRP A CH2 1 
ATOM   764  N N   . VAL A 1 101 ? -5.135  -0.803  -2.946  1.00 22.20 ? 101  VAL A N   1 
ATOM   765  C CA  . VAL A 1 101 ? -3.828  -0.805  -3.619  1.00 21.99 ? 101  VAL A CA  1 
ATOM   766  C C   . VAL A 1 101 ? -2.778  -0.730  -2.502  1.00 23.55 ? 101  VAL A C   1 
ATOM   767  O O   . VAL A 1 101 ? -2.852  0.187   -1.659  1.00 22.95 ? 101  VAL A O   1 
ATOM   768  C CB  . VAL A 1 101 ? -3.731  0.370   -4.580  1.00 23.18 ? 101  VAL A CB  1 
ATOM   769  C CG1 . VAL A 1 101 ? -2.305  0.530   -5.125  1.00 23.67 ? 101  VAL A CG1 1 
ATOM   770  C CG2 . VAL A 1 101 ? -4.780  0.160   -5.721  1.00 19.19 ? 101  VAL A CG2 1 
ATOM   771  N N   . ILE A 1 102 ? -1.821  -1.680  -2.513  1.00 22.57 ? 102  ILE A N   1 
ATOM   772  C CA  . ILE A 1 102 ? -0.905  -1.873  -1.360  1.00 23.45 ? 102  ILE A CA  1 
ATOM   773  C C   . ILE A 1 102 ? 0.578   -1.611  -1.677  1.00 23.71 ? 102  ILE A C   1 
ATOM   774  O O   . ILE A 1 102 ? 1.482   -1.982  -0.884  1.00 23.92 ? 102  ILE A O   1 
ATOM   775  C CB  . ILE A 1 102 ? -1.098  -3.290  -0.720  1.00 22.93 ? 102  ILE A CB  1 
ATOM   776  C CG1 . ILE A 1 102 ? -0.567  -4.387  -1.662  1.00 25.15 ? 102  ILE A CG1 1 
ATOM   777  C CG2 . ILE A 1 102 ? -2.608  -3.512  -0.352  1.00 23.22 ? 102  ILE A CG2 1 
ATOM   778  C CD1 . ILE A 1 102 ? -0.314  -5.729  -0.985  1.00 21.85 ? 102  ILE A CD1 1 
ATOM   779  N N   . GLY A 1 103 ? 0.841   -0.962  -2.816  1.00 23.84 ? 103  GLY A N   1 
ATOM   780  C CA  . GLY A 1 103 ? 2.230   -0.560  -3.132  1.00 21.88 ? 103  GLY A CA  1 
ATOM   781  C C   . GLY A 1 103 ? 2.711   -1.111  -4.470  1.00 22.40 ? 103  GLY A C   1 
ATOM   782  O O   . GLY A 1 103 ? 2.022   -1.924  -5.077  1.00 22.88 ? 103  GLY A O   1 
ATOM   783  N N   . GLY A 1 104 ? 3.874   -0.645  -4.945  1.00 22.01 ? 104  GLY A N   1 
ATOM   784  C CA  . GLY A 1 104 ? 4.623   0.377   -4.218  1.00 22.74 ? 104  GLY A CA  1 
ATOM   785  C C   . GLY A 1 104 ? 4.482   1.765   -4.819  1.00 23.40 ? 104  GLY A C   1 
ATOM   786  O O   . GLY A 1 104 ? 3.404   2.161   -5.310  1.00 23.24 ? 104  GLY A O   1 
ATOM   787  N N   . ALA A 1 105 ? 5.605   2.492   -4.845  1.00 23.56 ? 105  ALA A N   1 
ATOM   788  C CA  . ALA A 1 105 ? 5.614   3.887   -5.274  1.00 24.17 ? 105  ALA A CA  1 
ATOM   789  C C   . ALA A 1 105 ? 5.024   4.108   -6.686  1.00 23.80 ? 105  ALA A C   1 
ATOM   790  O O   . ALA A 1 105 ? 4.172   4.964   -6.896  1.00 23.85 ? 105  ALA A O   1 
ATOM   791  C CB  . ALA A 1 105 ? 7.076   4.469   -5.181  1.00 24.62 ? 105  ALA A CB  1 
ATOM   792  N N   . GLN A 1 106 ? 5.452   3.310   -7.658  1.00 23.96 ? 106  GLN A N   1 
ATOM   793  C CA  . GLN A 1 106 ? 4.962   3.486   -9.019  1.00 23.93 ? 106  GLN A CA  1 
ATOM   794  C C   . GLN A 1 106 ? 3.473   3.173   -9.101  1.00 23.94 ? 106  GLN A C   1 
ATOM   795  O O   . GLN A 1 106 ? 2.708   3.889   -9.774  1.00 24.14 ? 106  GLN A O   1 
ATOM   796  C CB  . GLN A 1 106 ? 5.714   2.578   -10.001 1.00 23.54 ? 106  GLN A CB  1 
ATOM   797  C CG  . GLN A 1 106 ? 7.234   2.745   -10.044 1.00 24.80 ? 106  GLN A CG  1 
ATOM   798  C CD  . GLN A 1 106 ? 7.855   1.801   -11.044 1.00 26.30 ? 106  GLN A CD  1 
ATOM   799  O OE1 . GLN A 1 106 ? 7.200   1.355   -11.985 1.00 25.49 ? 106  GLN A OE1 1 
ATOM   800  N NE2 . GLN A 1 106 ? 9.134   1.500   -10.853 1.00 31.65 ? 106  GLN A NE2 1 
ATOM   801  N N   . ILE A 1 107 ? 3.053   2.085   -8.457  1.00 23.42 ? 107  ILE A N   1 
ATOM   802  C CA  . ILE A 1 107 ? 1.639   1.730   -8.491  1.00 23.99 ? 107  ILE A CA  1 
ATOM   803  C C   . ILE A 1 107 ? 0.708   2.716   -7.733  1.00 23.49 ? 107  ILE A C   1 
ATOM   804  O O   . ILE A 1 107 ? -0.449  2.898   -8.133  1.00 23.40 ? 107  ILE A O   1 
ATOM   805  C CB  . ILE A 1 107 ? 1.396   0.251   -8.046  1.00 23.09 ? 107  ILE A CB  1 
ATOM   806  C CG1 . ILE A 1 107 ? 1.844   -0.770  -9.111  1.00 25.31 ? 107  ILE A CG1 1 
ATOM   807  C CG2 . ILE A 1 107 ? -0.068  -0.012  -7.716  1.00 26.28 ? 107  ILE A CG2 1 
ATOM   808  C CD1 . ILE A 1 107 ? 2.292   -0.281  -10.471 1.00 27.46 ? 107  ILE A CD1 1 
ATOM   809  N N   . TYR A 1 108 ? 1.178   3.334   -6.651  1.00 24.23 ? 108  TYR A N   1 
ATOM   810  C CA  . TYR A 1 108 ? 0.373   4.394   -6.007  1.00 24.60 ? 108  TYR A CA  1 
ATOM   811  C C   . TYR A 1 108 ? 0.091   5.542   -6.966  1.00 24.63 ? 108  TYR A C   1 
ATOM   812  O O   . TYR A 1 108 ? -1.019  6.051   -6.996  1.00 24.75 ? 108  TYR A O   1 
ATOM   813  C CB  . TYR A 1 108 ? 1.021   4.945   -4.735  1.00 24.88 ? 108  TYR A CB  1 
ATOM   814  C CG  . TYR A 1 108 ? 1.104   3.948   -3.593  1.00 24.24 ? 108  TYR A CG  1 
ATOM   815  C CD1 . TYR A 1 108 ? -0.024  3.231   -3.175  1.00 21.92 ? 108  TYR A CD1 1 
ATOM   816  C CD2 . TYR A 1 108 ? 2.299   3.766   -2.892  1.00 24.10 ? 108  TYR A CD2 1 
ATOM   817  C CE1 . TYR A 1 108 ? 0.060   2.289   -2.118  1.00 24.33 ? 108  TYR A CE1 1 
ATOM   818  C CE2 . TYR A 1 108 ? 2.388   2.863   -1.823  1.00 21.49 ? 108  TYR A CE2 1 
ATOM   819  C CZ  . TYR A 1 108 ? 1.277   2.127   -1.444  1.00 23.62 ? 108  TYR A CZ  1 
ATOM   820  O OH  . TYR A 1 108 ? 1.384   1.236   -0.387  1.00 24.91 ? 108  TYR A OH  1 
ATOM   821  N N   . LEU A 1 109 ? 1.096   5.974   -7.730  1.00 25.31 ? 109  LEU A N   1 
ATOM   822  C CA  . LEU A 1 109 ? 0.889   7.063   -8.721  1.00 25.13 ? 109  LEU A CA  1 
ATOM   823  C C   . LEU A 1 109 ? -0.118  6.653   -9.793  1.00 24.88 ? 109  LEU A C   1 
ATOM   824  O O   . LEU A 1 109 ? -0.928  7.462   -10.242 1.00 24.85 ? 109  LEU A O   1 
ATOM   825  C CB  . LEU A 1 109 ? 2.215   7.530   -9.354  1.00 24.91 ? 109  LEU A CB  1 
ATOM   826  C CG  . LEU A 1 109 ? 3.200   8.192   -8.383  1.00 24.29 ? 109  LEU A CG  1 
ATOM   827  C CD1 . LEU A 1 109 ? 4.459   8.637   -9.131  1.00 25.24 ? 109  LEU A CD1 1 
ATOM   828  C CD2 . LEU A 1 109 ? 2.550   9.410   -7.657  1.00 26.09 ? 109  LEU A CD2 1 
ATOM   829  N N   A LEU A 1 110 ? -0.064  5.397   -10.216 0.50 24.44 ? 110  LEU A N   1 
ATOM   830  N N   B LEU A 1 110 ? -0.060  5.386   -10.180 0.50 24.39 ? 110  LEU A N   1 
ATOM   831  C CA  A LEU A 1 110 ? -1.009  4.911   -11.207 0.50 24.49 ? 110  LEU A CA  1 
ATOM   832  C CA  B LEU A 1 110 ? -0.954  4.843   -11.180 0.50 24.34 ? 110  LEU A CA  1 
ATOM   833  C C   A LEU A 1 110 ? -2.446  4.929   -10.684 0.50 24.48 ? 110  LEU A C   1 
ATOM   834  C C   B LEU A 1 110 ? -2.416  4.794   -10.714 0.50 24.43 ? 110  LEU A C   1 
ATOM   835  O O   A LEU A 1 110 ? -3.366  5.285   -11.414 0.50 23.95 ? 110  LEU A O   1 
ATOM   836  O O   B LEU A 1 110 ? -3.322  4.972   -11.518 0.50 23.73 ? 110  LEU A O   1 
ATOM   837  C CB  A LEU A 1 110 ? -0.653  3.491   -11.658 0.50 24.28 ? 110  LEU A CB  1 
ATOM   838  C CB  B LEU A 1 110 ? -0.481  3.440   -11.574 0.50 24.17 ? 110  LEU A CB  1 
ATOM   839  C CG  A LEU A 1 110 ? 0.626   3.215   -12.446 0.50 23.86 ? 110  LEU A CG  1 
ATOM   840  C CG  B LEU A 1 110 ? -1.006  2.782   -12.848 0.50 24.21 ? 110  LEU A CG  1 
ATOM   841  C CD1 A LEU A 1 110 ? 0.623   1.725   -12.794 0.50 24.90 ? 110  LEU A CD1 1 
ATOM   842  C CD1 B LEU A 1 110 ? -0.663  3.623   -14.074 0.50 24.04 ? 110  LEU A CD1 1 
ATOM   843  C CD2 A LEU A 1 110 ? 0.734   4.079   -13.708 0.50 23.87 ? 110  LEU A CD2 1 
ATOM   844  C CD2 B LEU A 1 110 ? -0.391  1.400   -12.965 0.50 23.64 ? 110  LEU A CD2 1 
ATOM   845  N N   . ALA A 1 111 ? -2.631  4.543   -9.424  1.00 24.04 ? 111  ALA A N   1 
ATOM   846  C CA  . ALA A 1 111 ? -3.974  4.354   -8.861  1.00 24.35 ? 111  ALA A CA  1 
ATOM   847  C C   . ALA A 1 111 ? -4.548  5.605   -8.262  1.00 25.02 ? 111  ALA A C   1 
ATOM   848  O O   . ALA A 1 111 ? -5.756  5.695   -8.056  1.00 26.35 ? 111  ALA A O   1 
ATOM   849  C CB  . ALA A 1 111 ? -3.940  3.270   -7.786  1.00 24.10 ? 111  ALA A CB  1 
ATOM   850  N N   . LEU A 1 112 ? -3.686  6.564   -7.950  1.00 24.97 ? 112  LEU A N   1 
ATOM   851  C CA  . LEU A 1 112 ? -4.144  7.776   -7.294  1.00 26.15 ? 112  LEU A CA  1 
ATOM   852  C C   . LEU A 1 112 ? -5.344  8.462   -7.990  1.00 26.15 ? 112  LEU A C   1 
ATOM   853  O O   . LEU A 1 112 ? -6.260  8.878   -7.297  1.00 25.85 ? 112  LEU A O   1 
ATOM   854  C CB  . LEU A 1 112 ? -2.981  8.730   -7.009  1.00 24.98 ? 112  LEU A CB  1 
ATOM   855  C CG  . LEU A 1 112 ? -3.364  9.999   -6.267  1.00 26.02 ? 112  LEU A CG  1 
ATOM   856  C CD1 . LEU A 1 112 ? -3.748  9.700   -4.810  1.00 23.89 ? 112  LEU A CD1 1 
ATOM   857  C CD2 . LEU A 1 112 ? -2.232  11.031  -6.353  1.00 22.35 ? 112  LEU A CD2 1 
ATOM   858  N N   . PRO A 1 113 ? -5.372  8.540   -9.347  1.00 27.78 ? 113  PRO A N   1 
ATOM   859  C CA  . PRO A 1 113 ? -6.545  9.190   -9.985  1.00 28.04 ? 113  PRO A CA  1 
ATOM   860  C C   . PRO A 1 113 ? -7.877  8.458   -9.754  1.00 28.13 ? 113  PRO A C   1 
ATOM   861  O O   . PRO A 1 113 ? -8.936  9.087   -9.805  1.00 29.00 ? 113  PRO A O   1 
ATOM   862  C CB  . PRO A 1 113 ? -6.197  9.152   -11.482 1.00 28.43 ? 113  PRO A CB  1 
ATOM   863  C CG  . PRO A 1 113 ? -4.698  9.051   -11.512 1.00 29.25 ? 113  PRO A CG  1 
ATOM   864  C CD  . PRO A 1 113 ? -4.397  8.113   -10.370 1.00 27.52 ? 113  PRO A CD  1 
ATOM   865  N N   . HIS A 1 114 ? -7.815  7.151   -9.526  1.00 27.77 ? 114  HIS A N   1 
ATOM   866  C CA  . HIS A 1 114 ? -8.983  6.305   -9.266  1.00 27.25 ? 114  HIS A CA  1 
ATOM   867  C C   . HIS A 1 114 ? -9.411  6.292   -7.796  1.00 26.27 ? 114  HIS A C   1 
ATOM   868  O O   . HIS A 1 114 ? -10.495 5.787   -7.474  1.00 26.18 ? 114  HIS A O   1 
ATOM   869  C CB  . HIS A 1 114 ? -8.668  4.838   -9.606  1.00 28.59 ? 114  HIS A CB  1 
ATOM   870  C CG  . HIS A 1 114 ? -8.310  4.594   -11.035 1.00 31.19 ? 114  HIS A CG  1 
ATOM   871  N ND1 . HIS A 1 114 ? -9.251  4.278   -11.991 1.00 32.62 ? 114  HIS A ND1 1 
ATOM   872  C CD2 . HIS A 1 114 ? -7.114  4.587   -11.667 1.00 32.36 ? 114  HIS A CD2 1 
ATOM   873  C CE1 . HIS A 1 114 ? -8.655  4.109   -13.157 1.00 33.37 ? 114  HIS A CE1 1 
ATOM   874  N NE2 . HIS A 1 114 ? -7.359  4.287   -12.988 1.00 33.59 ? 114  HIS A NE2 1 
ATOM   875  N N   . ALA A 1 115 ? -8.549  6.791   -6.912  1.00 24.28 ? 115  ALA A N   1 
ATOM   876  C CA  . ALA A 1 115 ? -8.675  6.551   -5.470  1.00 23.54 ? 115  ALA A CA  1 
ATOM   877  C C   . ALA A 1 115 ? -9.656  7.498   -4.781  1.00 23.13 ? 115  ALA A C   1 
ATOM   878  O O   . ALA A 1 115 ? -9.744  8.694   -5.120  1.00 22.36 ? 115  ALA A O   1 
ATOM   879  C CB  . ALA A 1 115 ? -7.313  6.622   -4.797  1.00 23.10 ? 115  ALA A CB  1 
ATOM   880  N N   . THR A 1 116 ? -10.390 6.951   -3.806  1.00 21.81 ? 116  THR A N   1 
ATOM   881  C CA  . THR A 1 116 ? -11.325 7.725   -3.001  1.00 21.94 ? 116  THR A CA  1 
ATOM   882  C C   . THR A 1 116 ? -11.097 7.517   -1.510  1.00 21.38 ? 116  THR A C   1 
ATOM   883  O O   . THR A 1 116 ? -11.786 8.129   -0.720  1.00 20.76 ? 116  THR A O   1 
ATOM   884  C CB  . THR A 1 116 ? -12.794 7.355   -3.308  1.00 21.33 ? 116  THR A CB  1 
ATOM   885  O OG1 . THR A 1 116 ? -12.914 5.931   -3.363  1.00 25.41 ? 116  THR A OG1 1 
ATOM   886  C CG2 . THR A 1 116 ? -13.265 7.974   -4.645  1.00 23.66 ? 116  THR A CG2 1 
ATOM   887  N N   . ARG A 1 117 ? -10.148 6.655   -1.143  1.00 22.28 ? 117  ARG A N   1 
ATOM   888  C CA  . ARG A 1 117 ? -9.731  6.459   0.266   1.00 23.87 ? 117  ARG A CA  1 
ATOM   889  C C   . ARG A 1 117 ? -8.227  6.241   0.399   1.00 22.60 ? 117  ARG A C   1 
ATOM   890  O O   . ARG A 1 117 ? -7.635  5.537   -0.403  1.00 21.13 ? 117  ARG A O   1 
ATOM   891  C CB  . ARG A 1 117 ? -10.466 5.252   0.888   1.00 24.95 ? 117  ARG A CB  1 
ATOM   892  C CG  . ARG A 1 117 ? -10.433 5.236   2.402   1.00 26.63 ? 117  ARG A CG  1 
ATOM   893  C CD  . ARG A 1 117 ? -11.405 4.128   2.957   1.00 29.28 ? 117  ARG A CD  1 
ATOM   894  N NE  . ARG A 1 117 ? -11.007 3.788   4.325   1.00 36.80 ? 117  ARG A NE  1 
ATOM   895  C CZ  . ARG A 1 117 ? -11.523 2.801   5.042   1.00 39.36 ? 117  ARG A CZ  1 
ATOM   896  N NH1 . ARG A 1 117 ? -12.495 2.047   4.543   1.00 41.17 ? 117  ARG A NH1 1 
ATOM   897  N NH2 . ARG A 1 117 ? -11.078 2.585   6.276   1.00 40.23 ? 117  ARG A NH2 1 
ATOM   898  N N   . CYS A 1 118 ? -7.602  6.865   1.403   1.00 22.90 ? 118  CYS A N   1 
ATOM   899  C CA  . CYS A 1 118 ? -6.195  6.564   1.732   1.00 23.78 ? 118  CYS A CA  1 
ATOM   900  C C   . CYS A 1 118 ? -6.121  6.285   3.233   1.00 23.95 ? 118  CYS A C   1 
ATOM   901  O O   . CYS A 1 118 ? -6.734  7.002   4.040   1.00 24.46 ? 118  CYS A O   1 
ATOM   902  C CB  . CYS A 1 118 ? -5.247  7.730   1.405   1.00 23.99 ? 118  CYS A CB  1 
ATOM   903  S SG  . CYS A 1 118 ? -5.048  8.148   -0.340  1.00 30.57 ? 118  CYS A SG  1 
ATOM   904  N N   . GLU A 1 119 ? -5.405  5.233   3.595   1.00 23.95 ? 119  GLU A N   1 
ATOM   905  C CA  . GLU A 1 119 ? -5.100  4.926   4.985   1.00 23.47 ? 119  GLU A CA  1 
ATOM   906  C C   . GLU A 1 119 ? -3.586  4.951   5.111   1.00 23.36 ? 119  GLU A C   1 
ATOM   907  O O   . GLU A 1 119 ? -2.881  4.074   4.583   1.00 22.88 ? 119  GLU A O   1 
ATOM   908  C CB  . GLU A 1 119 ? -5.639  3.521   5.348   1.00 24.06 ? 119  GLU A CB  1 
ATOM   909  C CG  . GLU A 1 119 ? -7.211  3.471   5.394   1.00 24.81 ? 119  GLU A CG  1 
ATOM   910  C CD  . GLU A 1 119 ? -7.803  4.322   6.514   1.00 25.97 ? 119  GLU A CD  1 
ATOM   911  O OE1 . GLU A 1 119 ? -7.118  4.630   7.507   1.00 27.74 ? 119  GLU A OE1 1 
ATOM   912  O OE2 . GLU A 1 119 ? -8.957  4.715   6.406   1.00 26.10 ? 119  GLU A OE2 1 
ATOM   913  N N   . VAL A 1 120 ? -3.077  5.934   5.840   1.00 22.54 ? 120  VAL A N   1 
ATOM   914  C CA  . VAL A 1 120 ? -1.640  6.107   5.867   1.00 23.46 ? 120  VAL A CA  1 
ATOM   915  C C   . VAL A 1 120 ? -1.147  5.984   7.321   1.00 24.40 ? 120  VAL A C   1 
ATOM   916  O O   . VAL A 1 120 ? -1.700  6.651   8.219   1.00 25.36 ? 120  VAL A O   1 
ATOM   917  C CB  . VAL A 1 120 ? -1.268  7.525   5.366   1.00 23.29 ? 120  VAL A CB  1 
ATOM   918  C CG1 . VAL A 1 120 ? 0.300   7.723   5.412   1.00 24.46 ? 120  VAL A CG1 1 
ATOM   919  C CG2 . VAL A 1 120 ? -1.814  7.776   3.937   1.00 25.33 ? 120  VAL A CG2 1 
ATOM   920  N N   . THR A 1 121 ? -0.135  5.148   7.551   1.00 24.35 ? 121  THR A N   1 
ATOM   921  C CA  . THR A 1 121 ? 0.520   5.121   8.865   1.00 24.97 ? 121  THR A CA  1 
ATOM   922  C C   . THR A 1 121 ? 1.753   6.046   8.772   1.00 24.14 ? 121  THR A C   1 
ATOM   923  O O   . THR A 1 121 ? 2.591   5.861   7.887   1.00 25.12 ? 121  THR A O   1 
ATOM   924  C CB  . THR A 1 121 ? 0.999   3.713   9.225   1.00 26.00 ? 121  THR A CB  1 
ATOM   925  O OG1 . THR A 1 121 ? -0.120  2.808   9.204   1.00 27.18 ? 121  THR A OG1 1 
ATOM   926  C CG2 . THR A 1 121 ? 1.643   3.692   10.637  1.00 26.11 ? 121  THR A CG2 1 
ATOM   927  N N   . GLU A 1 122 ? 1.875   7.041   9.662   1.00 22.02 ? 122  GLU A N   1 
ATOM   928  C CA  . GLU A 1 122 ? 3.117   7.837   9.657   1.00 22.18 ? 122  GLU A CA  1 
ATOM   929  C C   . GLU A 1 122 ? 4.058   7.361   10.761  1.00 21.66 ? 122  GLU A C   1 
ATOM   930  O O   . GLU A 1 122 ? 3.614   7.217   11.895  1.00 21.09 ? 122  GLU A O   1 
ATOM   931  C CB  . GLU A 1 122 ? 2.792   9.312   9.877   1.00 21.40 ? 122  GLU A CB  1 
ATOM   932  C CG  . GLU A 1 122 ? 3.990   10.250  9.743   1.00 23.09 ? 122  GLU A CG  1 
ATOM   933  C CD  . GLU A 1 122 ? 3.653   11.670  10.171  1.00 24.50 ? 122  GLU A CD  1 
ATOM   934  O OE1 . GLU A 1 122 ? 2.465   11.928  10.403  1.00 24.00 ? 122  GLU A OE1 1 
ATOM   935  O OE2 . GLU A 1 122 ? 4.602   12.493  10.340  1.00 23.37 ? 122  GLU A OE2 1 
ATOM   936  N N   . ILE A 1 123 ? 5.330   7.125   10.420  1.00 22.23 ? 123  ILE A N   1 
ATOM   937  C CA  . ILE A 1 123 ? 6.325   6.598   11.355  1.00 22.42 ? 123  ILE A CA  1 
ATOM   938  C C   . ILE A 1 123 ? 7.293   7.736   11.695  1.00 23.19 ? 123  ILE A C   1 
ATOM   939  O O   . ILE A 1 123 ? 7.898   8.337   10.805  1.00 24.58 ? 123  ILE A O   1 
ATOM   940  C CB  . ILE A 1 123 ? 7.148   5.403   10.759  1.00 23.19 ? 123  ILE A CB  1 
ATOM   941  C CG1 . ILE A 1 123 ? 6.255   4.261   10.205  1.00 26.06 ? 123  ILE A CG1 1 
ATOM   942  C CG2 . ILE A 1 123 ? 8.181   4.856   11.821  1.00 22.61 ? 123  ILE A CG2 1 
ATOM   943  C CD1 . ILE A 1 123 ? 5.197   3.795   11.134  1.00 27.56 ? 123  ILE A CD1 1 
ATOM   944  N N   . GLU A 1 124 ? 7.453   8.039   12.986  1.00 23.00 ? 124  GLU A N   1 
ATOM   945  C CA  . GLU A 1 124 ? 8.396   9.057   13.399  1.00 23.13 ? 124  GLU A CA  1 
ATOM   946  C C   . GLU A 1 124 ? 9.819   8.464   13.389  1.00 23.50 ? 124  GLU A C   1 
ATOM   947  O O   . GLU A 1 124 ? 10.286  7.937   14.398  1.00 23.59 ? 124  GLU A O   1 
ATOM   948  C CB  . GLU A 1 124 ? 8.014   9.597   14.789  1.00 21.81 ? 124  GLU A CB  1 
ATOM   949  C CG  . GLU A 1 124 ? 8.838   10.788  15.263  1.00 24.41 ? 124  GLU A CG  1 
ATOM   950  C CD  . GLU A 1 124 ? 8.473   11.215  16.671  1.00 25.15 ? 124  GLU A CD  1 
ATOM   951  O OE1 . GLU A 1 124 ? 8.587   10.402  17.605  1.00 23.20 ? 124  GLU A OE1 1 
ATOM   952  O OE2 . GLU A 1 124 ? 8.058   12.371  16.856  1.00 32.35 ? 124  GLU A OE2 1 
ATOM   953  N N   . ILE A 1 125 ? 10.495  8.559   12.242  1.00 23.71 ? 125  ILE A N   1 
ATOM   954  C CA  . ILE A 1 125 ? 11.884  8.105   12.094  1.00 24.57 ? 125  ILE A CA  1 
ATOM   955  C C   . ILE A 1 125 ? 12.575  9.097   11.167  1.00 25.70 ? 125  ILE A C   1 
ATOM   956  O O   . ILE A 1 125 ? 11.969  9.576   10.203  1.00 26.23 ? 125  ILE A O   1 
ATOM   957  C CB  . ILE A 1 125 ? 11.947  6.644   11.542  1.00 24.66 ? 125  ILE A CB  1 
ATOM   958  C CG1 . ILE A 1 125 ? 13.385  6.079   11.589  1.00 25.60 ? 125  ILE A CG1 1 
ATOM   959  C CG2 . ILE A 1 125 ? 11.213  6.555   10.147  1.00 24.29 ? 125  ILE A CG2 1 
ATOM   960  C CD1 . ILE A 1 125 ? 13.481  4.614   11.173  1.00 23.41 ? 125  ILE A CD1 1 
ATOM   961  N N   . ASP A 1 126 ? 13.813  9.454   11.488  1.00 26.98 ? 126  ASP A N   1 
ATOM   962  C CA  . ASP A 1 126 ? 14.506  10.449  10.710  1.00 28.77 ? 126  ASP A CA  1 
ATOM   963  C C   . ASP A 1 126 ? 15.199  9.773   9.531   1.00 29.63 ? 126  ASP A C   1 
ATOM   964  O O   . ASP A 1 126 ? 16.320  9.279   9.636   1.00 29.98 ? 126  ASP A O   1 
ATOM   965  C CB  . ASP A 1 126 ? 15.491  11.236  11.578  1.00 29.26 ? 126  ASP A CB  1 
ATOM   966  C CG  . ASP A 1 126 ? 16.048  12.443  10.868  1.00 30.90 ? 126  ASP A CG  1 
ATOM   967  O OD1 . ASP A 1 126 ? 15.423  12.902  9.881   1.00 34.90 ? 126  ASP A OD1 1 
ATOM   968  O OD2 . ASP A 1 126 ? 17.118  12.923  11.300  1.00 32.16 ? 126  ASP A OD2 1 
ATOM   969  N N   . LEU A 1 127 ? 14.500  9.721   8.410   1.00 30.29 ? 127  LEU A N   1 
ATOM   970  C CA  . LEU A 1 127 ? 15.095  9.232   7.186   1.00 30.75 ? 127  LEU A CA  1 
ATOM   971  C C   . LEU A 1 127 ? 15.207  10.374  6.200   1.00 31.90 ? 127  LEU A C   1 
ATOM   972  O O   . LEU A 1 127 ? 14.206  11.000  5.839   1.00 31.49 ? 127  LEU A O   1 
ATOM   973  C CB  . LEU A 1 127 ? 14.252  8.102   6.591   1.00 30.43 ? 127  LEU A CB  1 
ATOM   974  C CG  . LEU A 1 127 ? 14.051  6.848   7.427   1.00 29.00 ? 127  LEU A CG  1 
ATOM   975  C CD1 . LEU A 1 127 ? 13.278  5.857   6.610   1.00 29.78 ? 127  LEU A CD1 1 
ATOM   976  C CD2 . LEU A 1 127 ? 15.381  6.242   7.854   1.00 28.74 ? 127  LEU A CD2 1 
ATOM   977  N N   . ARG A 1 128 ? 16.433  10.638  5.762   1.00 33.00 ? 128  ARG A N   1 
ATOM   978  C CA  . ARG A 1 128 ? 16.676  11.658  4.762   1.00 35.23 ? 128  ARG A CA  1 
ATOM   979  C C   . ARG A 1 128 ? 16.502  11.019  3.393   1.00 36.69 ? 128  ARG A C   1 
ATOM   980  O O   . ARG A 1 128 ? 17.122  9.984   3.110   1.00 37.21 ? 128  ARG A O   1 
ATOM   981  C CB  . ARG A 1 128 ? 18.085  12.254  4.934   1.00 35.06 ? 128  ARG A CB  1 
ATOM   982  C CG  . ARG A 1 128 ? 18.412  12.654  6.369   1.00 36.00 ? 128  ARG A CG  1 
ATOM   983  C CD  . ARG A 1 128 ? 17.513  13.794  6.846   1.00 38.97 ? 128  ARG A CD  1 
ATOM   984  N NE  . ARG A 1 128 ? 17.560  13.984  8.299   1.00 41.81 ? 128  ARG A NE  1 
ATOM   985  C CZ  . ARG A 1 128 ? 18.415  14.788  8.937   1.00 40.99 ? 128  ARG A CZ  1 
ATOM   986  N NH1 . ARG A 1 128 ? 19.325  15.485  8.262   1.00 42.86 ? 128  ARG A NH1 1 
ATOM   987  N NH2 . ARG A 1 128 ? 18.370  14.895  10.261  1.00 40.87 ? 128  ARG A NH2 1 
ATOM   988  N N   . ARG A 1 129 ? 15.635  11.598  2.557   1.00 37.87 ? 129  ARG A N   1 
ATOM   989  C CA  . ARG A 1 129 ? 15.378  11.018  1.241   1.00 39.68 ? 129  ARG A CA  1 
ATOM   990  C C   . ARG A 1 129 ? 16.716  10.815  0.511   1.00 39.66 ? 129  ARG A C   1 
ATOM   991  O O   . ARG A 1 129 ? 17.568  11.713  0.475   1.00 40.58 ? 129  ARG A O   1 
ATOM   992  C CB  . ARG A 1 129 ? 14.444  11.895  0.399   1.00 39.46 ? 129  ARG A CB  1 
ATOM   993  C CG  . ARG A 1 129 ? 13.007  12.015  0.875   1.00 40.42 ? 129  ARG A CG  1 
ATOM   994  C CD  . ARG A 1 129 ? 12.276  13.149  0.122   1.00 41.58 ? 129  ARG A CD  1 
ATOM   995  N NE  . ARG A 1 129 ? 10.868  13.145  0.485   1.00 47.80 ? 129  ARG A NE  1 
ATOM   996  C CZ  . ARG A 1 129 ? 9.852   13.387  -0.342  1.00 49.56 ? 129  ARG A CZ  1 
ATOM   997  N NH1 . ARG A 1 129 ? 10.067  13.701  -1.614  1.00 50.34 ? 129  ARG A NH1 1 
ATOM   998  N NH2 . ARG A 1 129 ? 8.607   13.321  0.114   1.00 48.81 ? 129  ARG A NH2 1 
ATOM   999  N N   . ASP A 1 130 ? 16.910  9.604   -0.005  1.00 40.02 ? 130  ASP A N   1 
ATOM   1000 C CA  . ASP A 1 130 ? 18.005  9.284   -0.904  1.00 39.96 ? 130  ASP A CA  1 
ATOM   1001 C C   . ASP A 1 130 ? 17.429  9.088   -2.303  1.00 39.74 ? 130  ASP A C   1 
ATOM   1002 O O   . ASP A 1 130 ? 16.242  8.763   -2.464  1.00 39.08 ? 130  ASP A O   1 
ATOM   1003 C CB  . ASP A 1 130 ? 18.712  8.007   -0.451  1.00 40.37 ? 130  ASP A CB  1 
ATOM   1004 C CG  . ASP A 1 130 ? 19.627  7.430   -1.523  1.00 41.15 ? 130  ASP A CG  1 
ATOM   1005 O OD1 . ASP A 1 130 ? 20.805  7.847   -1.585  1.00 41.03 ? 130  ASP A OD1 1 
ATOM   1006 O OD2 . ASP A 1 130 ? 19.163  6.552   -2.300  1.00 42.01 ? 130  ASP A OD2 1 
ATOM   1007 N N   . ASP A 1 131 ? 18.292  9.268   -3.304  1.00 38.99 ? 131  ASP A N   1 
ATOM   1008 C CA  . ASP A 1 131 ? 17.923  9.100   -4.708  1.00 38.76 ? 131  ASP A CA  1 
ATOM   1009 C C   . ASP A 1 131 ? 17.273  7.764   -5.069  1.00 37.62 ? 131  ASP A C   1 
ATOM   1010 O O   . ASP A 1 131 ? 16.437  7.722   -5.964  1.00 37.63 ? 131  ASP A O   1 
ATOM   1011 C CB  . ASP A 1 131 ? 19.136  9.346   -5.614  1.00 39.32 ? 131  ASP A CB  1 
ATOM   1012 C CG  . ASP A 1 131 ? 19.452  10.812  -5.767  1.00 40.97 ? 131  ASP A CG  1 
ATOM   1013 O OD1 . ASP A 1 131 ? 18.504  11.627  -5.757  1.00 42.93 ? 131  ASP A OD1 1 
ATOM   1014 O OD2 . ASP A 1 131 ? 20.646  11.152  -5.900  1.00 43.64 ? 131  ASP A OD2 1 
ATOM   1015 N N   . ASP A 1 132 ? 17.662  6.687   -4.394  1.00 36.32 ? 132  ASP A N   1 
ATOM   1016 C CA  . ASP A 1 132 ? 17.135  5.359   -4.718  1.00 35.44 ? 132  ASP A CA  1 
ATOM   1017 C C   . ASP A 1 132 ? 15.945  4.907   -3.845  1.00 34.07 ? 132  ASP A C   1 
ATOM   1018 O O   . ASP A 1 132 ? 15.445  3.788   -3.993  1.00 33.81 ? 132  ASP A O   1 
ATOM   1019 C CB  . ASP A 1 132 ? 18.276  4.332   -4.709  1.00 35.97 ? 132  ASP A CB  1 
ATOM   1020 C CG  . ASP A 1 132 ? 19.437  4.751   -5.609  1.00 37.26 ? 132  ASP A CG  1 
ATOM   1021 O OD1 . ASP A 1 132 ? 19.172  5.065   -6.791  1.00 38.68 ? 132  ASP A OD1 1 
ATOM   1022 O OD2 . ASP A 1 132 ? 20.608  4.782   -5.146  1.00 38.04 ? 132  ASP A OD2 1 
ATOM   1023 N N   . ASP A 1 133 ? 15.471  5.775   -2.958  1.00 32.10 ? 133  ASP A N   1 
ATOM   1024 C CA  . ASP A 1 133 ? 14.311  5.414   -2.120  1.00 30.26 ? 133  ASP A CA  1 
ATOM   1025 C C   . ASP A 1 133 ? 13.023  5.361   -2.913  1.00 28.51 ? 133  ASP A C   1 
ATOM   1026 O O   . ASP A 1 133 ? 12.848  6.141   -3.842  1.00 27.65 ? 133  ASP A O   1 
ATOM   1027 C CB  . ASP A 1 133 ? 14.102  6.456   -1.028  1.00 30.64 ? 133  ASP A CB  1 
ATOM   1028 C CG  . ASP A 1 133 ? 15.139  6.373   0.059   1.00 30.74 ? 133  ASP A CG  1 
ATOM   1029 O OD1 . ASP A 1 133 ? 15.787  5.306   0.213   1.00 28.83 ? 133  ASP A OD1 1 
ATOM   1030 O OD2 . ASP A 1 133 ? 15.284  7.382   0.762   1.00 30.53 ? 133  ASP A OD2 1 
ATOM   1031 N N   . ALA A 1 134 ? 12.103  4.490   -2.493  1.00 27.13 ? 134  ALA A N   1 
ATOM   1032 C CA  . ALA A 1 134 ? 10.721  4.518   -2.928  1.00 25.79 ? 134  ALA A CA  1 
ATOM   1033 C C   . ALA A 1 134 ? 9.997   5.518   -2.029  1.00 25.90 ? 134  ALA A C   1 
ATOM   1034 O O   . ALA A 1 134 ? 10.164  5.478   -0.791  1.00 23.97 ? 134  ALA A O   1 
ATOM   1035 C CB  . ALA A 1 134 ? 10.073  3.106   -2.817  1.00 25.36 ? 134  ALA A CB  1 
ATOM   1036 N N   . LEU A 1 135 ? 9.212   6.411   -2.649  1.00 24.52 ? 135  LEU A N   1 
ATOM   1037 C CA  . LEU A 1 135 ? 8.557   7.540   -1.933  1.00 24.85 ? 135  LEU A CA  1 
ATOM   1038 C C   . LEU A 1 135 ? 7.053   7.477   -2.053  1.00 24.53 ? 135  LEU A C   1 
ATOM   1039 O O   . LEU A 1 135 ? 6.508   6.945   -3.036  1.00 25.22 ? 135  LEU A O   1 
ATOM   1040 C CB  . LEU A 1 135 ? 9.052   8.921   -2.443  1.00 24.47 ? 135  LEU A CB  1 
ATOM   1041 C CG  . LEU A 1 135 ? 10.556  9.181   -2.422  1.00 26.36 ? 135  LEU A CG  1 
ATOM   1042 C CD1 . LEU A 1 135 ? 10.885  10.610  -2.947  1.00 26.80 ? 135  LEU A CD1 1 
ATOM   1043 C CD2 . LEU A 1 135 ? 11.073  8.993   -1.010  1.00 28.28 ? 135  LEU A CD2 1 
ATOM   1044 N N   . ALA A 1 136 ? 6.381   7.931   -1.001  1.00 23.79 ? 136  ALA A N   1 
ATOM   1045 C CA  . ALA A 1 136 ? 4.944   7.977   -0.960  1.00 23.42 ? 136  ALA A CA  1 
ATOM   1046 C C   . ALA A 1 136 ? 4.498   9.077   -1.921  1.00 23.72 ? 136  ALA A C   1 
ATOM   1047 O O   . ALA A 1 136 ? 5.226   10.050  -2.097  1.00 23.71 ? 136  ALA A O   1 
ATOM   1048 C CB  . ALA A 1 136 ? 4.512   8.347   0.458   1.00 23.87 ? 136  ALA A CB  1 
ATOM   1049 N N   . PRO A 1 137 ? 3.278   8.955   -2.473  1.00 23.38 ? 137  PRO A N   1 
ATOM   1050 C CA  . PRO A 1 137 ? 2.704   10.043  -3.271  1.00 24.09 ? 137  PRO A CA  1 
ATOM   1051 C C   . PRO A 1 137 ? 2.275   11.194  -2.359  1.00 24.57 ? 137  PRO A C   1 
ATOM   1052 O O   . PRO A 1 137 ? 2.034   10.987  -1.174  1.00 25.60 ? 137  PRO A O   1 
ATOM   1053 C CB  . PRO A 1 137 ? 1.495   9.393   -3.922  1.00 23.97 ? 137  PRO A CB  1 
ATOM   1054 C CG  . PRO A 1 137 ? 1.008   8.340   -2.911  1.00 23.57 ? 137  PRO A CG  1 
ATOM   1055 C CD  . PRO A 1 137 ? 2.350   7.820   -2.315  1.00 24.11 ? 137  PRO A CD  1 
ATOM   1056 N N   . ALA A 1 138 ? 2.213   12.392  -2.906  1.00 25.34 ? 138  ALA A N   1 
ATOM   1057 C CA  . ALA A 1 138 ? 1.829   13.567  -2.139  1.00 26.08 ? 138  ALA A CA  1 
ATOM   1058 C C   . ALA A 1 138 ? 0.329   13.725  -2.319  1.00 27.07 ? 138  ALA A C   1 
ATOM   1059 O O   . ALA A 1 138 ? -0.185  13.593  -3.446  1.00 27.16 ? 138  ALA A O   1 
ATOM   1060 C CB  . ALA A 1 138 ? 2.576   14.785  -2.657  1.00 25.67 ? 138  ALA A CB  1 
ATOM   1061 N N   . LEU A 1 139 ? -0.385  13.972  -1.221  1.00 26.69 ? 139  LEU A N   1 
ATOM   1062 C CA  . LEU A 1 139 ? -1.833  14.185  -1.302  1.00 27.91 ? 139  LEU A CA  1 
ATOM   1063 C C   . LEU A 1 139 ? -2.140  15.693  -1.283  1.00 27.36 ? 139  LEU A C   1 
ATOM   1064 O O   . LEU A 1 139 ? -1.597  16.423  -0.460  1.00 27.41 ? 139  LEU A O   1 
ATOM   1065 C CB  . LEU A 1 139 ? -2.563  13.480  -0.143  1.00 27.71 ? 139  LEU A CB  1 
ATOM   1066 C CG  . LEU A 1 139 ? -2.416  11.957  -0.071  1.00 30.39 ? 139  LEU A CG  1 
ATOM   1067 C CD1 . LEU A 1 139 ? -3.256  11.394  1.071   1.00 33.29 ? 139  LEU A CD1 1 
ATOM   1068 C CD2 . LEU A 1 139 ? -2.820  11.286  -1.400  1.00 26.05 ? 139  LEU A CD2 1 
ATOM   1069 N N   . ASP A 1 140 ? -2.972  16.144  -2.205  1.00 28.61 ? 140  ASP A N   1 
ATOM   1070 C CA  . ASP A 1 140 ? -3.459  17.519  -2.190  1.00 30.00 ? 140  ASP A CA  1 
ATOM   1071 C C   . ASP A 1 140 ? -4.659  17.630  -1.222  1.00 31.06 ? 140  ASP A C   1 
ATOM   1072 O O   . ASP A 1 140 ? -5.054  16.646  -0.581  1.00 32.15 ? 140  ASP A O   1 
ATOM   1073 C CB  . ASP A 1 140 ? -3.822  17.973  -3.600  1.00 30.54 ? 140  ASP A CB  1 
ATOM   1074 C CG  . ASP A 1 140 ? -4.989  17.205  -4.170  1.00 31.81 ? 140  ASP A CG  1 
ATOM   1075 O OD1 . ASP A 1 140 ? -5.618  16.431  -3.416  1.00 34.59 ? 140  ASP A OD1 1 
ATOM   1076 O OD2 . ASP A 1 140 ? -5.270  17.367  -5.365  1.00 33.33 ? 140  ASP A OD2 1 
ATOM   1077 N N   . ASP A 1 141 ? -5.229  18.819  -1.115  1.00 31.75 ? 141  ASP A N   1 
ATOM   1078 C CA  . ASP A 1 141 ? -6.240  19.103  -0.102  1.00 32.30 ? 141  ASP A CA  1 
ATOM   1079 C C   . ASP A 1 141 ? -7.668  18.711  -0.521  1.00 32.98 ? 141  ASP A C   1 
ATOM   1080 O O   . ASP A 1 141 ? -8.621  19.055  0.178   1.00 33.41 ? 141  ASP A O   1 
ATOM   1081 C CB  . ASP A 1 141 ? -6.173  20.588  0.294   1.00 31.31 ? 141  ASP A CB  1 
ATOM   1082 C CG  . ASP A 1 141 ? -6.425  21.526  -0.887  1.00 31.47 ? 141  ASP A CG  1 
ATOM   1083 O OD1 . ASP A 1 141 ? -6.437  21.061  -2.049  1.00 31.77 ? 141  ASP A OD1 1 
ATOM   1084 O OD2 . ASP A 1 141 ? -6.607  22.738  -0.655  1.00 28.31 ? 141  ASP A OD2 1 
ATOM   1085 N N   . SER A 1 142 ? -7.815  18.018  -1.661  1.00 34.09 ? 142  SER A N   1 
ATOM   1086 C CA  . SER A 1 142 ? -9.079  17.363  -2.050  1.00 33.85 ? 142  SER A CA  1 
ATOM   1087 C C   . SER A 1 142 ? -9.375  16.162  -1.139  1.00 34.27 ? 142  SER A C   1 
ATOM   1088 O O   . SER A 1 142 ? -10.450 15.569  -1.211  1.00 33.55 ? 142  SER A O   1 
ATOM   1089 C CB  . SER A 1 142 ? -9.074  16.936  -3.532  1.00 34.08 ? 142  SER A CB  1 
ATOM   1090 O OG  . SER A 1 142 ? -8.324  15.738  -3.751  1.00 34.54 ? 142  SER A OG  1 
ATOM   1091 N N   . TRP A 1 143 ? -8.423  15.827  -0.273  1.00 34.36 ? 143  TRP A N   1 
ATOM   1092 C CA  . TRP A 1 143 ? -8.593  14.763  0.691   1.00 35.43 ? 143  TRP A CA  1 
ATOM   1093 C C   . TRP A 1 143 ? -8.992  15.273  2.055   1.00 36.19 ? 143  TRP A C   1 
ATOM   1094 O O   . TRP A 1 143 ? -8.414  16.225  2.567   1.00 37.64 ? 143  TRP A O   1 
ATOM   1095 C CB  . TRP A 1 143 ? -7.304  13.949  0.817   1.00 34.95 ? 143  TRP A CB  1 
ATOM   1096 C CG  . TRP A 1 143 ? -6.961  13.241  -0.429  1.00 34.49 ? 143  TRP A CG  1 
ATOM   1097 C CD1 . TRP A 1 143 ? -6.202  13.712  -1.449  1.00 33.81 ? 143  TRP A CD1 1 
ATOM   1098 C CD2 . TRP A 1 143 ? -7.382  11.920  -0.805  1.00 33.85 ? 143  TRP A CD2 1 
ATOM   1099 N NE1 . TRP A 1 143 ? -6.121  12.776  -2.450  1.00 35.05 ? 143  TRP A NE1 1 
ATOM   1100 C CE2 . TRP A 1 143 ? -6.833  11.659  -2.075  1.00 34.13 ? 143  TRP A CE2 1 
ATOM   1101 C CE3 . TRP A 1 143 ? -8.183  10.944  -0.194  1.00 31.71 ? 143  TRP A CE3 1 
ATOM   1102 C CZ2 . TRP A 1 143 ? -7.039  10.453  -2.748  1.00 33.01 ? 143  TRP A CZ2 1 
ATOM   1103 C CZ3 . TRP A 1 143 ? -8.397  9.745   -0.868  1.00 33.43 ? 143  TRP A CZ3 1 
ATOM   1104 C CH2 . TRP A 1 143 ? -7.830  9.514   -2.136  1.00 33.55 ? 143  TRP A CH2 1 
ATOM   1105 N N   . VAL A 1 144 ? -9.959  14.611  2.665   1.00 37.13 ? 144  VAL A N   1 
ATOM   1106 C CA  . VAL A 1 144 ? -10.398 14.986  3.994   1.00 38.05 ? 144  VAL A CA  1 
ATOM   1107 C C   . VAL A 1 144 ? -10.589 13.774  4.916   1.00 38.39 ? 144  VAL A C   1 
ATOM   1108 O O   . VAL A 1 144 ? -10.914 12.674  4.465   1.00 38.61 ? 144  VAL A O   1 
ATOM   1109 C CB  . VAL A 1 144 ? -11.700 15.816  3.947   1.00 38.02 ? 144  VAL A CB  1 
ATOM   1110 C CG1 . VAL A 1 144 ? -11.495 17.103  3.142   1.00 38.56 ? 144  VAL A CG1 1 
ATOM   1111 C CG2 . VAL A 1 144 ? -12.857 15.007  3.369   1.00 38.90 ? 144  VAL A CG2 1 
ATOM   1112 N N   . GLY A 1 145 ? -10.427 14.000  6.219   1.00 38.07 ? 145  GLY A N   1 
ATOM   1113 C CA  . GLY A 1 145 ? -10.619 12.956  7.212   1.00 37.51 ? 145  GLY A CA  1 
ATOM   1114 C C   . GLY A 1 145 ? -9.924  13.309  8.511   1.00 37.04 ? 145  GLY A C   1 
ATOM   1115 O O   . GLY A 1 145 ? -9.957  14.459  8.945   1.00 37.05 ? 145  GLY A O   1 
ATOM   1116 N N   . GLU A 1 146 ? -9.293  12.324  9.132   1.00 35.46 ? 146  GLU A N   1 
ATOM   1117 C CA  . GLU A 1 146 ? -8.774  12.535  10.454  1.00 35.36 ? 146  GLU A CA  1 
ATOM   1118 C C   . GLU A 1 146 ? -7.371  11.968  10.647  1.00 33.33 ? 146  GLU A C   1 
ATOM   1119 O O   . GLU A 1 146 ? -6.982  10.994  9.994   1.00 32.33 ? 146  GLU A O   1 
ATOM   1120 C CB  . GLU A 1 146 ? -9.768  12.026  11.518  1.00 36.00 ? 146  GLU A CB  1 
ATOM   1121 C CG  . GLU A 1 146 ? -9.938  10.498  11.697  1.00 38.64 ? 146  GLU A CG  1 
ATOM   1122 C CD  . GLU A 1 146 ? -10.980 10.154  12.802  1.00 39.85 ? 146  GLU A CD  1 
ATOM   1123 O OE1 . GLU A 1 146 ? -11.965 10.913  12.955  1.00 44.24 ? 146  GLU A OE1 1 
ATOM   1124 O OE2 . GLU A 1 146 ? -10.815 9.133   13.519  1.00 44.99 ? 146  GLU A OE2 1 
ATOM   1125 N N   . THR A 1 147 ? -6.640  12.591  11.559  1.00 30.73 ? 147  THR A N   1 
ATOM   1126 C CA  . THR A 1 147 ? -5.320  12.133  11.970  1.00 29.89 ? 147  THR A CA  1 
ATOM   1127 C C   . THR A 1 147 ? -5.386  11.824  13.474  1.00 28.41 ? 147  THR A C   1 
ATOM   1128 O O   . THR A 1 147 ? -5.901  12.644  14.250  1.00 27.30 ? 147  THR A O   1 
ATOM   1129 C CB  . THR A 1 147 ? -4.321  13.240  11.638  1.00 30.86 ? 147  THR A CB  1 
ATOM   1130 O OG1 . THR A 1 147 ? -4.205  13.314  10.201  1.00 31.66 ? 147  THR A OG1 1 
ATOM   1131 C CG2 . THR A 1 147 ? -2.936  12.991  12.296  1.00 32.59 ? 147  THR A CG2 1 
ATOM   1132 N N   . GLY A 1 148 ? -4.941  10.623  13.860  1.00 27.31 ? 148  GLY A N   1 
ATOM   1133 C CA  . GLY A 1 148 ? -4.967  10.185  15.255  1.00 24.81 ? 148  GLY A CA  1 
ATOM   1134 C C   . GLY A 1 148 ? -3.786  10.736  16.032  1.00 23.97 ? 148  GLY A C   1 
ATOM   1135 O O   . GLY A 1 148 ? -2.939  11.423  15.467  1.00 24.09 ? 148  GLY A O   1 
ATOM   1136 N N   . GLU A 1 149 ? -3.734  10.444  17.327  1.00 22.48 ? 149  GLU A N   1 
ATOM   1137 C CA  . GLU A 1 149 ? -2.606  10.868  18.186  1.00 21.82 ? 149  GLU A CA  1 
ATOM   1138 C C   . GLU A 1 149 ? -1.364  10.005  17.984  1.00 20.75 ? 149  GLU A C   1 
ATOM   1139 O O   . GLU A 1 149 ? -1.475  8.873   17.506  1.00 20.29 ? 149  GLU A O   1 
ATOM   1140 C CB  . GLU A 1 149 ? -3.043  10.831  19.652  1.00 21.95 ? 149  GLU A CB  1 
ATOM   1141 C CG  . GLU A 1 149 ? -4.166  11.783  19.952  1.00 23.25 ? 149  GLU A CG  1 
ATOM   1142 C CD  . GLU A 1 149 ? -3.787  13.232  19.684  1.00 28.08 ? 149  GLU A CD  1 
ATOM   1143 O OE1 . GLU A 1 149 ? -2.746  13.680  20.223  1.00 29.49 ? 149  GLU A OE1 1 
ATOM   1144 O OE2 . GLU A 1 149 ? -4.527  13.906  18.933  1.00 29.98 ? 149  GLU A OE2 1 
ATOM   1145 N N   . TRP A 1 150 ? -0.182  10.534  18.315  1.00 20.09 ? 150  TRP A N   1 
ATOM   1146 C CA  . TRP A 1 150 ? 1.036   9.751   18.219  1.00 19.83 ? 150  TRP A CA  1 
ATOM   1147 C C   . TRP A 1 150 ? 0.953   8.624   19.270  1.00 20.36 ? 150  TRP A C   1 
ATOM   1148 O O   . TRP A 1 150 ? 0.568   8.859   20.425  1.00 19.31 ? 150  TRP A O   1 
ATOM   1149 C CB  . TRP A 1 150 ? 2.262   10.628  18.489  1.00 20.53 ? 150  TRP A CB  1 
ATOM   1150 C CG  . TRP A 1 150 ? 2.663   11.517  17.337  1.00 20.53 ? 150  TRP A CG  1 
ATOM   1151 C CD1 . TRP A 1 150 ? 2.544   12.910  17.265  1.00 23.00 ? 150  TRP A CD1 1 
ATOM   1152 C CD2 . TRP A 1 150 ? 3.286   11.106  16.114  1.00 19.62 ? 150  TRP A CD2 1 
ATOM   1153 N NE1 . TRP A 1 150 ? 3.020   13.353  16.042  1.00 21.19 ? 150  TRP A NE1 1 
ATOM   1154 C CE2 . TRP A 1 150 ? 3.499   12.275  15.332  1.00 22.58 ? 150  TRP A CE2 1 
ATOM   1155 C CE3 . TRP A 1 150 ? 3.679   9.853   15.592  1.00 20.49 ? 150  TRP A CE3 1 
ATOM   1156 C CZ2 . TRP A 1 150 ? 4.095   12.228  14.063  1.00 23.48 ? 150  TRP A CZ2 1 
ATOM   1157 C CZ3 . TRP A 1 150 ? 4.268   9.803   14.352  1.00 20.67 ? 150  TRP A CZ3 1 
ATOM   1158 C CH2 . TRP A 1 150 ? 4.459   10.984  13.582  1.00 22.04 ? 150  TRP A CH2 1 
ATOM   1159 N N   . LEU A 1 151 ? 1.331   7.419   18.859  1.00 20.37 ? 151  LEU A N   1 
ATOM   1160 C CA  . LEU A 1 151 ? 1.346   6.264   19.744  1.00 20.84 ? 151  LEU A CA  1 
ATOM   1161 C C   . LEU A 1 151 ? 2.745   5.663   19.804  1.00 20.45 ? 151  LEU A C   1 
ATOM   1162 O O   . LEU A 1 151 ? 3.484   5.701   18.823  1.00 20.57 ? 151  LEU A O   1 
ATOM   1163 C CB  . LEU A 1 151 ? 0.355   5.221   19.212  1.00 20.60 ? 151  LEU A CB  1 
ATOM   1164 C CG  . LEU A 1 151 ? -1.083  5.746   19.041  1.00 22.74 ? 151  LEU A CG  1 
ATOM   1165 C CD1 . LEU A 1 151 ? -1.769  5.036   17.871  1.00 22.45 ? 151  LEU A CD1 1 
ATOM   1166 C CD2 . LEU A 1 151 ? -1.857  5.522   20.346  1.00 23.29 ? 151  LEU A CD2 1 
ATOM   1167 N N   . ALA A 1 152 ? 3.115   5.161   20.973  1.00 21.04 ? 152  ALA A N   1 
ATOM   1168 C CA  . ALA A 1 152 ? 4.363   4.421   21.152  1.00 20.32 ? 152  ALA A CA  1 
ATOM   1169 C C   . ALA A 1 152 ? 4.246   2.986   20.611  1.00 21.00 ? 152  ALA A C   1 
ATOM   1170 O O   . ALA A 1 152 ? 3.413   2.210   21.077  1.00 20.28 ? 152  ALA A O   1 
ATOM   1171 C CB  . ALA A 1 152 ? 4.712   4.389   22.572  1.00 21.21 ? 152  ALA A CB  1 
ATOM   1172 N N   . SER A 1 153 ? 5.112   2.638   19.656  1.00 20.70 ? 153  SER A N   1 
ATOM   1173 C CA  . SER A 1 153 ? 5.298   1.248   19.243  1.00 19.69 ? 153  SER A CA  1 
ATOM   1174 C C   . SER A 1 153 ? 6.139   0.425   20.256  1.00 20.30 ? 153  SER A C   1 
ATOM   1175 O O   . SER A 1 153 ? 6.952   0.956   21.060  1.00 18.88 ? 153  SER A O   1 
ATOM   1176 C CB  . SER A 1 153 ? 5.947   1.228   17.850  1.00 20.53 ? 153  SER A CB  1 
ATOM   1177 O OG  . SER A 1 153 ? 6.332   -0.088  17.435  1.00 16.87 ? 153  SER A OG  1 
ATOM   1178 N N   . ARG A 1 154 ? 5.938   -0.899  20.224  1.00 20.67 ? 154  ARG A N   1 
ATOM   1179 C CA  . ARG A 1 154 ? 6.814   -1.822  20.939  1.00 20.97 ? 154  ARG A CA  1 
ATOM   1180 C C   . ARG A 1 154 ? 8.272   -1.628  20.585  1.00 19.85 ? 154  ARG A C   1 
ATOM   1181 O O   . ARG A 1 154 ? 9.138   -1.931  21.378  1.00 19.44 ? 154  ARG A O   1 
ATOM   1182 C CB  . ARG A 1 154 ? 6.456   -3.282  20.613  1.00 22.53 ? 154  ARG A CB  1 
ATOM   1183 C CG  . ARG A 1 154 ? 5.259   -3.791  21.342  1.00 29.08 ? 154  ARG A CG  1 
ATOM   1184 C CD  . ARG A 1 154 ? 5.606   -4.229  22.760  1.00 36.55 ? 154  ARG A CD  1 
ATOM   1185 N NE  . ARG A 1 154 ? 4.416   -4.179  23.615  1.00 42.29 ? 154  ARG A NE  1 
ATOM   1186 C CZ  . ARG A 1 154 ? 3.684   -5.234  23.969  1.00 45.75 ? 154  ARG A CZ  1 
ATOM   1187 N NH1 . ARG A 1 154 ? 4.019   -6.457  23.566  1.00 45.64 ? 154  ARG A NH1 1 
ATOM   1188 N NH2 . ARG A 1 154 ? 2.620   -5.065  24.749  1.00 47.27 ? 154  ARG A NH2 1 
ATOM   1189 N N   . SER A 1 155 ? 8.543   -1.126  19.384  1.00 19.71 ? 155  SER A N   1 
ATOM   1190 C CA  . SER A 1 155 ? 9.931   -0.945  18.937  1.00 19.11 ? 155  SER A CA  1 
ATOM   1191 C C   . SER A 1 155 ? 10.582  0.298   19.526  1.00 18.60 ? 155  SER A C   1 
ATOM   1192 O O   . SER A 1 155 ? 11.796  0.483   19.401  1.00 19.54 ? 155  SER A O   1 
ATOM   1193 C CB  . SER A 1 155 ? 9.948   -0.785  17.418  1.00 18.63 ? 155  SER A CB  1 
ATOM   1194 O OG  . SER A 1 155 ? 9.228   0.392   17.055  1.00 19.65 ? 155  SER A OG  1 
ATOM   1195 N N   . GLY A 1 156 ? 9.771   1.204   20.078  1.00 18.99 ? 156  GLY A N   1 
ATOM   1196 C CA  . GLY A 1 156 ? 10.320  2.428   20.714  1.00 17.37 ? 156  GLY A CA  1 
ATOM   1197 C C   . GLY A 1 156 ? 10.180  3.654   19.824  1.00 17.87 ? 156  GLY A C   1 
ATOM   1198 O O   . GLY A 1 156 ? 10.484  4.780   20.245  1.00 16.72 ? 156  GLY A O   1 
ATOM   1199 N N   . LEU A 1 157 ? 9.745   3.424   18.583  1.00 18.07 ? 157  LEU A N   1 
ATOM   1200 C CA  . LEU A 1 157 ? 9.366   4.514   17.673  1.00 19.23 ? 157  LEU A CA  1 
ATOM   1201 C C   . LEU A 1 157 ? 7.915   4.911   17.916  1.00 19.83 ? 157  LEU A C   1 
ATOM   1202 O O   . LEU A 1 157 ? 7.182   4.135   18.456  1.00 20.02 ? 157  LEU A O   1 
ATOM   1203 C CB  . LEU A 1 157 ? 9.455   4.040   16.216  1.00 19.47 ? 157  LEU A CB  1 
ATOM   1204 C CG  . LEU A 1 157 ? 10.827  3.651   15.676  1.00 18.39 ? 157  LEU A CG  1 
ATOM   1205 C CD1 . LEU A 1 157 ? 10.637  3.228   14.212  1.00 21.78 ? 157  LEU A CD1 1 
ATOM   1206 C CD2 . LEU A 1 157 ? 11.749  4.852   15.780  1.00 18.20 ? 157  LEU A CD2 1 
ATOM   1207 N N   . ARG A 1 158 ? 7.519   6.122   17.495  1.00 19.77 ? 158  ARG A N   1 
ATOM   1208 C CA  . ARG A 1 158 ? 6.128   6.526   17.529  1.00 18.87 ? 158  ARG A CA  1 
ATOM   1209 C C   . ARG A 1 158 ? 5.522   6.439   16.129  1.00 19.55 ? 158  ARG A C   1 
ATOM   1210 O O   . ARG A 1 158 ? 6.210   6.545   15.106  1.00 19.94 ? 158  ARG A O   1 
ATOM   1211 C CB  . ARG A 1 158 ? 5.961   7.953   18.065  1.00 19.38 ? 158  ARG A CB  1 
ATOM   1212 C CG  . ARG A 1 158 ? 6.506   8.135   19.494  1.00 20.19 ? 158  ARG A CG  1 
ATOM   1213 C CD  . ARG A 1 158 ? 5.977   9.395   20.154  1.00 19.33 ? 158  ARG A CD  1 
ATOM   1214 N NE  . ARG A 1 158 ? 6.297   10.609  19.398  1.00 25.50 ? 158  ARG A NE  1 
ATOM   1215 C CZ  . ARG A 1 158 ? 5.780   11.809  19.669  1.00 25.37 ? 158  ARG A CZ  1 
ATOM   1216 N NH1 . ARG A 1 158 ? 4.892   11.948  20.656  1.00 26.30 ? 158  ARG A NH1 1 
ATOM   1217 N NH2 . ARG A 1 158 ? 6.136   12.856  18.959  1.00 26.11 ? 158  ARG A NH2 1 
ATOM   1218 N N   . TYR A 1 159 ? 4.222   6.250   16.097  1.00 19.19 ? 159  TYR A N   1 
ATOM   1219 C CA  . TYR A 1 159 ? 3.512   6.192   14.834  1.00 19.53 ? 159  TYR A CA  1 
ATOM   1220 C C   . TYR A 1 159 ? 2.152   6.820   15.018  1.00 19.54 ? 159  TYR A C   1 
ATOM   1221 O O   . TYR A 1 159 ? 1.655   6.907   16.150  1.00 19.28 ? 159  TYR A O   1 
ATOM   1222 C CB  . TYR A 1 159 ? 3.364   4.702   14.387  1.00 19.80 ? 159  TYR A CB  1 
ATOM   1223 C CG  . TYR A 1 159 ? 2.504   3.819   15.315  1.00 22.38 ? 159  TYR A CG  1 
ATOM   1224 C CD1 . TYR A 1 159 ? 2.991   3.346   16.527  1.00 23.59 ? 159  TYR A CD1 1 
ATOM   1225 C CD2 . TYR A 1 159 ? 1.191   3.476   14.959  1.00 21.31 ? 159  TYR A CD2 1 
ATOM   1226 C CE1 . TYR A 1 159 ? 2.177   2.561   17.390  1.00 23.52 ? 159  TYR A CE1 1 
ATOM   1227 C CE2 . TYR A 1 159 ? 0.382   2.711   15.816  1.00 24.03 ? 159  TYR A CE2 1 
ATOM   1228 C CZ  . TYR A 1 159 ? 0.885   2.242   17.020  1.00 22.71 ? 159  TYR A CZ  1 
ATOM   1229 O OH  . TYR A 1 159 ? 0.072   1.495   17.874  1.00 21.99 ? 159  TYR A OH  1 
ATOM   1230 N N   . ARG A 1 160 ? 1.517   7.215   13.906  1.00 19.86 ? 160  ARG A N   1 
ATOM   1231 C CA  . ARG A 1 160 ? 0.125   7.626   13.991  1.00 20.70 ? 160  ARG A CA  1 
ATOM   1232 C C   . ARG A 1 160 ? -0.581  7.290   12.673  1.00 21.61 ? 160  ARG A C   1 
ATOM   1233 O O   . ARG A 1 160 ? 0.084   7.120   11.636  1.00 21.48 ? 160  ARG A O   1 
ATOM   1234 C CB  . ARG A 1 160 ? 0.003   9.112   14.320  1.00 19.57 ? 160  ARG A CB  1 
ATOM   1235 C CG  . ARG A 1 160 ? 0.463   10.010  13.225  1.00 21.39 ? 160  ARG A CG  1 
ATOM   1236 C CD  . ARG A 1 160 ? 0.224   11.495  13.643  1.00 21.97 ? 160  ARG A CD  1 
ATOM   1237 N NE  . ARG A 1 160 ? 0.914   12.362  12.688  1.00 23.79 ? 160  ARG A NE  1 
ATOM   1238 C CZ  . ARG A 1 160 ? 1.006   13.683  12.760  1.00 28.15 ? 160  ARG A CZ  1 
ATOM   1239 N NH1 . ARG A 1 160 ? 0.492   14.361  13.781  1.00 28.57 ? 160  ARG A NH1 1 
ATOM   1240 N NH2 . ARG A 1 160 ? 1.643   14.330  11.789  1.00 28.00 ? 160  ARG A NH2 1 
ATOM   1241 N N   . PHE A 1 161 ? -1.910  7.180   12.737  1.00 22.32 ? 161  PHE A N   1 
ATOM   1242 C CA  . PHE A 1 161 ? -2.732  6.913   11.554  1.00 23.71 ? 161  PHE A CA  1 
ATOM   1243 C C   . PHE A 1 161 ? -3.422  8.152   10.966  1.00 24.76 ? 161  PHE A C   1 
ATOM   1244 O O   . PHE A 1 161 ? -3.916  9.033   11.702  1.00 24.60 ? 161  PHE A O   1 
ATOM   1245 C CB  . PHE A 1 161 ? -3.809  5.861   11.909  1.00 24.36 ? 161  PHE A CB  1 
ATOM   1246 C CG  . PHE A 1 161 ? -3.239  4.580   12.443  1.00 25.43 ? 161  PHE A CG  1 
ATOM   1247 C CD1 . PHE A 1 161 ? -2.325  3.840   11.695  1.00 24.15 ? 161  PHE A CD1 1 
ATOM   1248 C CD2 . PHE A 1 161 ? -3.604  4.109   13.709  1.00 29.03 ? 161  PHE A CD2 1 
ATOM   1249 C CE1 . PHE A 1 161 ? -1.790  2.627   12.197  1.00 24.25 ? 161  PHE A CE1 1 
ATOM   1250 C CE2 . PHE A 1 161 ? -3.061  2.911   14.201  1.00 28.71 ? 161  PHE A CE2 1 
ATOM   1251 C CZ  . PHE A 1 161 ? -2.160  2.189   13.446  1.00 25.55 ? 161  PHE A CZ  1 
ATOM   1252 N N   . HIS A 1 162 ? -3.453  8.207   9.634   1.00 23.86 ? 162  HIS A N   1 
ATOM   1253 C CA  . HIS A 1 162 ? -4.174  9.234   8.893   1.00 25.45 ? 162  HIS A CA  1 
ATOM   1254 C C   . HIS A 1 162 ? -5.205  8.524   8.046   1.00 26.25 ? 162  HIS A C   1 
ATOM   1255 O O   . HIS A 1 162 ? -4.874  7.594   7.306   1.00 25.80 ? 162  HIS A O   1 
ATOM   1256 C CB  . HIS A 1 162 ? -3.230  9.974   7.969   1.00 25.16 ? 162  HIS A CB  1 
ATOM   1257 C CG  . HIS A 1 162 ? -2.080  10.628  8.656   1.00 24.76 ? 162  HIS A CG  1 
ATOM   1258 N ND1 . HIS A 1 162 ? -2.148  11.913  9.143   1.00 24.20 ? 162  HIS A ND1 1 
ATOM   1259 C CD2 . HIS A 1 162 ? -0.801  10.223  8.845   1.00 24.21 ? 162  HIS A CD2 1 
ATOM   1260 C CE1 . HIS A 1 162 ? -0.982  12.253  9.658   1.00 24.71 ? 162  HIS A CE1 1 
ATOM   1261 N NE2 . HIS A 1 162 ? -0.141  11.254  9.475   1.00 22.94 ? 162  HIS A NE2 1 
ATOM   1262 N N   A SER A 1 163 ? -6.461  8.953   8.125   0.50 26.40 ? 163  SER A N   1 
ATOM   1263 N N   B SER A 1 163 ? -6.446  8.966   8.173   0.50 26.06 ? 163  SER A N   1 
ATOM   1264 C CA  A SER A 1 163 ? -7.549  8.260   7.418   0.50 28.23 ? 163  SER A CA  1 
ATOM   1265 C CA  B SER A 1 163 ? -7.536  8.384   7.426   0.50 27.49 ? 163  SER A CA  1 
ATOM   1266 C C   A SER A 1 163 ? -8.362  9.235   6.574   0.50 28.32 ? 163  SER A C   1 
ATOM   1267 C C   B SER A 1 163 ? -8.145  9.470   6.571   0.50 28.05 ? 163  SER A C   1 
ATOM   1268 O O   A SER A 1 163 ? -9.191  9.949   7.119   0.50 28.72 ? 163  SER A O   1 
ATOM   1269 O O   B SER A 1 163 ? -8.571  10.517  7.078   0.50 27.81 ? 163  SER A O   1 
ATOM   1270 C CB  A SER A 1 163 ? -8.435  7.517   8.431   0.50 28.06 ? 163  SER A CB  1 
ATOM   1271 C CB  B SER A 1 163 ? -8.548  7.753   8.378   0.50 27.30 ? 163  SER A CB  1 
ATOM   1272 O OG  A SER A 1 163 ? -9.563  6.895   7.823   0.50 29.82 ? 163  SER A OG  1 
ATOM   1273 O OG  B SER A 1 163 ? -7.937  6.713   9.134   0.50 26.39 ? 163  SER A OG  1 
ATOM   1274 N N   . TYR A 1 164 ? -8.110  9.272   5.259   1.00 29.04 ? 164  TYR A N   1 
ATOM   1275 C CA  . TYR A 1 164 ? -8.674  10.299  4.360   1.00 30.32 ? 164  TYR A CA  1 
ATOM   1276 C C   . TYR A 1 164 ? -9.649  9.695   3.344   1.00 30.46 ? 164  TYR A C   1 
ATOM   1277 O O   . TYR A 1 164 ? -9.523  8.535   2.943   1.00 28.76 ? 164  TYR A O   1 
ATOM   1278 C CB  . TYR A 1 164 ? -7.636  11.046  3.529   1.00 32.91 ? 164  TYR A CB  1 
ATOM   1279 C CG  . TYR A 1 164 ? -6.441  11.636  4.209   1.00 38.50 ? 164  TYR A CG  1 
ATOM   1280 C CD1 . TYR A 1 164 ? -6.544  12.747  5.048   1.00 43.01 ? 164  TYR A CD1 1 
ATOM   1281 C CD2 . TYR A 1 164 ? -5.172  11.094  3.972   1.00 43.34 ? 164  TYR A CD2 1 
ATOM   1282 C CE1 . TYR A 1 164 ? -5.374  13.297  5.658   1.00 45.36 ? 164  TYR A CE1 1 
ATOM   1283 C CE2 . TYR A 1 164 ? -4.026  11.623  4.561   1.00 45.41 ? 164  TYR A CE2 1 
ATOM   1284 C CZ  . TYR A 1 164 ? -4.124  12.720  5.392   1.00 42.73 ? 164  TYR A CZ  1 
ATOM   1285 O OH  . TYR A 1 164 ? -2.951  13.194  5.951   1.00 42.15 ? 164  TYR A OH  1 
ATOM   1286 N N   . ARG A 1 165 ? -10.598 10.516  2.917   1.00 29.60 ? 165  ARG A N   1 
ATOM   1287 C CA  . ARG A 1 165 ? -11.534 10.147  1.856   1.00 30.68 ? 165  ARG A CA  1 
ATOM   1288 C C   . ARG A 1 165 ? -11.735 11.340  0.938   1.00 29.31 ? 165  ARG A C   1 
ATOM   1289 O O   . ARG A 1 165 ? -11.458 12.482  1.300   1.00 28.03 ? 165  ARG A O   1 
ATOM   1290 C CB  . ARG A 1 165 ? -12.892 9.693   2.436   1.00 30.43 ? 165  ARG A CB  1 
ATOM   1291 C CG  . ARG A 1 165 ? -12.834 8.374   3.223   1.00 34.08 ? 165  ARG A CG  1 
ATOM   1292 C CD  . ARG A 1 165 ? -14.212 7.722   3.469   1.00 34.88 ? 165  ARG A CD  1 
ATOM   1293 N NE  . ARG A 1 165 ? -14.010 6.500   4.255   1.00 43.64 ? 165  ARG A NE  1 
ATOM   1294 C CZ  . ARG A 1 165 ? -14.977 5.729   4.751   1.00 46.58 ? 165  ARG A CZ  1 
ATOM   1295 N NH1 . ARG A 1 165 ? -16.256 6.037   4.559   1.00 47.18 ? 165  ARG A NH1 1 
ATOM   1296 N NH2 . ARG A 1 165 ? -14.660 4.644   5.458   1.00 48.05 ? 165  ARG A NH2 1 
ATOM   1297 N N   . ARG A 1 166 ? -12.197 11.071  -0.271  1.00 30.32 ? 166  ARG A N   1 
ATOM   1298 C CA  . ARG A 1 166 ? -12.712 12.159  -1.099  1.00 31.60 ? 166  ARG A CA  1 
ATOM   1299 C C   . ARG A 1 166 ? -13.887 11.710  -1.926  1.00 32.48 ? 166  ARG A C   1 
ATOM   1300 O O   . ARG A 1 166 ? -14.039 10.512  -2.180  1.00 30.59 ? 166  ARG A O   1 
ATOM   1301 C CB  . ARG A 1 166 ? -11.623 12.739  -1.994  1.00 31.23 ? 166  ARG A CB  1 
ATOM   1302 C CG  . ARG A 1 166 ? -11.070 11.781  -3.004  1.00 32.68 ? 166  ARG A CG  1 
ATOM   1303 C CD  . ARG A 1 166 ? -9.946  12.430  -3.771  1.00 31.91 ? 166  ARG A CD  1 
ATOM   1304 N NE  . ARG A 1 166 ? -9.364  11.482  -4.701  1.00 32.38 ? 166  ARG A NE  1 
ATOM   1305 C CZ  . ARG A 1 166 ? -8.448  11.777  -5.619  1.00 34.34 ? 166  ARG A CZ  1 
ATOM   1306 N NH1 . ARG A 1 166 ? -8.020  13.034  -5.760  1.00 32.90 ? 166  ARG A NH1 1 
ATOM   1307 N NH2 . ARG A 1 166 ? -7.976  10.814  -6.405  1.00 30.93 ? 166  ARG A NH2 1 
ATOM   1308 N N   . ASP A 1 167 ? -14.680 12.706  -2.333  1.00 34.01 ? 167  ASP A N   1 
ATOM   1309 C CA  . ASP A 1 167 ? -15.841 12.589  -3.213  1.00 37.09 ? 167  ASP A CA  1 
ATOM   1310 C C   . ASP A 1 167 ? -17.151 13.022  -2.546  1.00 37.47 ? 167  ASP A C   1 
ATOM   1311 O O   . ASP A 1 167 ? -17.549 14.185  -2.621  1.00 38.22 ? 167  ASP A O   1 
ATOM   1312 C CB  . ASP A 1 167 ? -15.944 11.193  -3.819  1.00 37.50 ? 167  ASP A CB  1 
ATOM   1313 C CG  . ASP A 1 167 ? -15.163 11.076  -5.097  1.00 39.99 ? 167  ASP A CG  1 
ATOM   1314 O OD1 . ASP A 1 167 ? -14.133 11.786  -5.219  1.00 40.77 ? 167  ASP A OD1 1 
ATOM   1315 O OD2 . ASP A 1 167 ? -15.595 10.293  -5.979  1.00 43.45 ? 167  ASP A OD2 1 
ATOM   1316 O OXT . ASP A 1 167 ? -17.839 12.218  -1.906  1.00 38.66 ? 167  ASP A OXT 1 
HETATM 1317 P PA  . NDP B 2 .   ? 6.176   -1.152  -7.403  1.00 26.50 ? 1168 NDP A PA  1 
HETATM 1318 O O1A . NDP B 2 .   ? 5.274   -0.022  -7.638  1.00 24.07 ? 1168 NDP A O1A 1 
HETATM 1319 O O2A . NDP B 2 .   ? 5.943   -2.105  -6.266  1.00 26.68 ? 1168 NDP A O2A 1 
HETATM 1320 O O5B . NDP B 2 .   ? 6.203   -2.011  -8.765  1.00 28.37 ? 1168 NDP A O5B 1 
HETATM 1321 C C5B . NDP B 2 .   ? 6.799   -1.471  -9.927  1.00 28.66 ? 1168 NDP A C5B 1 
HETATM 1322 C C4B . NDP B 2 .   ? 6.505   -2.415  -11.076 1.00 29.94 ? 1168 NDP A C4B 1 
HETATM 1323 O O4B . NDP B 2 .   ? 5.125   -2.347  -11.455 1.00 29.98 ? 1168 NDP A O4B 1 
HETATM 1324 C C3B . NDP B 2 .   ? 7.286   -2.094  -12.349 1.00 29.41 ? 1168 NDP A C3B 1 
HETATM 1325 O O3B . NDP B 2 .   ? 8.600   -2.633  -12.317 1.00 28.49 ? 1168 NDP A O3B 1 
HETATM 1326 C C2B . NDP B 2 .   ? 6.388   -2.785  -13.361 1.00 31.67 ? 1168 NDP A C2B 1 
HETATM 1327 O O2B . NDP B 2 .   ? 6.636   -4.176  -13.286 1.00 33.50 ? 1168 NDP A O2B 1 
HETATM 1328 C C1B . NDP B 2 .   ? 4.974   -2.577  -12.842 1.00 30.82 ? 1168 NDP A C1B 1 
HETATM 1329 N N9A . NDP B 2 .   ? 4.331   -1.422  -13.481 1.00 33.51 ? 1168 NDP A N9A 1 
HETATM 1330 C C8A . NDP B 2 .   ? 4.583   -0.100  -13.182 1.00 33.30 ? 1168 NDP A C8A 1 
HETATM 1331 N N7A . NDP B 2 .   ? 3.804   0.667   -13.959 1.00 34.55 ? 1168 NDP A N7A 1 
HETATM 1332 C C5A . NDP B 2 .   ? 3.046   -0.150  -14.746 1.00 33.50 ? 1168 NDP A C5A 1 
HETATM 1333 C C6A . NDP B 2 .   ? 2.100   0.122   -15.717 1.00 33.73 ? 1168 NDP A C6A 1 
HETATM 1334 N N6A . NDP B 2 .   ? 1.793   1.389   -16.042 1.00 35.97 ? 1168 NDP A N6A 1 
HETATM 1335 N N1A . NDP B 2 .   ? 1.476   -0.925  -16.362 1.00 32.60 ? 1168 NDP A N1A 1 
HETATM 1336 C C2A . NDP B 2 .   ? 1.806   -2.225  -16.051 1.00 31.24 ? 1168 NDP A C2A 1 
HETATM 1337 N N3A . NDP B 2 .   ? 2.750   -2.502  -15.105 1.00 31.28 ? 1168 NDP A N3A 1 
HETATM 1338 C C4A . NDP B 2 .   ? 3.361   -1.466  -14.448 1.00 32.93 ? 1168 NDP A C4A 1 
HETATM 1339 O O3  . NDP B 2 .   ? 7.716   -0.703  -7.287  1.00 25.93 ? 1168 NDP A O3  1 
HETATM 1340 P PN  . NDP B 2 .   ? 8.403   0.472   -6.439  1.00 28.45 ? 1168 NDP A PN  1 
HETATM 1341 O O1N . NDP B 2 .   ? 7.929   1.736   -6.991  1.00 25.11 ? 1168 NDP A O1N 1 
HETATM 1342 O O2N . NDP B 2 .   ? 9.879   0.245   -6.561  1.00 28.00 ? 1168 NDP A O2N 1 
HETATM 1343 O O5D . NDP B 2 .   ? 8.029   0.295   -4.906  1.00 28.10 ? 1168 NDP A O5D 1 
HETATM 1344 C C5D . NDP B 2 .   ? 8.478   -0.847  -4.215  1.00 28.21 ? 1168 NDP A C5D 1 
HETATM 1345 C C4D . NDP B 2 .   ? 9.102   -0.463  -2.897  1.00 30.11 ? 1168 NDP A C4D 1 
HETATM 1346 O O4D . NDP B 2 .   ? 8.115   0.003   -2.001  1.00 30.21 ? 1168 NDP A O4D 1 
HETATM 1347 C C3D . NDP B 2 .   ? 9.767   -1.656  -2.233  1.00 32.70 ? 1168 NDP A C3D 1 
HETATM 1348 O O3D . NDP B 2 .   ? 10.930  -1.222  -1.571  1.00 36.03 ? 1168 NDP A O3D 1 
HETATM 1349 C C2D . NDP B 2 .   ? 8.808   -2.043  -1.131  1.00 32.68 ? 1168 NDP A C2D 1 
HETATM 1350 O O2D . NDP B 2 .   ? 9.486   -2.598  -0.025  1.00 34.99 ? 1168 NDP A O2D 1 
HETATM 1351 C C1D . NDP B 2 .   ? 8.210   -0.693  -0.770  1.00 30.54 ? 1168 NDP A C1D 1 
HETATM 1352 N N1N . NDP B 2 .   ? 6.889   -0.899  -0.124  1.00 30.57 ? 1168 NDP A N1N 1 
HETATM 1353 C C2N . NDP B 2 .   ? 6.628   -0.160  0.995   1.00 27.58 ? 1168 NDP A C2N 1 
HETATM 1354 C C3N . NDP B 2 .   ? 5.348   -0.120  1.525   1.00 25.27 ? 1168 NDP A C3N 1 
HETATM 1355 C C7N . NDP B 2 .   ? 5.079   0.753   2.704   1.00 25.27 ? 1168 NDP A C7N 1 
HETATM 1356 O O7N . NDP B 2 .   ? 3.733   0.955   2.956   1.00 21.30 ? 1168 NDP A O7N 1 
HETATM 1357 N N7N . NDP B 2 .   ? 6.065   1.325   3.440   1.00 22.03 ? 1168 NDP A N7N 1 
HETATM 1358 C C4N . NDP B 2 .   ? 4.183   -0.838  0.852   1.00 25.52 ? 1168 NDP A C4N 1 
HETATM 1359 C C5N . NDP B 2 .   ? 4.584   -1.642  -0.353  1.00 26.25 ? 1168 NDP A C5N 1 
HETATM 1360 C C6N . NDP B 2 .   ? 5.913   -1.635  -0.773  1.00 28.96 ? 1168 NDP A C6N 1 
HETATM 1361 P P2B . NDP B 2 .   ? 7.420   -5.008  -14.454 1.00 36.65 ? 1168 NDP A P2B 1 
HETATM 1362 O O1X . NDP B 2 .   ? 8.818   -4.445  -14.404 1.00 37.92 ? 1168 NDP A O1X 1 
HETATM 1363 O O2X . NDP B 2 .   ? 7.474   -6.441  -13.996 1.00 37.66 ? 1168 NDP A O2X 1 
HETATM 1364 O O3X . NDP B 2 .   ? 6.688   -4.806  -15.748 1.00 32.22 ? 1168 NDP A O3X 1 
HETATM 1365 C C1  . TOP C 3 .   ? 2.429   -2.402  4.911   1.00 20.08 ? 1169 TOP A C1  1 
HETATM 1366 N N2  . TOP C 3 .   ? 1.948   -1.473  5.773   1.00 18.29 ? 1169 TOP A N2  1 
HETATM 1367 C C3  . TOP C 3 .   ? 0.998   -0.570  5.329   1.00 19.66 ? 1169 TOP A C3  1 
HETATM 1368 N N4  . TOP C 3 .   ? 0.497   0.333   6.176   1.00 17.27 ? 1169 TOP A N4  1 
HETATM 1369 N N5  . TOP C 3 .   ? 0.579   -0.533  4.052   1.00 17.62 ? 1169 TOP A N5  1 
HETATM 1370 C C6  . TOP C 3 .   ? 1.067   -1.443  3.172   1.00 17.95 ? 1169 TOP A C6  1 
HETATM 1371 N N7  . TOP C 3 .   ? 0.665   -1.419  1.888   1.00 15.97 ? 1169 TOP A N7  1 
HETATM 1372 C C8  . TOP C 3 .   ? 1.987   -2.415  3.577   1.00 19.77 ? 1169 TOP A C8  1 
HETATM 1373 C C9  . TOP C 3 .   ? 2.470   -3.423  2.527   1.00 24.35 ? 1169 TOP A C9  1 
HETATM 1374 C C10 . TOP C 3 .   ? 3.358   -4.500  3.106   1.00 25.45 ? 1169 TOP A C10 1 
HETATM 1375 C C11 . TOP C 3 .   ? 2.946   -5.467  4.028   1.00 26.17 ? 1169 TOP A C11 1 
HETATM 1376 C C12 . TOP C 3 .   ? 3.890   -6.404  4.502   1.00 28.56 ? 1169 TOP A C12 1 
HETATM 1377 O O13 . TOP C 3 .   ? 3.543   -7.365  5.414   1.00 28.79 ? 1169 TOP A O13 1 
HETATM 1378 C C14 . TOP C 3 .   ? 2.202   -7.759  5.663   1.00 26.83 ? 1169 TOP A C14 1 
HETATM 1379 C C15 . TOP C 3 .   ? 5.227   -6.365  4.088   1.00 29.27 ? 1169 TOP A C15 1 
HETATM 1380 O O16 . TOP C 3 .   ? 6.146   -7.290  4.562   1.00 30.77 ? 1169 TOP A O16 1 
HETATM 1381 C C17 . TOP C 3 .   ? 6.825   -7.063  5.798   1.00 34.38 ? 1169 TOP A C17 1 
HETATM 1382 C C18 . TOP C 3 .   ? 5.620   -5.394  3.167   1.00 29.72 ? 1169 TOP A C18 1 
HETATM 1383 O O19 . TOP C 3 .   ? 6.913   -5.338  2.702   1.00 29.55 ? 1169 TOP A O19 1 
HETATM 1384 C C20 . TOP C 3 .   ? 7.248   -4.600  1.518   1.00 30.60 ? 1169 TOP A C20 1 
HETATM 1385 C C21 . TOP C 3 .   ? 4.679   -4.491  2.678   1.00 26.64 ? 1169 TOP A C21 1 
HETATM 1386 O O   . HOH D 4 .   ? -0.674  4.803   -17.277 1.00 56.55 ? 2001 HOH A O   1 
HETATM 1387 O O   . HOH D 4 .   ? -17.523 -1.197  -9.664  1.00 65.52 ? 2002 HOH A O   1 
HETATM 1388 O O   . HOH D 4 .   ? -11.057 0.788   -0.418  1.00 32.97 ? 2003 HOH A O   1 
HETATM 1389 O O   . HOH D 4 .   ? -12.844 1.170   1.720   1.00 44.65 ? 2004 HOH A O   1 
HETATM 1390 O O   . HOH D 4 .   ? 19.245  -1.468  3.572   1.00 51.55 ? 2005 HOH A O   1 
HETATM 1391 O O   . HOH D 4 .   ? 4.914   12.938  2.247   1.00 43.60 ? 2006 HOH A O   1 
HETATM 1392 O O   . HOH D 4 .   ? 17.710  3.932   10.528  1.00 55.12 ? 2007 HOH A O   1 
HETATM 1393 O O   . HOH D 4 .   ? 17.679  1.333   6.439   1.00 61.60 ? 2008 HOH A O   1 
HETATM 1394 O O   . HOH D 4 .   ? 13.642  0.459   15.919  1.00 51.02 ? 2009 HOH A O   1 
HETATM 1395 O O   . HOH D 4 .   ? 15.421  1.833   12.915  1.00 55.37 ? 2010 HOH A O   1 
HETATM 1396 O O   . HOH D 4 .   ? 8.236   13.324  12.638  1.00 45.62 ? 2011 HOH A O   1 
HETATM 1397 O O   . HOH D 4 .   ? -11.978 -13.347 -1.119  1.00 53.39 ? 2012 HOH A O   1 
HETATM 1398 O O   . HOH D 4 .   ? -16.507 -4.152  2.066   1.00 57.62 ? 2013 HOH A O   1 
HETATM 1399 O O   . HOH D 4 .   ? -5.203  10.945  -14.458 1.00 57.00 ? 2014 HOH A O   1 
HETATM 1400 O O   . HOH D 4 .   ? 16.372  -0.552  4.167   1.00 52.75 ? 2015 HOH A O   1 
HETATM 1401 O O   . HOH D 4 .   ? 17.090  2.048   -1.978  1.00 45.83 ? 2016 HOH A O   1 
HETATM 1402 O O   . HOH D 4 .   ? 10.593  -5.345  4.335   1.00 54.02 ? 2017 HOH A O   1 
HETATM 1403 O O   . HOH D 4 .   ? 16.101  2.516   9.155   1.00 44.72 ? 2018 HOH A O   1 
HETATM 1404 O O   . HOH D 4 .   ? 13.134  -0.091  13.507  1.00 48.06 ? 2019 HOH A O   1 
HETATM 1405 O O   . HOH D 4 .   ? -3.315  -17.633 0.677   1.00 44.01 ? 2020 HOH A O   1 
HETATM 1406 O O   . HOH D 4 .   ? -10.233 -14.607 6.423   1.00 40.28 ? 2021 HOH A O   1 
HETATM 1407 O O   . HOH D 4 .   ? -4.519  -18.987 2.660   1.00 63.13 ? 2022 HOH A O   1 
HETATM 1408 O O   . HOH D 4 .   ? 7.060   -2.773  10.365  1.00 28.48 ? 2023 HOH A O   1 
HETATM 1409 O O   . HOH D 4 .   ? 2.374   -7.087  13.600  1.00 42.39 ? 2024 HOH A O   1 
HETATM 1410 O O   . HOH D 4 .   ? 7.462   -5.421  12.151  1.00 54.14 ? 2025 HOH A O   1 
HETATM 1411 O O   . HOH D 4 .   ? -1.990  -1.990  15.454  1.00 22.58 ? 2026 HOH A O   1 
HETATM 1412 O O   . HOH D 4 .   ? 5.669   -1.068  8.635   1.00 25.59 ? 2027 HOH A O   1 
HETATM 1413 O O   . HOH D 4 .   ? 0.064   -7.454  8.210   1.00 27.36 ? 2028 HOH A O   1 
HETATM 1414 O O   . HOH D 4 .   ? 1.492   -5.580  16.718  1.00 42.44 ? 2029 HOH A O   1 
HETATM 1415 O O   . HOH D 4 .   ? -0.611  -4.173  17.185  1.00 30.43 ? 2030 HOH A O   1 
HETATM 1416 O O   . HOH D 4 .   ? -0.935  -8.567  13.719  1.00 53.74 ? 2031 HOH A O   1 
HETATM 1417 O O   . HOH D 4 .   ? -4.544  3.983   8.741   1.00 33.22 ? 2032 HOH A O   1 
HETATM 1418 O O   . HOH D 4 .   ? -5.337  -12.103 12.010  1.00 42.87 ? 2033 HOH A O   1 
HETATM 1419 O O   . HOH D 4 .   ? -13.989 -0.591  -10.629 1.00 63.01 ? 2034 HOH A O   1 
HETATM 1420 O O   . HOH D 4 .   ? -11.344 -4.079  10.030  1.00 28.95 ? 2035 HOH A O   1 
HETATM 1421 O O   . HOH D 4 .   ? -6.994  -0.338  14.263  0.50 47.88 ? 2036 HOH A O   1 
HETATM 1422 O O   . HOH D 4 .   ? -4.383  -2.118  15.035  0.50 23.74 ? 2037 HOH A O   1 
HETATM 1423 O O   . HOH D 4 .   ? -11.239 -5.742  6.669   0.50 16.24 ? 2038 HOH A O   1 
HETATM 1424 O O   . HOH D 4 .   ? -11.207 -1.608  5.313   1.00 32.93 ? 2039 HOH A O   1 
HETATM 1425 O O   . HOH D 4 .   ? 6.282   6.525   -11.432 1.00 36.67 ? 2040 HOH A O   1 
HETATM 1426 O O   . HOH D 4 .   ? 2.206   7.324   -13.113 1.00 51.57 ? 2041 HOH A O   1 
HETATM 1427 O O   . HOH D 4 .   ? -10.767 -11.326 -1.051  1.00 45.06 ? 2042 HOH A O   1 
HETATM 1428 O O   . HOH D 4 .   ? -14.509 -9.089  -1.507  1.00 50.12 ? 2043 HOH A O   1 
HETATM 1429 O O   . HOH D 4 .   ? -13.996 -11.926 1.338   1.00 55.47 ? 2044 HOH A O   1 
HETATM 1430 O O   . HOH D 4 .   ? -2.039  10.957  -13.093 1.00 45.39 ? 2045 HOH A O   1 
HETATM 1431 O O   . HOH D 4 .   ? -15.087 -2.406  3.160   1.00 47.89 ? 2046 HOH A O   1 
HETATM 1432 O O   . HOH D 4 .   ? -13.465 -4.182  5.265   1.00 34.48 ? 2047 HOH A O   1 
HETATM 1433 O O   . HOH D 4 .   ? 4.935   17.306  10.016  1.00 51.47 ? 2048 HOH A O   1 
HETATM 1434 O O   . HOH D 4 .   ? 12.035  14.098  8.953   1.00 46.92 ? 2049 HOH A O   1 
HETATM 1435 O O   . HOH D 4 .   ? 14.247  9.218   16.037  1.00 57.61 ? 2050 HOH A O   1 
HETATM 1436 O O   . HOH D 4 .   ? 11.735  14.023  14.890  1.00 61.27 ? 2051 HOH A O   1 
HETATM 1437 O O   . HOH D 4 .   ? 11.220  -6.027  -4.902  1.00 45.75 ? 2052 HOH A O   1 
HETATM 1438 O O   . HOH D 4 .   ? 7.457   8.124   -6.685  1.00 35.48 ? 2053 HOH A O   1 
HETATM 1439 O O   . HOH D 4 .   ? 6.652   -14.558 -8.447  1.00 46.17 ? 2054 HOH A O   1 
HETATM 1440 O O   . HOH D 4 .   ? 12.155  -6.858  -7.281  1.00 50.76 ? 2055 HOH A O   1 
HETATM 1441 O O   . HOH D 4 .   ? 9.055   -13.350 -9.060  1.00 56.27 ? 2056 HOH A O   1 
HETATM 1442 O O   . HOH D 4 .   ? -8.525  23.177  -4.811  1.00 43.63 ? 2057 HOH A O   1 
HETATM 1443 O O   . HOH D 4 .   ? -10.959 23.441  0.089   1.00 52.87 ? 2058 HOH A O   1 
HETATM 1444 O O   . HOH D 4 .   ? 4.359   8.322   23.141  1.00 44.86 ? 2059 HOH A O   1 
HETATM 1445 O O   . HOH D 4 .   ? 11.463  -11.719 -0.148  1.00 59.10 ? 2060 HOH A O   1 
HETATM 1446 O O   . HOH D 4 .   ? 4.597   -19.329 -0.709  1.00 59.64 ? 2061 HOH A O   1 
HETATM 1447 O O   . HOH D 4 .   ? 1.216   -13.201 5.375   1.00 45.40 ? 2062 HOH A O   1 
HETATM 1448 O O   . HOH D 4 .   ? -0.561  17.639  15.974  1.00 53.85 ? 2063 HOH A O   1 
HETATM 1449 O O   . HOH D 4 .   ? 10.938  -12.905 -5.444  1.00 56.67 ? 2064 HOH A O   1 
HETATM 1450 O O   . HOH D 4 .   ? -0.854  -17.642 1.314   1.00 50.23 ? 2065 HOH A O   1 
HETATM 1451 O O   . HOH D 4 .   ? -10.738 -13.219 4.383   1.00 39.81 ? 2066 HOH A O   1 
HETATM 1452 O O   . HOH D 4 .   ? -6.329  -17.212 1.981   1.00 48.74 ? 2067 HOH A O   1 
HETATM 1453 O O   . HOH D 4 .   ? -1.068  -8.788  5.941   1.00 26.56 ? 2068 HOH A O   1 
HETATM 1454 O O   . HOH D 4 .   ? -4.521  -15.258 -0.782  1.00 32.83 ? 2069 HOH A O   1 
HETATM 1455 O O   . HOH D 4 .   ? -10.044 -14.526 -4.408  1.00 62.25 ? 2070 HOH A O   1 
HETATM 1456 O O   . HOH D 4 .   ? -14.084 -10.929 -11.071 1.00 63.34 ? 2071 HOH A O   1 
HETATM 1457 O O   . HOH D 4 .   ? -5.960  -13.693 -7.156  1.00 38.20 ? 2072 HOH A O   1 
HETATM 1458 O O   . HOH D 4 .   ? -4.738  -14.485 -4.176  1.00 30.88 ? 2073 HOH A O   1 
HETATM 1459 O O   . HOH D 4 .   ? 0.819   -8.267  -17.655 1.00 45.02 ? 2074 HOH A O   1 
HETATM 1460 O O   . HOH D 4 .   ? 1.450   -5.073  -21.407 1.00 51.57 ? 2075 HOH A O   1 
HETATM 1461 O O   . HOH D 4 .   ? 10.387  -10.575 -12.750 1.00 52.90 ? 2076 HOH A O   1 
HETATM 1462 O O   . HOH D 4 .   ? -0.402  -15.734 -19.604 1.00 58.29 ? 2077 HOH A O   1 
HETATM 1463 O O   . HOH D 4 .   ? 8.377   -11.129 -19.766 1.00 55.42 ? 2078 HOH A O   1 
HETATM 1464 O O   . HOH D 4 .   ? 6.588   -10.852 -21.665 1.00 44.70 ? 2079 HOH A O   1 
HETATM 1465 O O   . HOH D 4 .   ? -0.070  -16.359 -10.993 1.00 55.03 ? 2080 HOH A O   1 
HETATM 1466 O O   . HOH D 4 .   ? 5.420   -16.929 -7.785  1.00 44.35 ? 2081 HOH A O   1 
HETATM 1467 O O   . HOH D 4 .   ? 3.430   -17.426 -3.995  1.00 49.60 ? 2082 HOH A O   1 
HETATM 1468 O O   . HOH D 4 .   ? -2.626  -20.148 -3.529  1.00 63.53 ? 2083 HOH A O   1 
HETATM 1469 O O   . HOH D 4 .   ? -1.172  -19.081 -9.011  1.00 53.93 ? 2084 HOH A O   1 
HETATM 1470 O O   . HOH D 4 .   ? -1.148  -15.355 -13.265 1.00 53.45 ? 2085 HOH A O   1 
HETATM 1471 O O   . HOH D 4 .   ? -4.197  -8.015  -17.943 1.00 48.74 ? 2086 HOH A O   1 
HETATM 1472 O O   . HOH D 4 .   ? -11.084 -0.997  -14.906 1.00 52.55 ? 2087 HOH A O   1 
HETATM 1473 O O   . HOH D 4 .   ? -2.177  1.102   -15.754 1.00 55.91 ? 2088 HOH A O   1 
HETATM 1474 O O   . HOH D 4 .   ? -12.674 -2.415  -9.000  1.00 39.02 ? 2089 HOH A O   1 
HETATM 1475 O O   . HOH D 4 .   ? -15.167 -7.522  -13.184 1.00 50.27 ? 2090 HOH A O   1 
HETATM 1476 O O   . HOH D 4 .   ? -14.466 -3.968  -7.320  1.00 39.46 ? 2091 HOH A O   1 
HETATM 1477 O O   . HOH D 4 .   ? -17.594 0.787   -0.355  1.00 53.84 ? 2092 HOH A O   1 
HETATM 1478 O O   . HOH D 4 .   ? -12.469 -1.488  3.171   1.00 38.18 ? 2093 HOH A O   1 
HETATM 1479 O O   . HOH D 4 .   ? 4.396   7.011   -5.003  1.00 25.90 ? 2094 HOH A O   1 
HETATM 1480 O O   . HOH D 4 .   ? 8.333   0.897   -14.341 1.00 42.21 ? 2095 HOH A O   1 
HETATM 1481 O O   . HOH D 4 .   ? 7.461   6.073   -8.645  1.00 42.11 ? 2096 HOH A O   1 
HETATM 1482 O O   . HOH D 4 .   ? 3.642   5.239   -12.053 1.00 32.77 ? 2097 HOH A O   1 
HETATM 1483 O O   . HOH D 4 .   ? -1.261  9.988   -10.681 1.00 35.98 ? 2098 HOH A O   1 
HETATM 1484 O O   . HOH D 4 .   ? -11.906 10.035  -8.289  1.00 60.75 ? 2099 HOH A O   1 
HETATM 1485 O O   . HOH D 4 .   ? -9.107  11.893  -11.054 1.00 51.26 ? 2100 HOH A O   1 
HETATM 1486 O O   . HOH D 4 .   ? -12.585 5.047   -5.971  1.00 46.24 ? 2101 HOH A O   1 
HETATM 1487 O O   . HOH D 4 .   ? -14.670 7.808   0.009   1.00 42.31 ? 2102 HOH A O   1 
HETATM 1488 O O   . HOH D 4 .   ? -1.933  2.602   7.116   1.00 23.82 ? 2103 HOH A O   1 
HETATM 1489 O O   . HOH D 4 .   ? 4.439   14.968  10.809  1.00 43.07 ? 2104 HOH A O   1 
HETATM 1490 O O   . HOH D 4 .   ? 9.756   8.065   17.141  1.00 25.28 ? 2105 HOH A O   1 
HETATM 1491 O O   . HOH D 4 .   ? 7.331   14.280  14.954  1.00 45.78 ? 2106 HOH A O   1 
HETATM 1492 O O   . HOH D 4 .   ? 10.840  12.257  12.222  1.00 47.06 ? 2107 HOH A O   1 
HETATM 1493 O O   . HOH D 4 .   ? 11.231  11.291  8.368   1.00 25.99 ? 2108 HOH A O   1 
HETATM 1494 O O   . HOH D 4 .   ? 15.190  8.678   13.827  1.00 40.32 ? 2109 HOH A O   1 
HETATM 1495 O O   . HOH D 4 .   ? 18.708  8.463   6.254   1.00 41.39 ? 2110 HOH A O   1 
HETATM 1496 O O   . HOH D 4 .   ? 6.801   14.585  1.836   1.00 60.11 ? 2111 HOH A O   1 
HETATM 1497 O O   . HOH D 4 .   ? 6.667   13.447  -2.205  1.00 46.02 ? 2112 HOH A O   1 
HETATM 1498 O O   . HOH D 4 .   ? 14.832  14.235  4.095   1.00 43.92 ? 2113 HOH A O   1 
HETATM 1499 O O   . HOH D 4 .   ? 17.927  4.472   -1.199  1.00 41.34 ? 2114 HOH A O   1 
HETATM 1500 O O   . HOH D 4 .   ? 17.290  5.551   -8.253  1.00 52.45 ? 2115 HOH A O   1 
HETATM 1501 O O   . HOH D 4 .   ? 13.461  1.368   -4.685  1.00 58.77 ? 2116 HOH A O   1 
HETATM 1502 O O   . HOH D 4 .   ? 21.720  2.219   -7.822  1.00 60.94 ? 2117 HOH A O   1 
HETATM 1503 O O   . HOH D 4 .   ? 13.705  8.705   -4.632  1.00 54.88 ? 2118 HOH A O   1 
HETATM 1504 O O   . HOH D 4 .   ? 11.695  7.914   -6.077  1.00 52.41 ? 2119 HOH A O   1 
HETATM 1505 O O   . HOH D 4 .   ? 9.510   6.745   -5.535  1.00 23.66 ? 2120 HOH A O   1 
HETATM 1506 O O   . HOH D 4 .   ? 5.836   9.223   -5.596  1.00 44.64 ? 2121 HOH A O   1 
HETATM 1507 O O   . HOH D 4 .   ? 6.392   11.702  -0.329  1.00 28.05 ? 2122 HOH A O   1 
HETATM 1508 O O   . HOH D 4 .   ? 2.597   11.557  1.425   1.00 23.09 ? 2123 HOH A O   1 
HETATM 1509 O O   . HOH D 4 .   ? 1.133   13.781  1.569   1.00 32.31 ? 2124 HOH A O   1 
HETATM 1510 O O   . HOH D 4 .   ? -0.747  18.611  0.620   1.00 42.91 ? 2125 HOH A O   1 
HETATM 1511 O O   . HOH D 4 .   ? -3.672  15.925  2.704   1.00 52.26 ? 2126 HOH A O   1 
HETATM 1512 O O   . HOH D 4 .   ? -9.538  19.725  2.459   1.00 52.16 ? 2127 HOH A O   1 
HETATM 1513 O O   . HOH D 4 .   ? -8.194  24.202  -2.053  1.00 53.72 ? 2128 HOH A O   1 
HETATM 1514 O O   . HOH D 4 .   ? -8.195  20.575  -3.897  1.00 42.87 ? 2129 HOH A O   1 
HETATM 1515 O O   . HOH D 4 .   ? -6.429  23.806  1.801   1.00 35.38 ? 2130 HOH A O   1 
HETATM 1516 O O   . HOH D 4 .   ? -12.254 16.223  8.786   1.00 52.61 ? 2131 HOH A O   1 
HETATM 1517 O O   . HOH D 4 .   ? -10.026 16.785  11.056  1.00 51.57 ? 2132 HOH A O   1 
HETATM 1518 O O   . HOH D 4 .   ? -6.324  14.168  8.599   1.00 48.58 ? 2133 HOH A O   1 
HETATM 1519 O O   . HOH D 4 .   ? -6.878  12.944  16.911  1.00 49.46 ? 2134 HOH A O   1 
HETATM 1520 O O   . HOH D 4 .   ? -6.129  15.832  14.647  1.00 43.29 ? 2135 HOH A O   1 
HETATM 1521 O O   . HOH D 4 .   ? -7.760  15.135  12.623  1.00 34.19 ? 2136 HOH A O   1 
HETATM 1522 O O   . HOH D 4 .   ? -1.279  13.615  16.010  1.00 27.01 ? 2137 HOH A O   1 
HETATM 1523 O O   . HOH D 4 .   ? -2.897  7.388   15.475  1.00 21.88 ? 2138 HOH A O   1 
HETATM 1524 O O   . HOH D 4 .   ? -1.900  12.510  22.408  1.00 51.67 ? 2139 HOH A O   1 
HETATM 1525 O O   . HOH D 4 .   ? -3.929  16.496  18.440  1.00 53.08 ? 2140 HOH A O   1 
HETATM 1526 O O   . HOH D 4 .   ? -0.505  13.511  18.708  1.00 31.23 ? 2141 HOH A O   1 
HETATM 1527 O O   . HOH D 4 .   ? 0.405   11.367  21.605  1.00 51.89 ? 2142 HOH A O   1 
HETATM 1528 O O   . HOH D 4 .   ? 3.005   15.950  14.801  1.00 51.10 ? 2143 HOH A O   1 
HETATM 1529 O O   . HOH D 4 .   ? 1.235   8.089   22.991  1.00 42.62 ? 2144 HOH A O   1 
HETATM 1530 O O   . HOH D 4 .   ? 1.449   5.448   23.390  1.00 29.20 ? 2145 HOH A O   1 
HETATM 1531 O O   . HOH D 4 .   ? 7.762   1.100   23.536  1.00 28.75 ? 2146 HOH A O   1 
HETATM 1532 O O   . HOH D 4 .   ? 11.612  6.946   19.078  1.00 42.28 ? 2147 HOH A O   1 
HETATM 1533 O O   . HOH D 4 .   ? 1.656   13.474  20.892  1.00 52.05 ? 2148 HOH A O   1 
HETATM 1534 O O   . HOH D 4 .   ? 0.531   1.097   20.431  1.00 43.53 ? 2149 HOH A O   1 
HETATM 1535 O O   . HOH D 4 .   ? 0.768   17.356  13.684  1.00 56.39 ? 2150 HOH A O   1 
HETATM 1536 O O   . HOH D 4 .   ? -10.968 4.967   8.305   1.00 61.97 ? 2151 HOH A O   1 
HETATM 1537 O O   . HOH D 4 .   ? -12.232 9.365   7.231   1.00 55.94 ? 2152 HOH A O   1 
HETATM 1538 O O   . HOH D 4 .   ? -6.374  12.343  -8.210  1.00 44.96 ? 2153 HOH A O   1 
HETATM 1539 O O   . HOH D 4 .   ? -5.229  13.218  -6.064  1.00 31.62 ? 2154 HOH A O   1 
HETATM 1540 O O   . HOH D 4 .   ? 0.107   -0.806  -18.716 1.00 55.98 ? 2155 HOH A O   1 
HETATM 1541 O O   . HOH D 4 .   ? -0.247  1.972   -17.471 1.00 49.58 ? 2156 HOH A O   1 
HETATM 1542 O O   . HOH D 4 .   ? 8.114   -2.569  -16.646 1.00 48.07 ? 2157 HOH A O   1 
HETATM 1543 O O   . HOH D 4 .   ? 13.186  -0.070  -2.734  1.00 44.98 ? 2158 HOH A O   1 
HETATM 1544 O O   . HOH D 4 .   ? 4.447   3.232   -14.010 1.00 40.21 ? 2159 HOH A O   1 
HETATM 1545 O O   . HOH D 4 .   ? 9.276   3.953   -7.518  1.00 35.97 ? 2160 HOH A O   1 
# 
loop_
_pdbx_poly_seq_scheme.asym_id 
_pdbx_poly_seq_scheme.entity_id 
_pdbx_poly_seq_scheme.seq_id 
_pdbx_poly_seq_scheme.mon_id 
_pdbx_poly_seq_scheme.ndb_seq_num 
_pdbx_poly_seq_scheme.pdb_seq_num 
_pdbx_poly_seq_scheme.auth_seq_num 
_pdbx_poly_seq_scheme.pdb_mon_id 
_pdbx_poly_seq_scheme.auth_mon_id 
_pdbx_poly_seq_scheme.pdb_strand_id 
_pdbx_poly_seq_scheme.pdb_ins_code 
_pdbx_poly_seq_scheme.hetero 
A 1 1   MET 1   1   ?   ?   ?   A . n 
A 1 2   THR 2   2   ?   ?   ?   A . n 
A 1 3   ARG 3   3   3   ARG ARG A . n 
A 1 4   ALA 4   4   4   ALA ALA A . n 
A 1 5   GLU 5   5   5   GLU GLU A . n 
A 1 6   VAL 6   6   6   VAL VAL A . n 
A 1 7   GLY 7   7   7   GLY GLY A . n 
A 1 8   LEU 8   8   8   LEU LEU A . n 
A 1 9   VAL 9   9   9   VAL VAL A . n 
A 1 10  TRP 10  10  10  TRP TRP A . n 
A 1 11  ALA 11  11  11  ALA ALA A . n 
A 1 12  GLN 12  12  12  GLN GLN A . n 
A 1 13  SER 13  13  13  SER SER A . n 
A 1 14  THR 14  14  14  THR THR A . n 
A 1 15  SER 15  15  15  SER SER A . n 
A 1 16  GLY 16  16  16  GLY GLY A . n 
A 1 17  VAL 17  17  17  VAL VAL A . n 
A 1 18  ILE 18  18  18  ILE ILE A . n 
A 1 19  GLY 19  19  19  GLY GLY A . n 
A 1 20  ARG 20  20  20  ARG ARG A . n 
A 1 21  GLY 21  21  21  GLY GLY A . n 
A 1 22  GLY 22  22  22  GLY GLY A . n 
A 1 23  ASP 23  23  23  ASP ASP A . n 
A 1 24  ILE 24  24  24  ILE ILE A . n 
A 1 25  PRO 25  25  25  PRO PRO A . n 
A 1 26  TRP 26  26  26  TRP TRP A . n 
A 1 27  SER 27  27  27  SER SER A . n 
A 1 28  VAL 28  28  28  VAL VAL A . n 
A 1 29  PRO 29  29  29  PRO PRO A . n 
A 1 30  GLU 30  30  30  GLU GLU A . n 
A 1 31  ASP 31  31  31  ASP ASP A . n 
A 1 32  LEU 32  32  32  LEU LEU A . n 
A 1 33  THR 33  33  33  THR THR A . n 
A 1 34  ARG 34  34  34  ARG ARG A . n 
A 1 35  PHE 35  35  35  PHE PHE A . n 
A 1 36  LYS 36  36  36  LYS LYS A . n 
A 1 37  GLU 37  37  37  GLU GLU A . n 
A 1 38  VAL 38  38  38  VAL VAL A . n 
A 1 39  THR 39  39  39  THR THR A . n 
A 1 40  MET 40  40  40  MET MET A . n 
A 1 41  GLY 41  41  41  GLY GLY A . n 
A 1 42  HIS 42  42  42  HIS HIS A . n 
A 1 43  THR 43  43  43  THR THR A . n 
A 1 44  VAL 44  44  44  VAL VAL A . n 
A 1 45  ILE 45  45  45  ILE ILE A . n 
A 1 46  MET 46  46  46  MET MET A . n 
A 1 47  GLY 47  47  47  GLY GLY A . n 
A 1 48  ARG 48  48  48  ARG ARG A . n 
A 1 49  ARG 49  49  49  ARG ARG A . n 
A 1 50  THR 50  50  50  THR THR A . n 
A 1 51  TRP 51  51  51  TRP TRP A . n 
A 1 52  GLU 52  52  52  GLU GLU A . n 
A 1 53  SER 53  53  53  SER SER A . n 
A 1 54  LEU 54  54  54  LEU LEU A . n 
A 1 55  PRO 55  55  55  PRO PRO A . n 
A 1 56  ALA 56  56  56  ALA ALA A . n 
A 1 57  LYS 57  57  57  LYS LYS A . n 
A 1 58  VAL 58  58  58  VAL VAL A . n 
A 1 59  ARG 59  59  59  ARG ARG A . n 
A 1 60  PRO 60  60  60  PRO PRO A . n 
A 1 61  LEU 61  61  61  LEU LEU A . n 
A 1 62  PRO 62  62  62  PRO PRO A . n 
A 1 63  GLY 63  63  63  GLY GLY A . n 
A 1 64  ARG 64  64  64  ARG ARG A . n 
A 1 65  ARG 65  65  65  ARG ARG A . n 
A 1 66  ASN 66  66  66  ASN ASN A . n 
A 1 67  VAL 67  67  67  VAL VAL A . n 
A 1 68  VAL 68  68  68  VAL VAL A . n 
A 1 69  VAL 69  69  69  VAL VAL A . n 
A 1 70  SER 70  70  70  SER SER A . n 
A 1 71  ARG 71  71  71  ARG ARG A . n 
A 1 72  ARG 72  72  72  ARG ARG A . n 
A 1 73  PRO 73  73  73  PRO PRO A . n 
A 1 74  ASP 74  74  74  ASP ASP A . n 
A 1 75  PHE 75  75  75  PHE PHE A . n 
A 1 76  VAL 76  76  76  VAL VAL A . n 
A 1 77  ALA 77  77  77  ALA ALA A . n 
A 1 78  GLU 78  78  78  GLU GLU A . n 
A 1 79  GLY 79  79  79  GLY GLY A . n 
A 1 80  ALA 80  80  80  ALA ALA A . n 
A 1 81  ARG 81  81  81  ARG ARG A . n 
A 1 82  VAL 82  82  82  VAL VAL A . n 
A 1 83  ALA 83  83  83  ALA ALA A . n 
A 1 84  GLY 84  84  84  GLY GLY A . n 
A 1 85  SER 85  85  85  SER SER A . n 
A 1 86  LEU 86  86  86  LEU LEU A . n 
A 1 87  GLU 87  87  87  GLU GLU A . n 
A 1 88  ALA 88  88  88  ALA ALA A . n 
A 1 89  ALA 89  89  89  ALA ALA A . n 
A 1 90  LEU 90  90  90  LEU LEU A . n 
A 1 91  ALA 91  91  91  ALA ALA A . n 
A 1 92  TYR 92  92  92  TYR TYR A . n 
A 1 93  ALA 93  93  93  ALA ALA A . n 
A 1 94  GLY 94  94  94  GLY GLY A . n 
A 1 95  SER 95  95  95  SER SER A . n 
A 1 96  ASP 96  96  96  ASP ASP A . n 
A 1 97  PRO 97  97  97  PRO PRO A . n 
A 1 98  ALA 98  98  98  ALA ALA A . n 
A 1 99  PRO 99  99  99  PRO PRO A . n 
A 1 100 TRP 100 100 100 TRP TRP A . n 
A 1 101 VAL 101 101 101 VAL VAL A . n 
A 1 102 ILE 102 102 102 ILE ILE A . n 
A 1 103 GLY 103 103 103 GLY GLY A . n 
A 1 104 GLY 104 104 104 GLY GLY A . n 
A 1 105 ALA 105 105 105 ALA ALA A . n 
A 1 106 GLN 106 106 106 GLN GLN A . n 
A 1 107 ILE 107 107 107 ILE ILE A . n 
A 1 108 TYR 108 108 108 TYR TYR A . n 
A 1 109 LEU 109 109 109 LEU LEU A . n 
A 1 110 LEU 110 110 110 LEU LEU A . n 
A 1 111 ALA 111 111 111 ALA ALA A . n 
A 1 112 LEU 112 112 112 LEU LEU A . n 
A 1 113 PRO 113 113 113 PRO PRO A . n 
A 1 114 HIS 114 114 114 HIS HIS A . n 
A 1 115 ALA 115 115 115 ALA ALA A . n 
A 1 116 THR 116 116 116 THR THR A . n 
A 1 117 ARG 117 117 117 ARG ARG A . n 
A 1 118 CYS 118 118 118 CYS CYS A . n 
A 1 119 GLU 119 119 119 GLU GLU A . n 
A 1 120 VAL 120 120 120 VAL VAL A . n 
A 1 121 THR 121 121 121 THR THR A . n 
A 1 122 GLU 122 122 122 GLU GLU A . n 
A 1 123 ILE 123 123 123 ILE ILE A . n 
A 1 124 GLU 124 124 124 GLU GLU A . n 
A 1 125 ILE 125 125 125 ILE ILE A . n 
A 1 126 ASP 126 126 126 ASP ASP A . n 
A 1 127 LEU 127 127 127 LEU LEU A . n 
A 1 128 ARG 128 128 128 ARG ARG A . n 
A 1 129 ARG 129 129 129 ARG ARG A . n 
A 1 130 ASP 130 130 130 ASP ASP A . n 
A 1 131 ASP 131 131 131 ASP ASP A . n 
A 1 132 ASP 132 132 132 ASP ASP A . n 
A 1 133 ASP 133 133 133 ASP ASP A . n 
A 1 134 ALA 134 134 134 ALA ALA A . n 
A 1 135 LEU 135 135 135 LEU LEU A . n 
A 1 136 ALA 136 136 136 ALA ALA A . n 
A 1 137 PRO 137 137 137 PRO PRO A . n 
A 1 138 ALA 138 138 138 ALA ALA A . n 
A 1 139 LEU 139 139 139 LEU LEU A . n 
A 1 140 ASP 140 140 140 ASP ASP A . n 
A 1 141 ASP 141 141 141 ASP ASP A . n 
A 1 142 SER 142 142 142 SER SER A . n 
A 1 143 TRP 143 143 143 TRP TRP A . n 
A 1 144 VAL 144 144 144 VAL VAL A . n 
A 1 145 GLY 145 145 145 GLY GLY A . n 
A 1 146 GLU 146 146 146 GLU GLU A . n 
A 1 147 THR 147 147 147 THR THR A . n 
A 1 148 GLY 148 148 148 GLY GLY A . n 
A 1 149 GLU 149 149 149 GLU GLU A . n 
A 1 150 TRP 150 150 150 TRP TRP A . n 
A 1 151 LEU 151 151 151 LEU LEU A . n 
A 1 152 ALA 152 152 152 ALA ALA A . n 
A 1 153 SER 153 153 153 SER SER A . n 
A 1 154 ARG 154 154 154 ARG ARG A . n 
A 1 155 SER 155 155 155 SER SER A . n 
A 1 156 GLY 156 156 156 GLY GLY A . n 
A 1 157 LEU 157 157 157 LEU LEU A . n 
A 1 158 ARG 158 158 158 ARG ARG A . n 
A 1 159 TYR 159 159 159 TYR TYR A . n 
A 1 160 ARG 160 160 160 ARG ARG A . n 
A 1 161 PHE 161 161 161 PHE PHE A . n 
A 1 162 HIS 162 162 162 HIS HIS A . n 
A 1 163 SER 163 163 163 SER SER A . n 
A 1 164 TYR 164 164 164 TYR TYR A . n 
A 1 165 ARG 165 165 165 ARG ARG A . n 
A 1 166 ARG 166 166 166 ARG ARG A . n 
A 1 167 ASP 167 167 167 ASP ASP A . n 
# 
loop_
_pdbx_nonpoly_scheme.asym_id 
_pdbx_nonpoly_scheme.entity_id 
_pdbx_nonpoly_scheme.mon_id 
_pdbx_nonpoly_scheme.ndb_seq_num 
_pdbx_nonpoly_scheme.pdb_seq_num 
_pdbx_nonpoly_scheme.auth_seq_num 
_pdbx_nonpoly_scheme.pdb_mon_id 
_pdbx_nonpoly_scheme.auth_mon_id 
_pdbx_nonpoly_scheme.pdb_strand_id 
_pdbx_nonpoly_scheme.pdb_ins_code 
B 2 NDP 1   1168 1168 NDP NDP A . 
C 3 TOP 1   1169 1169 TOP TOP A . 
D 4 HOH 1   2001 2001 HOH HOH A . 
D 4 HOH 2   2002 2002 HOH HOH A . 
D 4 HOH 3   2003 2003 HOH HOH A . 
D 4 HOH 4   2004 2004 HOH HOH A . 
D 4 HOH 5   2005 2005 HOH HOH A . 
D 4 HOH 6   2006 2006 HOH HOH A . 
D 4 HOH 7   2007 2007 HOH HOH A . 
D 4 HOH 8   2008 2008 HOH HOH A . 
D 4 HOH 9   2009 2009 HOH HOH A . 
D 4 HOH 10  2010 2010 HOH HOH A . 
D 4 HOH 11  2011 2011 HOH HOH A . 
D 4 HOH 12  2012 2012 HOH HOH A . 
D 4 HOH 13  2013 2013 HOH HOH A . 
D 4 HOH 14  2014 2014 HOH HOH A . 
D 4 HOH 15  2015 2015 HOH HOH A . 
D 4 HOH 16  2016 2016 HOH HOH A . 
D 4 HOH 17  2017 2017 HOH HOH A . 
D 4 HOH 18  2018 2018 HOH HOH A . 
D 4 HOH 19  2019 2019 HOH HOH A . 
D 4 HOH 20  2020 2020 HOH HOH A . 
D 4 HOH 21  2021 2021 HOH HOH A . 
D 4 HOH 22  2022 2022 HOH HOH A . 
D 4 HOH 23  2023 2023 HOH HOH A . 
D 4 HOH 24  2024 2024 HOH HOH A . 
D 4 HOH 25  2025 2025 HOH HOH A . 
D 4 HOH 26  2026 2026 HOH HOH A . 
D 4 HOH 27  2027 2027 HOH HOH A . 
D 4 HOH 28  2028 2028 HOH HOH A . 
D 4 HOH 29  2029 2029 HOH HOH A . 
D 4 HOH 30  2030 2030 HOH HOH A . 
D 4 HOH 31  2031 2031 HOH HOH A . 
D 4 HOH 32  2032 2032 HOH HOH A . 
D 4 HOH 33  2033 2033 HOH HOH A . 
D 4 HOH 34  2034 2034 HOH HOH A . 
D 4 HOH 35  2035 2035 HOH HOH A . 
D 4 HOH 36  2036 2036 HOH HOH A . 
D 4 HOH 37  2037 2037 HOH HOH A . 
D 4 HOH 38  2038 2038 HOH HOH A . 
D 4 HOH 39  2039 2039 HOH HOH A . 
D 4 HOH 40  2040 2040 HOH HOH A . 
D 4 HOH 41  2041 2041 HOH HOH A . 
D 4 HOH 42  2042 2042 HOH HOH A . 
D 4 HOH 43  2043 2043 HOH HOH A . 
D 4 HOH 44  2044 2044 HOH HOH A . 
D 4 HOH 45  2045 2045 HOH HOH A . 
D 4 HOH 46  2046 2046 HOH HOH A . 
D 4 HOH 47  2047 2047 HOH HOH A . 
D 4 HOH 48  2048 2048 HOH HOH A . 
D 4 HOH 49  2049 2049 HOH HOH A . 
D 4 HOH 50  2050 2050 HOH HOH A . 
D 4 HOH 51  2051 2051 HOH HOH A . 
D 4 HOH 52  2052 2052 HOH HOH A . 
D 4 HOH 53  2053 2053 HOH HOH A . 
D 4 HOH 54  2054 2054 HOH HOH A . 
D 4 HOH 55  2055 2055 HOH HOH A . 
D 4 HOH 56  2056 2056 HOH HOH A . 
D 4 HOH 57  2057 2057 HOH HOH A . 
D 4 HOH 58  2058 2058 HOH HOH A . 
D 4 HOH 59  2059 2059 HOH HOH A . 
D 4 HOH 60  2060 2060 HOH HOH A . 
D 4 HOH 61  2061 2061 HOH HOH A . 
D 4 HOH 62  2062 2062 HOH HOH A . 
D 4 HOH 63  2063 2063 HOH HOH A . 
D 4 HOH 64  2064 2064 HOH HOH A . 
D 4 HOH 65  2065 2065 HOH HOH A . 
D 4 HOH 66  2066 2066 HOH HOH A . 
D 4 HOH 67  2067 2067 HOH HOH A . 
D 4 HOH 68  2068 2068 HOH HOH A . 
D 4 HOH 69  2069 2069 HOH HOH A . 
D 4 HOH 70  2070 2070 HOH HOH A . 
D 4 HOH 71  2071 2071 HOH HOH A . 
D 4 HOH 72  2072 2072 HOH HOH A . 
D 4 HOH 73  2073 2073 HOH HOH A . 
D 4 HOH 74  2074 2074 HOH HOH A . 
D 4 HOH 75  2075 2075 HOH HOH A . 
D 4 HOH 76  2076 2076 HOH HOH A . 
D 4 HOH 77  2077 2077 HOH HOH A . 
D 4 HOH 78  2078 2078 HOH HOH A . 
D 4 HOH 79  2079 2079 HOH HOH A . 
D 4 HOH 80  2080 2080 HOH HOH A . 
D 4 HOH 81  2081 2081 HOH HOH A . 
D 4 HOH 82  2082 2082 HOH HOH A . 
D 4 HOH 83  2083 2083 HOH HOH A . 
D 4 HOH 84  2084 2084 HOH HOH A . 
D 4 HOH 85  2085 2085 HOH HOH A . 
D 4 HOH 86  2086 2086 HOH HOH A . 
D 4 HOH 87  2087 2087 HOH HOH A . 
D 4 HOH 88  2088 2088 HOH HOH A . 
D 4 HOH 89  2089 2089 HOH HOH A . 
D 4 HOH 90  2090 2090 HOH HOH A . 
D 4 HOH 91  2091 2091 HOH HOH A . 
D 4 HOH 92  2092 2092 HOH HOH A . 
D 4 HOH 93  2093 2093 HOH HOH A . 
D 4 HOH 94  2094 2094 HOH HOH A . 
D 4 HOH 95  2095 2095 HOH HOH A . 
D 4 HOH 96  2096 2096 HOH HOH A . 
D 4 HOH 97  2097 2097 HOH HOH A . 
D 4 HOH 98  2098 2098 HOH HOH A . 
D 4 HOH 99  2099 2099 HOH HOH A . 
D 4 HOH 100 2100 2100 HOH HOH A . 
D 4 HOH 101 2101 2101 HOH HOH A . 
D 4 HOH 102 2102 2102 HOH HOH A . 
D 4 HOH 103 2103 2103 HOH HOH A . 
D 4 HOH 104 2104 2104 HOH HOH A . 
D 4 HOH 105 2105 2105 HOH HOH A . 
D 4 HOH 106 2106 2106 HOH HOH A . 
D 4 HOH 107 2107 2107 HOH HOH A . 
D 4 HOH 108 2108 2108 HOH HOH A . 
D 4 HOH 109 2109 2109 HOH HOH A . 
D 4 HOH 110 2110 2110 HOH HOH A . 
D 4 HOH 111 2111 2111 HOH HOH A . 
D 4 HOH 112 2112 2112 HOH HOH A . 
D 4 HOH 113 2113 2113 HOH HOH A . 
D 4 HOH 114 2114 2114 HOH HOH A . 
D 4 HOH 115 2115 2115 HOH HOH A . 
D 4 HOH 116 2116 2116 HOH HOH A . 
D 4 HOH 117 2117 2117 HOH HOH A . 
D 4 HOH 118 2118 2118 HOH HOH A . 
D 4 HOH 119 2119 2119 HOH HOH A . 
D 4 HOH 120 2120 2120 HOH HOH A . 
D 4 HOH 121 2121 2121 HOH HOH A . 
D 4 HOH 122 2122 2122 HOH HOH A . 
D 4 HOH 123 2123 2123 HOH HOH A . 
D 4 HOH 124 2124 2124 HOH HOH A . 
D 4 HOH 125 2125 2125 HOH HOH A . 
D 4 HOH 126 2126 2126 HOH HOH A . 
D 4 HOH 127 2127 2127 HOH HOH A . 
D 4 HOH 128 2128 2128 HOH HOH A . 
D 4 HOH 129 2129 2129 HOH HOH A . 
D 4 HOH 130 2130 2130 HOH HOH A . 
D 4 HOH 131 2131 2131 HOH HOH A . 
D 4 HOH 132 2132 2132 HOH HOH A . 
D 4 HOH 133 2133 2133 HOH HOH A . 
D 4 HOH 134 2134 2134 HOH HOH A . 
D 4 HOH 135 2135 2135 HOH HOH A . 
D 4 HOH 136 2136 2136 HOH HOH A . 
D 4 HOH 137 2137 2137 HOH HOH A . 
D 4 HOH 138 2138 2138 HOH HOH A . 
D 4 HOH 139 2139 2139 HOH HOH A . 
D 4 HOH 140 2140 2140 HOH HOH A . 
D 4 HOH 141 2141 2141 HOH HOH A . 
D 4 HOH 142 2142 2142 HOH HOH A . 
D 4 HOH 143 2143 2143 HOH HOH A . 
D 4 HOH 144 2144 2144 HOH HOH A . 
D 4 HOH 145 2145 2145 HOH HOH A . 
D 4 HOH 146 2146 2146 HOH HOH A . 
D 4 HOH 147 2147 2147 HOH HOH A . 
D 4 HOH 148 2148 2148 HOH HOH A . 
D 4 HOH 149 2149 2149 HOH HOH A . 
D 4 HOH 150 2150 2150 HOH HOH A . 
D 4 HOH 151 2151 2151 HOH HOH A . 
D 4 HOH 152 2152 2152 HOH HOH A . 
D 4 HOH 153 2153 2153 HOH HOH A . 
D 4 HOH 154 2154 2154 HOH HOH A . 
D 4 HOH 155 2155 2155 HOH HOH A . 
D 4 HOH 156 2156 2156 HOH HOH A . 
D 4 HOH 157 2157 2157 HOH HOH A . 
D 4 HOH 158 2158 2158 HOH HOH A . 
D 4 HOH 159 2159 2159 HOH HOH A . 
D 4 HOH 160 2160 2160 HOH HOH A . 
# 
_pdbx_struct_assembly.id                   1 
_pdbx_struct_assembly.details              author_and_software_defined_assembly 
_pdbx_struct_assembly.method_details       PISA 
_pdbx_struct_assembly.oligomeric_details   monomeric 
_pdbx_struct_assembly.oligomeric_count     1 
# 
_pdbx_struct_assembly_gen.assembly_id       1 
_pdbx_struct_assembly_gen.oper_expression   1 
_pdbx_struct_assembly_gen.asym_id_list      A,B,C,D 
# 
_pdbx_struct_oper_list.id                   1 
_pdbx_struct_oper_list.type                 'identity operation' 
_pdbx_struct_oper_list.name                 1_555 
_pdbx_struct_oper_list.symmetry_operation   x,y,z 
_pdbx_struct_oper_list.matrix[1][1]         1.0000000000 
_pdbx_struct_oper_list.matrix[1][2]         0.0000000000 
_pdbx_struct_oper_list.matrix[1][3]         0.0000000000 
_pdbx_struct_oper_list.vector[1]            0.0000000000 
_pdbx_struct_oper_list.matrix[2][1]         0.0000000000 
_pdbx_struct_oper_list.matrix[2][2]         1.0000000000 
_pdbx_struct_oper_list.matrix[2][3]         0.0000000000 
_pdbx_struct_oper_list.vector[2]            0.0000000000 
_pdbx_struct_oper_list.matrix[3][1]         0.0000000000 
_pdbx_struct_oper_list.matrix[3][2]         0.0000000000 
_pdbx_struct_oper_list.matrix[3][3]         1.0000000000 
_pdbx_struct_oper_list.vector[3]            0.0000000000 
# 
_pdbx_struct_special_symmetry.id              1 
_pdbx_struct_special_symmetry.PDB_model_num   1 
_pdbx_struct_special_symmetry.auth_asym_id    A 
_pdbx_struct_special_symmetry.auth_comp_id    HOH 
_pdbx_struct_special_symmetry.auth_seq_id     2036 
_pdbx_struct_special_symmetry.PDB_ins_code    ? 
_pdbx_struct_special_symmetry.label_asym_id   D 
_pdbx_struct_special_symmetry.label_comp_id   HOH 
_pdbx_struct_special_symmetry.label_seq_id    . 
# 
loop_
_pdbx_audit_revision_history.ordinal 
_pdbx_audit_revision_history.data_content_type 
_pdbx_audit_revision_history.major_revision 
_pdbx_audit_revision_history.minor_revision 
_pdbx_audit_revision_history.revision_date 
1 'Structure model' 1 0 2009-11-17 
2 'Structure model' 1 1 2011-07-13 
3 'Structure model' 1 2 2018-04-11 
4 'Structure model' 1 3 2019-03-06 
5 'Structure model' 1 4 2019-05-08 
6 'Structure model' 1 5 2023-12-13 
# 
_pdbx_audit_revision_details.ordinal             1 
_pdbx_audit_revision_details.revision_ordinal    1 
_pdbx_audit_revision_details.data_content_type   'Structure model' 
_pdbx_audit_revision_details.provider            repository 
_pdbx_audit_revision_details.type                'Initial release' 
_pdbx_audit_revision_details.description         ? 
_pdbx_audit_revision_details.details             ? 
# 
loop_
_pdbx_audit_revision_group.ordinal 
_pdbx_audit_revision_group.revision_ordinal 
_pdbx_audit_revision_group.data_content_type 
_pdbx_audit_revision_group.group 
1  2 'Structure model' Advisory                    
2  2 'Structure model' 'Version format compliance' 
3  3 'Structure model' 'Data collection'           
4  3 'Structure model' 'Source and taxonomy'       
5  4 'Structure model' 'Data collection'           
6  4 'Structure model' 'Derived calculations'      
7  4 'Structure model' 'Experimental preparation'  
8  5 'Structure model' 'Data collection'           
9  5 'Structure model' 'Experimental preparation'  
10 6 'Structure model' 'Data collection'           
11 6 'Structure model' 'Database references'       
12 6 'Structure model' 'Derived calculations'      
13 6 'Structure model' Other                       
14 6 'Structure model' 'Refinement description'    
# 
loop_
_pdbx_audit_revision_category.ordinal 
_pdbx_audit_revision_category.revision_ordinal 
_pdbx_audit_revision_category.data_content_type 
_pdbx_audit_revision_category.category 
1  3 'Structure model' diffrn_source                 
2  3 'Structure model' entity_src_gen                
3  4 'Structure model' exptl_crystal_grow            
4  4 'Structure model' pdbx_struct_special_symmetry  
5  5 'Structure model' database_PDB_rev              
6  5 'Structure model' database_PDB_rev_record       
7  5 'Structure model' exptl_crystal_grow            
8  6 'Structure model' chem_comp_atom                
9  6 'Structure model' chem_comp_bond                
10 6 'Structure model' database_2                    
11 6 'Structure model' pdbx_database_status          
12 6 'Structure model' pdbx_initial_refinement_model 
13 6 'Structure model' struct_site                   
# 
loop_
_pdbx_audit_revision_item.ordinal 
_pdbx_audit_revision_item.revision_ordinal 
_pdbx_audit_revision_item.data_content_type 
_pdbx_audit_revision_item.item 
1  3 'Structure model' '_diffrn_source.pdbx_wavelength'                
2  3 'Structure model' '_diffrn_source.pdbx_wavelength_list'           
3  3 'Structure model' '_entity_src_gen.pdbx_gene_src_scientific_name' 
4  3 'Structure model' '_entity_src_gen.pdbx_host_org_scientific_name' 
5  3 'Structure model' '_entity_src_gen.pdbx_host_org_strain'          
6  4 'Structure model' '_exptl_crystal_grow.temp'                      
7  5 'Structure model' '_exptl_crystal_grow.method'                    
8  6 'Structure model' '_database_2.pdbx_DOI'                          
9  6 'Structure model' '_database_2.pdbx_database_accession'           
10 6 'Structure model' '_pdbx_database_status.status_code_sf'          
11 6 'Structure model' '_struct_site.pdbx_auth_asym_id'                
12 6 'Structure model' '_struct_site.pdbx_auth_comp_id'                
13 6 'Structure model' '_struct_site.pdbx_auth_seq_id'                 
# 
_pdbx_refine_tls.pdbx_refine_id   'X-RAY DIFFRACTION' 
_pdbx_refine_tls.id               1 
_pdbx_refine_tls.details          ? 
_pdbx_refine_tls.method           refined 
_pdbx_refine_tls.origin_x         0.1544 
_pdbx_refine_tls.origin_y         0.4596 
_pdbx_refine_tls.origin_z         0.4936 
_pdbx_refine_tls.T[1][1]          -0.0963 
_pdbx_refine_tls.T[2][2]          -0.0859 
_pdbx_refine_tls.T[3][3]          -0.0107 
_pdbx_refine_tls.T[1][2]          -0.0378 
_pdbx_refine_tls.T[1][3]          -0.0078 
_pdbx_refine_tls.T[2][3]          0.0096 
_pdbx_refine_tls.L[1][1]          1.7864 
_pdbx_refine_tls.L[2][2]          2.9819 
_pdbx_refine_tls.L[3][3]          3.1101 
_pdbx_refine_tls.L[1][2]          0.9826 
_pdbx_refine_tls.L[1][3]          -0.1494 
_pdbx_refine_tls.L[2][3]          0.5907 
_pdbx_refine_tls.S[1][1]          -0.1188 
_pdbx_refine_tls.S[1][2]          0.1297 
_pdbx_refine_tls.S[1][3]          -0.0590 
_pdbx_refine_tls.S[2][1]          -0.1727 
_pdbx_refine_tls.S[2][2]          0.0331 
_pdbx_refine_tls.S[2][3]          -0.1461 
_pdbx_refine_tls.S[3][1]          0.0764 
_pdbx_refine_tls.S[3][2]          -0.0469 
_pdbx_refine_tls.S[3][3]          0.0857 
# 
_pdbx_refine_tls_group.pdbx_refine_id      'X-RAY DIFFRACTION' 
_pdbx_refine_tls_group.id                  1 
_pdbx_refine_tls_group.refine_tls_id       1 
_pdbx_refine_tls_group.beg_auth_asym_id    A 
_pdbx_refine_tls_group.beg_auth_seq_id     3 
_pdbx_refine_tls_group.beg_label_asym_id   ? 
_pdbx_refine_tls_group.beg_label_seq_id    ? 
_pdbx_refine_tls_group.end_auth_asym_id    A 
_pdbx_refine_tls_group.end_auth_seq_id     167 
_pdbx_refine_tls_group.end_label_asym_id   ? 
_pdbx_refine_tls_group.end_label_seq_id    ? 
_pdbx_refine_tls_group.selection           ? 
_pdbx_refine_tls_group.selection_details   ? 
# 
loop_
_software.name 
_software.classification 
_software.version 
_software.citation_id 
_software.pdbx_ordinal 
_software.date 
_software.type 
_software.location 
_software.language 
REFMAC refinement       5.2.0019 ? 1 ? ? ? ? 
MOSFLM 'data reduction' .        ? 2 ? ? ? ? 
SCALA  'data scaling'   .        ? 3 ? ? ? ? 
AMoRE  phasing          .        ? 4 ? ? ? ? 
# 
_pdbx_database_remark.id     700 
_pdbx_database_remark.text   
;
SHEET
THE SHEET STRUCTURE OF THIS MOLECULE IS BIFURCATED. IN
ORDER TO REPRESENT THIS FEATURE IN THE SHEET RECORDS BELOW,
TWO SHEETS ARE DEFINED.
;
# 
_pdbx_entry_details.entry_id                 2W3V 
_pdbx_entry_details.compound_details         ? 
_pdbx_entry_details.source_details           ? 
_pdbx_entry_details.nonpolymer_details       ? 
_pdbx_entry_details.sequence_details         
;RESIDUES 168-181 OF WILDTYPE M. AVIUM DHFR WERE DELETED IN
THE EXPRESSION CONSTRUCT. THE FIRST ELEVEN CODONS OF THE M.
AVIUM DHFR READING FRAME WERE MUTATED TO INCREASE THE A
AND T CONTENT. THE CODONS USED WERE 5'-ATG-ACT-CGT-GCT-GAA-
GTA-GGT-CTG-GTA-TGG-GCT. PCR INTRODUCED AN UNINTENDED
SILENT MUTATION AT VAL120 (GTC MUTATED TO GTT).
;
_pdbx_entry_details.has_ligand_of_interest   ? 
# 
_pdbx_validate_torsion.id              1 
_pdbx_validate_torsion.PDB_model_num   1 
_pdbx_validate_torsion.auth_comp_id    PRO 
_pdbx_validate_torsion.auth_asym_id    A 
_pdbx_validate_torsion.auth_seq_id     25 
_pdbx_validate_torsion.PDB_ins_code    ? 
_pdbx_validate_torsion.label_alt_id    ? 
_pdbx_validate_torsion.phi             -82.93 
_pdbx_validate_torsion.psi             35.99 
# 
loop_
_pdbx_unobs_or_zero_occ_atoms.id 
_pdbx_unobs_or_zero_occ_atoms.PDB_model_num 
_pdbx_unobs_or_zero_occ_atoms.polymer_flag 
_pdbx_unobs_or_zero_occ_atoms.occupancy_flag 
_pdbx_unobs_or_zero_occ_atoms.auth_asym_id 
_pdbx_unobs_or_zero_occ_atoms.auth_comp_id 
_pdbx_unobs_or_zero_occ_atoms.auth_seq_id 
_pdbx_unobs_or_zero_occ_atoms.PDB_ins_code 
_pdbx_unobs_or_zero_occ_atoms.auth_atom_id 
_pdbx_unobs_or_zero_occ_atoms.label_alt_id 
_pdbx_unobs_or_zero_occ_atoms.label_asym_id 
_pdbx_unobs_or_zero_occ_atoms.label_comp_id 
_pdbx_unobs_or_zero_occ_atoms.label_seq_id 
_pdbx_unobs_or_zero_occ_atoms.label_atom_id 
1 1 Y 1 A ARG 3  ? CG  ? A ARG 3  CG  
2 1 Y 1 A ARG 3  ? CD  ? A ARG 3  CD  
3 1 Y 1 A ARG 3  ? NE  ? A ARG 3  NE  
4 1 Y 1 A ARG 3  ? CZ  ? A ARG 3  CZ  
5 1 Y 1 A ARG 3  ? NH1 ? A ARG 3  NH1 
6 1 Y 1 A ARG 3  ? NH2 ? A ARG 3  NH2 
7 1 Y 1 A LYS 57 ? CD  ? A LYS 57 CD  
8 1 Y 1 A LYS 57 ? CE  ? A LYS 57 CE  
9 1 Y 1 A LYS 57 ? NZ  ? A LYS 57 NZ  
# 
loop_
_pdbx_unobs_or_zero_occ_residues.id 
_pdbx_unobs_or_zero_occ_residues.PDB_model_num 
_pdbx_unobs_or_zero_occ_residues.polymer_flag 
_pdbx_unobs_or_zero_occ_residues.occupancy_flag 
_pdbx_unobs_or_zero_occ_residues.auth_asym_id 
_pdbx_unobs_or_zero_occ_residues.auth_comp_id 
_pdbx_unobs_or_zero_occ_residues.auth_seq_id 
_pdbx_unobs_or_zero_occ_residues.PDB_ins_code 
_pdbx_unobs_or_zero_occ_residues.label_asym_id 
_pdbx_unobs_or_zero_occ_residues.label_comp_id 
_pdbx_unobs_or_zero_occ_residues.label_seq_id 
1 1 Y 1 A MET 1 ? A MET 1 
2 1 Y 1 A THR 2 ? A THR 2 
# 
loop_
_chem_comp_atom.comp_id 
_chem_comp_atom.atom_id 
_chem_comp_atom.type_symbol 
_chem_comp_atom.pdbx_aromatic_flag 
_chem_comp_atom.pdbx_stereo_config 
_chem_comp_atom.pdbx_ordinal 
ALA N    N N N 1   
ALA CA   C N S 2   
ALA C    C N N 3   
ALA O    O N N 4   
ALA CB   C N N 5   
ALA OXT  O N N 6   
ALA H    H N N 7   
ALA H2   H N N 8   
ALA HA   H N N 9   
ALA HB1  H N N 10  
ALA HB2  H N N 11  
ALA HB3  H N N 12  
ALA HXT  H N N 13  
ARG N    N N N 14  
ARG CA   C N S 15  
ARG C    C N N 16  
ARG O    O N N 17  
ARG CB   C N N 18  
ARG CG   C N N 19  
ARG CD   C N N 20  
ARG NE   N N N 21  
ARG CZ   C N N 22  
ARG NH1  N N N 23  
ARG NH2  N N N 24  
ARG OXT  O N N 25  
ARG H    H N N 26  
ARG H2   H N N 27  
ARG HA   H N N 28  
ARG HB2  H N N 29  
ARG HB3  H N N 30  
ARG HG2  H N N 31  
ARG HG3  H N N 32  
ARG HD2  H N N 33  
ARG HD3  H N N 34  
ARG HE   H N N 35  
ARG HH11 H N N 36  
ARG HH12 H N N 37  
ARG HH21 H N N 38  
ARG HH22 H N N 39  
ARG HXT  H N N 40  
ASN N    N N N 41  
ASN CA   C N S 42  
ASN C    C N N 43  
ASN O    O N N 44  
ASN CB   C N N 45  
ASN CG   C N N 46  
ASN OD1  O N N 47  
ASN ND2  N N N 48  
ASN OXT  O N N 49  
ASN H    H N N 50  
ASN H2   H N N 51  
ASN HA   H N N 52  
ASN HB2  H N N 53  
ASN HB3  H N N 54  
ASN HD21 H N N 55  
ASN HD22 H N N 56  
ASN HXT  H N N 57  
ASP N    N N N 58  
ASP CA   C N S 59  
ASP C    C N N 60  
ASP O    O N N 61  
ASP CB   C N N 62  
ASP CG   C N N 63  
ASP OD1  O N N 64  
ASP OD2  O N N 65  
ASP OXT  O N N 66  
ASP H    H N N 67  
ASP H2   H N N 68  
ASP HA   H N N 69  
ASP HB2  H N N 70  
ASP HB3  H N N 71  
ASP HD2  H N N 72  
ASP HXT  H N N 73  
CYS N    N N N 74  
CYS CA   C N R 75  
CYS C    C N N 76  
CYS O    O N N 77  
CYS CB   C N N 78  
CYS SG   S N N 79  
CYS OXT  O N N 80  
CYS H    H N N 81  
CYS H2   H N N 82  
CYS HA   H N N 83  
CYS HB2  H N N 84  
CYS HB3  H N N 85  
CYS HG   H N N 86  
CYS HXT  H N N 87  
GLN N    N N N 88  
GLN CA   C N S 89  
GLN C    C N N 90  
GLN O    O N N 91  
GLN CB   C N N 92  
GLN CG   C N N 93  
GLN CD   C N N 94  
GLN OE1  O N N 95  
GLN NE2  N N N 96  
GLN OXT  O N N 97  
GLN H    H N N 98  
GLN H2   H N N 99  
GLN HA   H N N 100 
GLN HB2  H N N 101 
GLN HB3  H N N 102 
GLN HG2  H N N 103 
GLN HG3  H N N 104 
GLN HE21 H N N 105 
GLN HE22 H N N 106 
GLN HXT  H N N 107 
GLU N    N N N 108 
GLU CA   C N S 109 
GLU C    C N N 110 
GLU O    O N N 111 
GLU CB   C N N 112 
GLU CG   C N N 113 
GLU CD   C N N 114 
GLU OE1  O N N 115 
GLU OE2  O N N 116 
GLU OXT  O N N 117 
GLU H    H N N 118 
GLU H2   H N N 119 
GLU HA   H N N 120 
GLU HB2  H N N 121 
GLU HB3  H N N 122 
GLU HG2  H N N 123 
GLU HG3  H N N 124 
GLU HE2  H N N 125 
GLU HXT  H N N 126 
GLY N    N N N 127 
GLY CA   C N N 128 
GLY C    C N N 129 
GLY O    O N N 130 
GLY OXT  O N N 131 
GLY H    H N N 132 
GLY H2   H N N 133 
GLY HA2  H N N 134 
GLY HA3  H N N 135 
GLY HXT  H N N 136 
HIS N    N N N 137 
HIS CA   C N S 138 
HIS C    C N N 139 
HIS O    O N N 140 
HIS CB   C N N 141 
HIS CG   C Y N 142 
HIS ND1  N Y N 143 
HIS CD2  C Y N 144 
HIS CE1  C Y N 145 
HIS NE2  N Y N 146 
HIS OXT  O N N 147 
HIS H    H N N 148 
HIS H2   H N N 149 
HIS HA   H N N 150 
HIS HB2  H N N 151 
HIS HB3  H N N 152 
HIS HD1  H N N 153 
HIS HD2  H N N 154 
HIS HE1  H N N 155 
HIS HE2  H N N 156 
HIS HXT  H N N 157 
HOH O    O N N 158 
HOH H1   H N N 159 
HOH H2   H N N 160 
ILE N    N N N 161 
ILE CA   C N S 162 
ILE C    C N N 163 
ILE O    O N N 164 
ILE CB   C N S 165 
ILE CG1  C N N 166 
ILE CG2  C N N 167 
ILE CD1  C N N 168 
ILE OXT  O N N 169 
ILE H    H N N 170 
ILE H2   H N N 171 
ILE HA   H N N 172 
ILE HB   H N N 173 
ILE HG12 H N N 174 
ILE HG13 H N N 175 
ILE HG21 H N N 176 
ILE HG22 H N N 177 
ILE HG23 H N N 178 
ILE HD11 H N N 179 
ILE HD12 H N N 180 
ILE HD13 H N N 181 
ILE HXT  H N N 182 
LEU N    N N N 183 
LEU CA   C N S 184 
LEU C    C N N 185 
LEU O    O N N 186 
LEU CB   C N N 187 
LEU CG   C N N 188 
LEU CD1  C N N 189 
LEU CD2  C N N 190 
LEU OXT  O N N 191 
LEU H    H N N 192 
LEU H2   H N N 193 
LEU HA   H N N 194 
LEU HB2  H N N 195 
LEU HB3  H N N 196 
LEU HG   H N N 197 
LEU HD11 H N N 198 
LEU HD12 H N N 199 
LEU HD13 H N N 200 
LEU HD21 H N N 201 
LEU HD22 H N N 202 
LEU HD23 H N N 203 
LEU HXT  H N N 204 
LYS N    N N N 205 
LYS CA   C N S 206 
LYS C    C N N 207 
LYS O    O N N 208 
LYS CB   C N N 209 
LYS CG   C N N 210 
LYS CD   C N N 211 
LYS CE   C N N 212 
LYS NZ   N N N 213 
LYS OXT  O N N 214 
LYS H    H N N 215 
LYS H2   H N N 216 
LYS HA   H N N 217 
LYS HB2  H N N 218 
LYS HB3  H N N 219 
LYS HG2  H N N 220 
LYS HG3  H N N 221 
LYS HD2  H N N 222 
LYS HD3  H N N 223 
LYS HE2  H N N 224 
LYS HE3  H N N 225 
LYS HZ1  H N N 226 
LYS HZ2  H N N 227 
LYS HZ3  H N N 228 
LYS HXT  H N N 229 
MET N    N N N 230 
MET CA   C N S 231 
MET C    C N N 232 
MET O    O N N 233 
MET CB   C N N 234 
MET CG   C N N 235 
MET SD   S N N 236 
MET CE   C N N 237 
MET OXT  O N N 238 
MET H    H N N 239 
MET H2   H N N 240 
MET HA   H N N 241 
MET HB2  H N N 242 
MET HB3  H N N 243 
MET HG2  H N N 244 
MET HG3  H N N 245 
MET HE1  H N N 246 
MET HE2  H N N 247 
MET HE3  H N N 248 
MET HXT  H N N 249 
NDP PA   P N S 250 
NDP O1A  O N N 251 
NDP O2A  O N N 252 
NDP O5B  O N N 253 
NDP C5B  C N N 254 
NDP C4B  C N R 255 
NDP O4B  O N N 256 
NDP C3B  C N R 257 
NDP O3B  O N N 258 
NDP C2B  C N R 259 
NDP O2B  O N N 260 
NDP C1B  C N R 261 
NDP N9A  N Y N 262 
NDP C8A  C Y N 263 
NDP N7A  N Y N 264 
NDP C5A  C Y N 265 
NDP C6A  C Y N 266 
NDP N6A  N N N 267 
NDP N1A  N Y N 268 
NDP C2A  C Y N 269 
NDP N3A  N Y N 270 
NDP C4A  C Y N 271 
NDP O3   O N N 272 
NDP PN   P N S 273 
NDP O1N  O N N 274 
NDP O2N  O N N 275 
NDP O5D  O N N 276 
NDP C5D  C N N 277 
NDP C4D  C N R 278 
NDP O4D  O N N 279 
NDP C3D  C N S 280 
NDP O3D  O N N 281 
NDP C2D  C N R 282 
NDP O2D  O N N 283 
NDP C1D  C N R 284 
NDP N1N  N N N 285 
NDP C2N  C N N 286 
NDP C3N  C N N 287 
NDP C7N  C N N 288 
NDP O7N  O N N 289 
NDP N7N  N N N 290 
NDP C4N  C N N 291 
NDP C5N  C N N 292 
NDP C6N  C N N 293 
NDP P2B  P N N 294 
NDP O1X  O N N 295 
NDP O2X  O N N 296 
NDP O3X  O N N 297 
NDP HOA2 H N N 298 
NDP H51A H N N 299 
NDP H52A H N N 300 
NDP H4B  H N N 301 
NDP H3B  H N N 302 
NDP HO3A H N N 303 
NDP H2B  H N N 304 
NDP H1B  H N N 305 
NDP H8A  H N N 306 
NDP H61A H N N 307 
NDP H62A H N N 308 
NDP H2A  H N N 309 
NDP H21N H N N 310 
NDP H51N H N N 311 
NDP H52N H N N 312 
NDP H4D  H N N 313 
NDP H3D  H N N 314 
NDP HO3N H N N 315 
NDP H2D  H N N 316 
NDP HO2N H N N 317 
NDP H1D  H N N 318 
NDP H2N  H N N 319 
NDP H71N H N N 320 
NDP H72N H N N 321 
NDP H41N H N N 322 
NDP H42N H N N 323 
NDP H5N  H N N 324 
NDP H6N  H N N 325 
NDP HOP2 H N N 326 
NDP HOP3 H N N 327 
PHE N    N N N 328 
PHE CA   C N S 329 
PHE C    C N N 330 
PHE O    O N N 331 
PHE CB   C N N 332 
PHE CG   C Y N 333 
PHE CD1  C Y N 334 
PHE CD2  C Y N 335 
PHE CE1  C Y N 336 
PHE CE2  C Y N 337 
PHE CZ   C Y N 338 
PHE OXT  O N N 339 
PHE H    H N N 340 
PHE H2   H N N 341 
PHE HA   H N N 342 
PHE HB2  H N N 343 
PHE HB3  H N N 344 
PHE HD1  H N N 345 
PHE HD2  H N N 346 
PHE HE1  H N N 347 
PHE HE2  H N N 348 
PHE HZ   H N N 349 
PHE HXT  H N N 350 
PRO N    N N N 351 
PRO CA   C N S 352 
PRO C    C N N 353 
PRO O    O N N 354 
PRO CB   C N N 355 
PRO CG   C N N 356 
PRO CD   C N N 357 
PRO OXT  O N N 358 
PRO H    H N N 359 
PRO HA   H N N 360 
PRO HB2  H N N 361 
PRO HB3  H N N 362 
PRO HG2  H N N 363 
PRO HG3  H N N 364 
PRO HD2  H N N 365 
PRO HD3  H N N 366 
PRO HXT  H N N 367 
SER N    N N N 368 
SER CA   C N S 369 
SER C    C N N 370 
SER O    O N N 371 
SER CB   C N N 372 
SER OG   O N N 373 
SER OXT  O N N 374 
SER H    H N N 375 
SER H2   H N N 376 
SER HA   H N N 377 
SER HB2  H N N 378 
SER HB3  H N N 379 
SER HG   H N N 380 
SER HXT  H N N 381 
THR N    N N N 382 
THR CA   C N S 383 
THR C    C N N 384 
THR O    O N N 385 
THR CB   C N R 386 
THR OG1  O N N 387 
THR CG2  C N N 388 
THR OXT  O N N 389 
THR H    H N N 390 
THR H2   H N N 391 
THR HA   H N N 392 
THR HB   H N N 393 
THR HG1  H N N 394 
THR HG21 H N N 395 
THR HG22 H N N 396 
THR HG23 H N N 397 
THR HXT  H N N 398 
TOP C1   C Y N 399 
TOP N2   N Y N 400 
TOP C3   C Y N 401 
TOP N4   N N N 402 
TOP N5   N Y N 403 
TOP C6   C Y N 404 
TOP N7   N N N 405 
TOP C8   C Y N 406 
TOP C9   C N N 407 
TOP C10  C Y N 408 
TOP C11  C Y N 409 
TOP C12  C Y N 410 
TOP O13  O N N 411 
TOP C14  C N N 412 
TOP C15  C Y N 413 
TOP O16  O N N 414 
TOP C17  C N N 415 
TOP C18  C Y N 416 
TOP O19  O N N 417 
TOP C20  C N N 418 
TOP C21  C Y N 419 
TOP H1   H N N 420 
TOP HN41 H N N 421 
TOP HN42 H N N 422 
TOP HN71 H N N 423 
TOP HN72 H N N 424 
TOP H91  H N N 425 
TOP H92  H N N 426 
TOP H11  H N N 427 
TOP H141 H N N 428 
TOP H142 H N N 429 
TOP H143 H N N 430 
TOP H171 H N N 431 
TOP H172 H N N 432 
TOP H173 H N N 433 
TOP H201 H N N 434 
TOP H202 H N N 435 
TOP H203 H N N 436 
TOP H21  H N N 437 
TRP N    N N N 438 
TRP CA   C N S 439 
TRP C    C N N 440 
TRP O    O N N 441 
TRP CB   C N N 442 
TRP CG   C Y N 443 
TRP CD1  C Y N 444 
TRP CD2  C Y N 445 
TRP NE1  N Y N 446 
TRP CE2  C Y N 447 
TRP CE3  C Y N 448 
TRP CZ2  C Y N 449 
TRP CZ3  C Y N 450 
TRP CH2  C Y N 451 
TRP OXT  O N N 452 
TRP H    H N N 453 
TRP H2   H N N 454 
TRP HA   H N N 455 
TRP HB2  H N N 456 
TRP HB3  H N N 457 
TRP HD1  H N N 458 
TRP HE1  H N N 459 
TRP HE3  H N N 460 
TRP HZ2  H N N 461 
TRP HZ3  H N N 462 
TRP HH2  H N N 463 
TRP HXT  H N N 464 
TYR N    N N N 465 
TYR CA   C N S 466 
TYR C    C N N 467 
TYR O    O N N 468 
TYR CB   C N N 469 
TYR CG   C Y N 470 
TYR CD1  C Y N 471 
TYR CD2  C Y N 472 
TYR CE1  C Y N 473 
TYR CE2  C Y N 474 
TYR CZ   C Y N 475 
TYR OH   O N N 476 
TYR OXT  O N N 477 
TYR H    H N N 478 
TYR H2   H N N 479 
TYR HA   H N N 480 
TYR HB2  H N N 481 
TYR HB3  H N N 482 
TYR HD1  H N N 483 
TYR HD2  H N N 484 
TYR HE1  H N N 485 
TYR HE2  H N N 486 
TYR HH   H N N 487 
TYR HXT  H N N 488 
VAL N    N N N 489 
VAL CA   C N S 490 
VAL C    C N N 491 
VAL O    O N N 492 
VAL CB   C N N 493 
VAL CG1  C N N 494 
VAL CG2  C N N 495 
VAL OXT  O N N 496 
VAL H    H N N 497 
VAL H2   H N N 498 
VAL HA   H N N 499 
VAL HB   H N N 500 
VAL HG11 H N N 501 
VAL HG12 H N N 502 
VAL HG13 H N N 503 
VAL HG21 H N N 504 
VAL HG22 H N N 505 
VAL HG23 H N N 506 
VAL HXT  H N N 507 
# 
loop_
_chem_comp_bond.comp_id 
_chem_comp_bond.atom_id_1 
_chem_comp_bond.atom_id_2 
_chem_comp_bond.value_order 
_chem_comp_bond.pdbx_aromatic_flag 
_chem_comp_bond.pdbx_stereo_config 
_chem_comp_bond.pdbx_ordinal 
ALA N   CA   sing N N 1   
ALA N   H    sing N N 2   
ALA N   H2   sing N N 3   
ALA CA  C    sing N N 4   
ALA CA  CB   sing N N 5   
ALA CA  HA   sing N N 6   
ALA C   O    doub N N 7   
ALA C   OXT  sing N N 8   
ALA CB  HB1  sing N N 9   
ALA CB  HB2  sing N N 10  
ALA CB  HB3  sing N N 11  
ALA OXT HXT  sing N N 12  
ARG N   CA   sing N N 13  
ARG N   H    sing N N 14  
ARG N   H2   sing N N 15  
ARG CA  C    sing N N 16  
ARG CA  CB   sing N N 17  
ARG CA  HA   sing N N 18  
ARG C   O    doub N N 19  
ARG C   OXT  sing N N 20  
ARG CB  CG   sing N N 21  
ARG CB  HB2  sing N N 22  
ARG CB  HB3  sing N N 23  
ARG CG  CD   sing N N 24  
ARG CG  HG2  sing N N 25  
ARG CG  HG3  sing N N 26  
ARG CD  NE   sing N N 27  
ARG CD  HD2  sing N N 28  
ARG CD  HD3  sing N N 29  
ARG NE  CZ   sing N N 30  
ARG NE  HE   sing N N 31  
ARG CZ  NH1  sing N N 32  
ARG CZ  NH2  doub N N 33  
ARG NH1 HH11 sing N N 34  
ARG NH1 HH12 sing N N 35  
ARG NH2 HH21 sing N N 36  
ARG NH2 HH22 sing N N 37  
ARG OXT HXT  sing N N 38  
ASN N   CA   sing N N 39  
ASN N   H    sing N N 40  
ASN N   H2   sing N N 41  
ASN CA  C    sing N N 42  
ASN CA  CB   sing N N 43  
ASN CA  HA   sing N N 44  
ASN C   O    doub N N 45  
ASN C   OXT  sing N N 46  
ASN CB  CG   sing N N 47  
ASN CB  HB2  sing N N 48  
ASN CB  HB3  sing N N 49  
ASN CG  OD1  doub N N 50  
ASN CG  ND2  sing N N 51  
ASN ND2 HD21 sing N N 52  
ASN ND2 HD22 sing N N 53  
ASN OXT HXT  sing N N 54  
ASP N   CA   sing N N 55  
ASP N   H    sing N N 56  
ASP N   H2   sing N N 57  
ASP CA  C    sing N N 58  
ASP CA  CB   sing N N 59  
ASP CA  HA   sing N N 60  
ASP C   O    doub N N 61  
ASP C   OXT  sing N N 62  
ASP CB  CG   sing N N 63  
ASP CB  HB2  sing N N 64  
ASP CB  HB3  sing N N 65  
ASP CG  OD1  doub N N 66  
ASP CG  OD2  sing N N 67  
ASP OD2 HD2  sing N N 68  
ASP OXT HXT  sing N N 69  
CYS N   CA   sing N N 70  
CYS N   H    sing N N 71  
CYS N   H2   sing N N 72  
CYS CA  C    sing N N 73  
CYS CA  CB   sing N N 74  
CYS CA  HA   sing N N 75  
CYS C   O    doub N N 76  
CYS C   OXT  sing N N 77  
CYS CB  SG   sing N N 78  
CYS CB  HB2  sing N N 79  
CYS CB  HB3  sing N N 80  
CYS SG  HG   sing N N 81  
CYS OXT HXT  sing N N 82  
GLN N   CA   sing N N 83  
GLN N   H    sing N N 84  
GLN N   H2   sing N N 85  
GLN CA  C    sing N N 86  
GLN CA  CB   sing N N 87  
GLN CA  HA   sing N N 88  
GLN C   O    doub N N 89  
GLN C   OXT  sing N N 90  
GLN CB  CG   sing N N 91  
GLN CB  HB2  sing N N 92  
GLN CB  HB3  sing N N 93  
GLN CG  CD   sing N N 94  
GLN CG  HG2  sing N N 95  
GLN CG  HG3  sing N N 96  
GLN CD  OE1  doub N N 97  
GLN CD  NE2  sing N N 98  
GLN NE2 HE21 sing N N 99  
GLN NE2 HE22 sing N N 100 
GLN OXT HXT  sing N N 101 
GLU N   CA   sing N N 102 
GLU N   H    sing N N 103 
GLU N   H2   sing N N 104 
GLU CA  C    sing N N 105 
GLU CA  CB   sing N N 106 
GLU CA  HA   sing N N 107 
GLU C   O    doub N N 108 
GLU C   OXT  sing N N 109 
GLU CB  CG   sing N N 110 
GLU CB  HB2  sing N N 111 
GLU CB  HB3  sing N N 112 
GLU CG  CD   sing N N 113 
GLU CG  HG2  sing N N 114 
GLU CG  HG3  sing N N 115 
GLU CD  OE1  doub N N 116 
GLU CD  OE2  sing N N 117 
GLU OE2 HE2  sing N N 118 
GLU OXT HXT  sing N N 119 
GLY N   CA   sing N N 120 
GLY N   H    sing N N 121 
GLY N   H2   sing N N 122 
GLY CA  C    sing N N 123 
GLY CA  HA2  sing N N 124 
GLY CA  HA3  sing N N 125 
GLY C   O    doub N N 126 
GLY C   OXT  sing N N 127 
GLY OXT HXT  sing N N 128 
HIS N   CA   sing N N 129 
HIS N   H    sing N N 130 
HIS N   H2   sing N N 131 
HIS CA  C    sing N N 132 
HIS CA  CB   sing N N 133 
HIS CA  HA   sing N N 134 
HIS C   O    doub N N 135 
HIS C   OXT  sing N N 136 
HIS CB  CG   sing N N 137 
HIS CB  HB2  sing N N 138 
HIS CB  HB3  sing N N 139 
HIS CG  ND1  sing Y N 140 
HIS CG  CD2  doub Y N 141 
HIS ND1 CE1  doub Y N 142 
HIS ND1 HD1  sing N N 143 
HIS CD2 NE2  sing Y N 144 
HIS CD2 HD2  sing N N 145 
HIS CE1 NE2  sing Y N 146 
HIS CE1 HE1  sing N N 147 
HIS NE2 HE2  sing N N 148 
HIS OXT HXT  sing N N 149 
HOH O   H1   sing N N 150 
HOH O   H2   sing N N 151 
ILE N   CA   sing N N 152 
ILE N   H    sing N N 153 
ILE N   H2   sing N N 154 
ILE CA  C    sing N N 155 
ILE CA  CB   sing N N 156 
ILE CA  HA   sing N N 157 
ILE C   O    doub N N 158 
ILE C   OXT  sing N N 159 
ILE CB  CG1  sing N N 160 
ILE CB  CG2  sing N N 161 
ILE CB  HB   sing N N 162 
ILE CG1 CD1  sing N N 163 
ILE CG1 HG12 sing N N 164 
ILE CG1 HG13 sing N N 165 
ILE CG2 HG21 sing N N 166 
ILE CG2 HG22 sing N N 167 
ILE CG2 HG23 sing N N 168 
ILE CD1 HD11 sing N N 169 
ILE CD1 HD12 sing N N 170 
ILE CD1 HD13 sing N N 171 
ILE OXT HXT  sing N N 172 
LEU N   CA   sing N N 173 
LEU N   H    sing N N 174 
LEU N   H2   sing N N 175 
LEU CA  C    sing N N 176 
LEU CA  CB   sing N N 177 
LEU CA  HA   sing N N 178 
LEU C   O    doub N N 179 
LEU C   OXT  sing N N 180 
LEU CB  CG   sing N N 181 
LEU CB  HB2  sing N N 182 
LEU CB  HB3  sing N N 183 
LEU CG  CD1  sing N N 184 
LEU CG  CD2  sing N N 185 
LEU CG  HG   sing N N 186 
LEU CD1 HD11 sing N N 187 
LEU CD1 HD12 sing N N 188 
LEU CD1 HD13 sing N N 189 
LEU CD2 HD21 sing N N 190 
LEU CD2 HD22 sing N N 191 
LEU CD2 HD23 sing N N 192 
LEU OXT HXT  sing N N 193 
LYS N   CA   sing N N 194 
LYS N   H    sing N N 195 
LYS N   H2   sing N N 196 
LYS CA  C    sing N N 197 
LYS CA  CB   sing N N 198 
LYS CA  HA   sing N N 199 
LYS C   O    doub N N 200 
LYS C   OXT  sing N N 201 
LYS CB  CG   sing N N 202 
LYS CB  HB2  sing N N 203 
LYS CB  HB3  sing N N 204 
LYS CG  CD   sing N N 205 
LYS CG  HG2  sing N N 206 
LYS CG  HG3  sing N N 207 
LYS CD  CE   sing N N 208 
LYS CD  HD2  sing N N 209 
LYS CD  HD3  sing N N 210 
LYS CE  NZ   sing N N 211 
LYS CE  HE2  sing N N 212 
LYS CE  HE3  sing N N 213 
LYS NZ  HZ1  sing N N 214 
LYS NZ  HZ2  sing N N 215 
LYS NZ  HZ3  sing N N 216 
LYS OXT HXT  sing N N 217 
MET N   CA   sing N N 218 
MET N   H    sing N N 219 
MET N   H2   sing N N 220 
MET CA  C    sing N N 221 
MET CA  CB   sing N N 222 
MET CA  HA   sing N N 223 
MET C   O    doub N N 224 
MET C   OXT  sing N N 225 
MET CB  CG   sing N N 226 
MET CB  HB2  sing N N 227 
MET CB  HB3  sing N N 228 
MET CG  SD   sing N N 229 
MET CG  HG2  sing N N 230 
MET CG  HG3  sing N N 231 
MET SD  CE   sing N N 232 
MET CE  HE1  sing N N 233 
MET CE  HE2  sing N N 234 
MET CE  HE3  sing N N 235 
MET OXT HXT  sing N N 236 
NDP PA  O1A  doub N N 237 
NDP PA  O2A  sing N N 238 
NDP PA  O5B  sing N N 239 
NDP PA  O3   sing N N 240 
NDP O2A HOA2 sing N N 241 
NDP O5B C5B  sing N N 242 
NDP C5B C4B  sing N N 243 
NDP C5B H51A sing N N 244 
NDP C5B H52A sing N N 245 
NDP C4B O4B  sing N N 246 
NDP C4B C3B  sing N N 247 
NDP C4B H4B  sing N N 248 
NDP O4B C1B  sing N N 249 
NDP C3B O3B  sing N N 250 
NDP C3B C2B  sing N N 251 
NDP C3B H3B  sing N N 252 
NDP O3B HO3A sing N N 253 
NDP C2B O2B  sing N N 254 
NDP C2B C1B  sing N N 255 
NDP C2B H2B  sing N N 256 
NDP O2B P2B  sing N N 257 
NDP C1B N9A  sing N N 258 
NDP C1B H1B  sing N N 259 
NDP N9A C8A  sing Y N 260 
NDP N9A C4A  sing Y N 261 
NDP C8A N7A  doub Y N 262 
NDP C8A H8A  sing N N 263 
NDP N7A C5A  sing Y N 264 
NDP C5A C6A  sing Y N 265 
NDP C5A C4A  doub Y N 266 
NDP C6A N6A  sing N N 267 
NDP C6A N1A  doub Y N 268 
NDP N6A H61A sing N N 269 
NDP N6A H62A sing N N 270 
NDP N1A C2A  sing Y N 271 
NDP C2A N3A  doub Y N 272 
NDP C2A H2A  sing N N 273 
NDP N3A C4A  sing Y N 274 
NDP O3  PN   sing N N 275 
NDP PN  O1N  doub N N 276 
NDP PN  O2N  sing N N 277 
NDP PN  O5D  sing N N 278 
NDP O2N H21N sing N N 279 
NDP O5D C5D  sing N N 280 
NDP C5D C4D  sing N N 281 
NDP C5D H51N sing N N 282 
NDP C5D H52N sing N N 283 
NDP C4D O4D  sing N N 284 
NDP C4D C3D  sing N N 285 
NDP C4D H4D  sing N N 286 
NDP O4D C1D  sing N N 287 
NDP C3D O3D  sing N N 288 
NDP C3D C2D  sing N N 289 
NDP C3D H3D  sing N N 290 
NDP O3D HO3N sing N N 291 
NDP C2D O2D  sing N N 292 
NDP C2D C1D  sing N N 293 
NDP C2D H2D  sing N N 294 
NDP O2D HO2N sing N N 295 
NDP C1D N1N  sing N N 296 
NDP C1D H1D  sing N N 297 
NDP N1N C2N  sing N N 298 
NDP N1N C6N  sing N N 299 
NDP C2N C3N  doub N N 300 
NDP C2N H2N  sing N N 301 
NDP C3N C7N  sing N N 302 
NDP C3N C4N  sing N N 303 
NDP C7N O7N  doub N N 304 
NDP C7N N7N  sing N N 305 
NDP N7N H71N sing N N 306 
NDP N7N H72N sing N N 307 
NDP C4N C5N  sing N N 308 
NDP C4N H41N sing N N 309 
NDP C4N H42N sing N N 310 
NDP C5N C6N  doub N N 311 
NDP C5N H5N  sing N N 312 
NDP C6N H6N  sing N N 313 
NDP P2B O1X  doub N N 314 
NDP P2B O2X  sing N N 315 
NDP P2B O3X  sing N N 316 
NDP O2X HOP2 sing N N 317 
NDP O3X HOP3 sing N N 318 
PHE N   CA   sing N N 319 
PHE N   H    sing N N 320 
PHE N   H2   sing N N 321 
PHE CA  C    sing N N 322 
PHE CA  CB   sing N N 323 
PHE CA  HA   sing N N 324 
PHE C   O    doub N N 325 
PHE C   OXT  sing N N 326 
PHE CB  CG   sing N N 327 
PHE CB  HB2  sing N N 328 
PHE CB  HB3  sing N N 329 
PHE CG  CD1  doub Y N 330 
PHE CG  CD2  sing Y N 331 
PHE CD1 CE1  sing Y N 332 
PHE CD1 HD1  sing N N 333 
PHE CD2 CE2  doub Y N 334 
PHE CD2 HD2  sing N N 335 
PHE CE1 CZ   doub Y N 336 
PHE CE1 HE1  sing N N 337 
PHE CE2 CZ   sing Y N 338 
PHE CE2 HE2  sing N N 339 
PHE CZ  HZ   sing N N 340 
PHE OXT HXT  sing N N 341 
PRO N   CA   sing N N 342 
PRO N   CD   sing N N 343 
PRO N   H    sing N N 344 
PRO CA  C    sing N N 345 
PRO CA  CB   sing N N 346 
PRO CA  HA   sing N N 347 
PRO C   O    doub N N 348 
PRO C   OXT  sing N N 349 
PRO CB  CG   sing N N 350 
PRO CB  HB2  sing N N 351 
PRO CB  HB3  sing N N 352 
PRO CG  CD   sing N N 353 
PRO CG  HG2  sing N N 354 
PRO CG  HG3  sing N N 355 
PRO CD  HD2  sing N N 356 
PRO CD  HD3  sing N N 357 
PRO OXT HXT  sing N N 358 
SER N   CA   sing N N 359 
SER N   H    sing N N 360 
SER N   H2   sing N N 361 
SER CA  C    sing N N 362 
SER CA  CB   sing N N 363 
SER CA  HA   sing N N 364 
SER C   O    doub N N 365 
SER C   OXT  sing N N 366 
SER CB  OG   sing N N 367 
SER CB  HB2  sing N N 368 
SER CB  HB3  sing N N 369 
SER OG  HG   sing N N 370 
SER OXT HXT  sing N N 371 
THR N   CA   sing N N 372 
THR N   H    sing N N 373 
THR N   H2   sing N N 374 
THR CA  C    sing N N 375 
THR CA  CB   sing N N 376 
THR CA  HA   sing N N 377 
THR C   O    doub N N 378 
THR C   OXT  sing N N 379 
THR CB  OG1  sing N N 380 
THR CB  CG2  sing N N 381 
THR CB  HB   sing N N 382 
THR OG1 HG1  sing N N 383 
THR CG2 HG21 sing N N 384 
THR CG2 HG22 sing N N 385 
THR CG2 HG23 sing N N 386 
THR OXT HXT  sing N N 387 
TOP C1  N2   doub Y N 388 
TOP C1  C8   sing Y N 389 
TOP C1  H1   sing N N 390 
TOP N2  C3   sing Y N 391 
TOP C3  N4   sing N N 392 
TOP C3  N5   doub Y N 393 
TOP N4  HN41 sing N N 394 
TOP N4  HN42 sing N N 395 
TOP N5  C6   sing Y N 396 
TOP C6  N7   sing N N 397 
TOP C6  C8   doub Y N 398 
TOP N7  HN71 sing N N 399 
TOP N7  HN72 sing N N 400 
TOP C8  C9   sing N N 401 
TOP C9  C10  sing N N 402 
TOP C9  H91  sing N N 403 
TOP C9  H92  sing N N 404 
TOP C10 C11  doub Y N 405 
TOP C10 C21  sing Y N 406 
TOP C11 C12  sing Y N 407 
TOP C11 H11  sing N N 408 
TOP C12 O13  sing N N 409 
TOP C12 C15  doub Y N 410 
TOP O13 C14  sing N N 411 
TOP C14 H141 sing N N 412 
TOP C14 H142 sing N N 413 
TOP C14 H143 sing N N 414 
TOP C15 O16  sing N N 415 
TOP C15 C18  sing Y N 416 
TOP O16 C17  sing N N 417 
TOP C17 H171 sing N N 418 
TOP C17 H172 sing N N 419 
TOP C17 H173 sing N N 420 
TOP C18 O19  sing N N 421 
TOP C18 C21  doub Y N 422 
TOP O19 C20  sing N N 423 
TOP C20 H201 sing N N 424 
TOP C20 H202 sing N N 425 
TOP C20 H203 sing N N 426 
TOP C21 H21  sing N N 427 
TRP N   CA   sing N N 428 
TRP N   H    sing N N 429 
TRP N   H2   sing N N 430 
TRP CA  C    sing N N 431 
TRP CA  CB   sing N N 432 
TRP CA  HA   sing N N 433 
TRP C   O    doub N N 434 
TRP C   OXT  sing N N 435 
TRP CB  CG   sing N N 436 
TRP CB  HB2  sing N N 437 
TRP CB  HB3  sing N N 438 
TRP CG  CD1  doub Y N 439 
TRP CG  CD2  sing Y N 440 
TRP CD1 NE1  sing Y N 441 
TRP CD1 HD1  sing N N 442 
TRP CD2 CE2  doub Y N 443 
TRP CD2 CE3  sing Y N 444 
TRP NE1 CE2  sing Y N 445 
TRP NE1 HE1  sing N N 446 
TRP CE2 CZ2  sing Y N 447 
TRP CE3 CZ3  doub Y N 448 
TRP CE3 HE3  sing N N 449 
TRP CZ2 CH2  doub Y N 450 
TRP CZ2 HZ2  sing N N 451 
TRP CZ3 CH2  sing Y N 452 
TRP CZ3 HZ3  sing N N 453 
TRP CH2 HH2  sing N N 454 
TRP OXT HXT  sing N N 455 
TYR N   CA   sing N N 456 
TYR N   H    sing N N 457 
TYR N   H2   sing N N 458 
TYR CA  C    sing N N 459 
TYR CA  CB   sing N N 460 
TYR CA  HA   sing N N 461 
TYR C   O    doub N N 462 
TYR C   OXT  sing N N 463 
TYR CB  CG   sing N N 464 
TYR CB  HB2  sing N N 465 
TYR CB  HB3  sing N N 466 
TYR CG  CD1  doub Y N 467 
TYR CG  CD2  sing Y N 468 
TYR CD1 CE1  sing Y N 469 
TYR CD1 HD1  sing N N 470 
TYR CD2 CE2  doub Y N 471 
TYR CD2 HD2  sing N N 472 
TYR CE1 CZ   doub Y N 473 
TYR CE1 HE1  sing N N 474 
TYR CE2 CZ   sing Y N 475 
TYR CE2 HE2  sing N N 476 
TYR CZ  OH   sing N N 477 
TYR OH  HH   sing N N 478 
TYR OXT HXT  sing N N 479 
VAL N   CA   sing N N 480 
VAL N   H    sing N N 481 
VAL N   H2   sing N N 482 
VAL CA  C    sing N N 483 
VAL CA  CB   sing N N 484 
VAL CA  HA   sing N N 485 
VAL C   O    doub N N 486 
VAL C   OXT  sing N N 487 
VAL CB  CG1  sing N N 488 
VAL CB  CG2  sing N N 489 
VAL CB  HB   sing N N 490 
VAL CG1 HG11 sing N N 491 
VAL CG1 HG12 sing N N 492 
VAL CG1 HG13 sing N N 493 
VAL CG2 HG21 sing N N 494 
VAL CG2 HG22 sing N N 495 
VAL CG2 HG23 sing N N 496 
VAL OXT HXT  sing N N 497 
# 
loop_
_pdbx_entity_nonpoly.entity_id 
_pdbx_entity_nonpoly.name 
_pdbx_entity_nonpoly.comp_id 
2 'NADPH DIHYDRO-NICOTINAMIDE-ADENINE-DINUCLEOTIDE PHOSPHATE' NDP 
3 TRIMETHOPRIM                                                TOP 
4 water                                                       HOH 
# 
_pdbx_initial_refinement_model.id               1 
_pdbx_initial_refinement_model.entity_id_list   ? 
_pdbx_initial_refinement_model.type             'experimental model' 
_pdbx_initial_refinement_model.source_name      PDB 
_pdbx_initial_refinement_model.accession_code   1RX1 
_pdbx_initial_refinement_model.details          'PDB ENTRY 1RX1' 
# 
